data_2A9I
# 
_entry.id   2A9I 
# 
_audit_conform.dict_name       mmcif_pdbx.dic 
_audit_conform.dict_version    5.387 
_audit_conform.dict_location   http://mmcif.pdb.org/dictionaries/ascii/mmcif_pdbx.dic 
# 
loop_
_database_2.database_id 
_database_2.database_code 
_database_2.pdbx_database_accession 
_database_2.pdbx_DOI 
PDB   2A9I         pdb_00002a9i 10.2210/pdb2a9i/pdb 
RCSB  RCSB033654   ?            ?                   
WWPDB D_1000033654 ?            ?                   
# 
loop_
_pdbx_audit_revision_history.ordinal 
_pdbx_audit_revision_history.data_content_type 
_pdbx_audit_revision_history.major_revision 
_pdbx_audit_revision_history.minor_revision 
_pdbx_audit_revision_history.revision_date 
1 'Structure model' 1 0 2005-10-11 
2 'Structure model' 1 1 2008-04-30 
3 'Structure model' 1 2 2011-07-13 
4 'Structure model' 1 3 2024-02-14 
# 
_pdbx_audit_revision_details.ordinal             1 
_pdbx_audit_revision_details.revision_ordinal    1 
_pdbx_audit_revision_details.data_content_type   'Structure model' 
_pdbx_audit_revision_details.provider            repository 
_pdbx_audit_revision_details.type                'Initial release' 
_pdbx_audit_revision_details.description         ? 
_pdbx_audit_revision_details.details             ? 
# 
loop_
_pdbx_audit_revision_group.ordinal 
_pdbx_audit_revision_group.revision_ordinal 
_pdbx_audit_revision_group.data_content_type 
_pdbx_audit_revision_group.group 
1 2 'Structure model' 'Version format compliance' 
2 3 'Structure model' 'Version format compliance' 
3 4 'Structure model' 'Data collection'           
4 4 'Structure model' 'Database references'       
5 4 'Structure model' 'Derived calculations'      
# 
loop_
_pdbx_audit_revision_category.ordinal 
_pdbx_audit_revision_category.revision_ordinal 
_pdbx_audit_revision_category.data_content_type 
_pdbx_audit_revision_category.category 
1 4 'Structure model' chem_comp_atom     
2 4 'Structure model' chem_comp_bond     
3 4 'Structure model' database_2         
4 4 'Structure model' struct_conn        
5 4 'Structure model' struct_ref_seq_dif 
6 4 'Structure model' struct_site        
# 
loop_
_pdbx_audit_revision_item.ordinal 
_pdbx_audit_revision_item.revision_ordinal 
_pdbx_audit_revision_item.data_content_type 
_pdbx_audit_revision_item.item 
1  4 'Structure model' '_database_2.pdbx_DOI'                
2  4 'Structure model' '_database_2.pdbx_database_accession' 
3  4 'Structure model' '_struct_conn.ptnr1_auth_comp_id'     
4  4 'Structure model' '_struct_conn.ptnr1_auth_seq_id'      
5  4 'Structure model' '_struct_conn.ptnr1_label_asym_id'    
6  4 'Structure model' '_struct_conn.ptnr1_label_atom_id'    
7  4 'Structure model' '_struct_conn.ptnr1_label_comp_id'    
8  4 'Structure model' '_struct_conn.ptnr1_label_seq_id'     
9  4 'Structure model' '_struct_conn.ptnr2_auth_comp_id'     
10 4 'Structure model' '_struct_conn.ptnr2_auth_seq_id'      
11 4 'Structure model' '_struct_conn.ptnr2_label_asym_id'    
12 4 'Structure model' '_struct_conn.ptnr2_label_atom_id'    
13 4 'Structure model' '_struct_conn.ptnr2_label_comp_id'    
14 4 'Structure model' '_struct_conn.ptnr2_label_seq_id'     
15 4 'Structure model' '_struct_ref_seq_dif.details'         
16 4 'Structure model' '_struct_site.pdbx_auth_asym_id'      
17 4 'Structure model' '_struct_site.pdbx_auth_comp_id'      
18 4 'Structure model' '_struct_site.pdbx_auth_seq_id'       
# 
_pdbx_database_status.status_code                     REL 
_pdbx_database_status.entry_id                        2A9I 
_pdbx_database_status.recvd_initial_deposition_date   2005-07-11 
_pdbx_database_status.deposit_site                    RCSB 
_pdbx_database_status.process_site                    RCSB 
_pdbx_database_status.status_code_sf                  REL 
_pdbx_database_status.status_code_mr                  ? 
_pdbx_database_status.SG_entry                        ? 
_pdbx_database_status.pdb_format_compatible           Y 
_pdbx_database_status.status_code_cs                  ? 
_pdbx_database_status.status_code_nmr_data            ? 
_pdbx_database_status.methods_development_category    ? 
# 
loop_
_audit_author.name 
_audit_author.pdbx_ordinal 
'Lasker, M.V.' 1 
'Gajjar, M.M.' 2 
'Nair, S.K.'   3 
# 
_citation.id                        primary 
_citation.title                     
'Cutting Edge: Molecular Structure of the IL-1R-Associated Kinase-4 Death Domain and Its Implications for TLR Signaling.' 
_citation.journal_abbrev            J.Immunol. 
_citation.journal_volume            175 
_citation.page_first                4175 
_citation.page_last                 4179 
_citation.year                      2005 
_citation.journal_id_ASTM           JOIMA3 
_citation.country                   US 
_citation.journal_id_ISSN           0022-1767 
_citation.journal_id_CSD            0952 
_citation.book_publisher            ? 
_citation.pdbx_database_id_PubMed   16177054 
_citation.pdbx_database_id_DOI      ? 
# 
loop_
_citation_author.citation_id 
_citation_author.name 
_citation_author.ordinal 
_citation_author.identifier_ORCID 
primary 'Lasker, M.V.' 1 ? 
primary 'Gajjar, M.M.' 2 ? 
primary 'Nair, S.K.'   3 ? 
# 
loop_
_entity.id 
_entity.type 
_entity.src_method 
_entity.pdbx_description 
_entity.formula_weight 
_entity.pdbx_number_of_molecules 
_entity.pdbx_ec 
_entity.pdbx_mutation 
_entity.pdbx_fragment 
_entity.details 
1 polymer     man 'Interleukin-1 receptor-associated kinase-4' 12664.657 1   2.7.1.37 ? 'Death Domain' ? 
2 non-polymer syn 'MANGANESE (II) ION'                         54.938    1   ?        ? ?              ? 
3 water       nat water                                        18.015    145 ?        ? ?              ? 
# 
_entity_name_com.entity_id   1 
_entity_name_com.name        IRAK-4 
# 
_entity_poly.entity_id                      1 
_entity_poly.type                           'polypeptide(L)' 
_entity_poly.nstd_linkage                   no 
_entity_poly.nstd_monomer                   no 
_entity_poly.pdbx_seq_one_letter_code       
;MNKPLTPSTYIRNLNVGILRKLSDFIDPQEGWKKLAVAIKKPSGDDRYNQFHIRRFEALLQTGLSPTCELLFDWGTTNCT
VGDLVDLLVQIELFAPATLLLPDAVPQTVKSLP
;
_entity_poly.pdbx_seq_one_letter_code_can   
;MNKPLTPSTYIRNLNVGILRKLSDFIDPQEGWKKLAVAIKKPSGDDRYNQFHIRRFEALLQTGLSPTCELLFDWGTTNCT
VGDLVDLLVQIELFAPATLLLPDAVPQTVKSLP
;
_entity_poly.pdbx_strand_id                 A 
_entity_poly.pdbx_target_identifier         ? 
# 
loop_
_pdbx_entity_nonpoly.entity_id 
_pdbx_entity_nonpoly.name 
_pdbx_entity_nonpoly.comp_id 
2 'MANGANESE (II) ION' MN  
3 water                HOH 
# 
loop_
_entity_poly_seq.entity_id 
_entity_poly_seq.num 
_entity_poly_seq.mon_id 
_entity_poly_seq.hetero 
1 1   MET n 
1 2   ASN n 
1 3   LYS n 
1 4   PRO n 
1 5   LEU n 
1 6   THR n 
1 7   PRO n 
1 8   SER n 
1 9   THR n 
1 10  TYR n 
1 11  ILE n 
1 12  ARG n 
1 13  ASN n 
1 14  LEU n 
1 15  ASN n 
1 16  VAL n 
1 17  GLY n 
1 18  ILE n 
1 19  LEU n 
1 20  ARG n 
1 21  LYS n 
1 22  LEU n 
1 23  SER n 
1 24  ASP n 
1 25  PHE n 
1 26  ILE n 
1 27  ASP n 
1 28  PRO n 
1 29  GLN n 
1 30  GLU n 
1 31  GLY n 
1 32  TRP n 
1 33  LYS n 
1 34  LYS n 
1 35  LEU n 
1 36  ALA n 
1 37  VAL n 
1 38  ALA n 
1 39  ILE n 
1 40  LYS n 
1 41  LYS n 
1 42  PRO n 
1 43  SER n 
1 44  GLY n 
1 45  ASP n 
1 46  ASP n 
1 47  ARG n 
1 48  TYR n 
1 49  ASN n 
1 50  GLN n 
1 51  PHE n 
1 52  HIS n 
1 53  ILE n 
1 54  ARG n 
1 55  ARG n 
1 56  PHE n 
1 57  GLU n 
1 58  ALA n 
1 59  LEU n 
1 60  LEU n 
1 61  GLN n 
1 62  THR n 
1 63  GLY n 
1 64  LEU n 
1 65  SER n 
1 66  PRO n 
1 67  THR n 
1 68  CYS n 
1 69  GLU n 
1 70  LEU n 
1 71  LEU n 
1 72  PHE n 
1 73  ASP n 
1 74  TRP n 
1 75  GLY n 
1 76  THR n 
1 77  THR n 
1 78  ASN n 
1 79  CYS n 
1 80  THR n 
1 81  VAL n 
1 82  GLY n 
1 83  ASP n 
1 84  LEU n 
1 85  VAL n 
1 86  ASP n 
1 87  LEU n 
1 88  LEU n 
1 89  VAL n 
1 90  GLN n 
1 91  ILE n 
1 92  GLU n 
1 93  LEU n 
1 94  PHE n 
1 95  ALA n 
1 96  PRO n 
1 97  ALA n 
1 98  THR n 
1 99  LEU n 
1 100 LEU n 
1 101 LEU n 
1 102 PRO n 
1 103 ASP n 
1 104 ALA n 
1 105 VAL n 
1 106 PRO n 
1 107 GLN n 
1 108 THR n 
1 109 VAL n 
1 110 LYS n 
1 111 SER n 
1 112 LEU n 
1 113 PRO n 
# 
_entity_src_gen.entity_id                          1 
_entity_src_gen.pdbx_src_id                        1 
_entity_src_gen.pdbx_alt_source_flag               sample 
_entity_src_gen.pdbx_seq_type                      ? 
_entity_src_gen.pdbx_beg_seq_num                   ? 
_entity_src_gen.pdbx_end_seq_num                   ? 
_entity_src_gen.gene_src_common_name               'house mouse' 
_entity_src_gen.gene_src_genus                     Mus 
_entity_src_gen.pdbx_gene_src_gene                 Irak4 
_entity_src_gen.gene_src_species                   ? 
_entity_src_gen.gene_src_strain                    ? 
_entity_src_gen.gene_src_tissue                    ? 
_entity_src_gen.gene_src_tissue_fraction           ? 
_entity_src_gen.gene_src_details                   ? 
_entity_src_gen.pdbx_gene_src_fragment             ? 
_entity_src_gen.pdbx_gene_src_scientific_name      'Mus musculus' 
_entity_src_gen.pdbx_gene_src_ncbi_taxonomy_id     10090 
_entity_src_gen.pdbx_gene_src_variant              ? 
_entity_src_gen.pdbx_gene_src_cell_line            ? 
_entity_src_gen.pdbx_gene_src_atcc                 ? 
_entity_src_gen.pdbx_gene_src_organ                ? 
_entity_src_gen.pdbx_gene_src_organelle            ? 
_entity_src_gen.pdbx_gene_src_cell                 ? 
_entity_src_gen.pdbx_gene_src_cellular_location    ? 
_entity_src_gen.host_org_common_name               ? 
_entity_src_gen.pdbx_host_org_scientific_name      'Escherichia coli BL21(DE3)' 
_entity_src_gen.pdbx_host_org_ncbi_taxonomy_id     469008 
_entity_src_gen.host_org_genus                     Escherichia 
_entity_src_gen.pdbx_host_org_gene                 ? 
_entity_src_gen.pdbx_host_org_organ                ? 
_entity_src_gen.host_org_species                   'Escherichia coli' 
_entity_src_gen.pdbx_host_org_tissue               ? 
_entity_src_gen.pdbx_host_org_tissue_fraction      ? 
_entity_src_gen.pdbx_host_org_strain               BL21DE3 
_entity_src_gen.pdbx_host_org_variant              ? 
_entity_src_gen.pdbx_host_org_cell_line            ? 
_entity_src_gen.pdbx_host_org_atcc                 ? 
_entity_src_gen.pdbx_host_org_culture_collection   ? 
_entity_src_gen.pdbx_host_org_cell                 ? 
_entity_src_gen.pdbx_host_org_organelle            ? 
_entity_src_gen.pdbx_host_org_cellular_location    ? 
_entity_src_gen.pdbx_host_org_vector_type          plasmid 
_entity_src_gen.pdbx_host_org_vector               ? 
_entity_src_gen.host_org_details                   ? 
_entity_src_gen.expression_system_id               ? 
_entity_src_gen.plasmid_name                       pGEX6p1 
_entity_src_gen.plasmid_details                    ? 
_entity_src_gen.pdbx_description                   ? 
# 
loop_
_chem_comp.id 
_chem_comp.type 
_chem_comp.mon_nstd_flag 
_chem_comp.name 
_chem_comp.pdbx_synonyms 
_chem_comp.formula 
_chem_comp.formula_weight 
ALA 'L-peptide linking' y ALANINE              ? 'C3 H7 N O2'     89.093  
ARG 'L-peptide linking' y ARGININE             ? 'C6 H15 N4 O2 1' 175.209 
ASN 'L-peptide linking' y ASPARAGINE           ? 'C4 H8 N2 O3'    132.118 
ASP 'L-peptide linking' y 'ASPARTIC ACID'      ? 'C4 H7 N O4'     133.103 
CYS 'L-peptide linking' y CYSTEINE             ? 'C3 H7 N O2 S'   121.158 
GLN 'L-peptide linking' y GLUTAMINE            ? 'C5 H10 N2 O3'   146.144 
GLU 'L-peptide linking' y 'GLUTAMIC ACID'      ? 'C5 H9 N O4'     147.129 
GLY 'peptide linking'   y GLYCINE              ? 'C2 H5 N O2'     75.067  
HIS 'L-peptide linking' y HISTIDINE            ? 'C6 H10 N3 O2 1' 156.162 
HOH non-polymer         . WATER                ? 'H2 O'           18.015  
ILE 'L-peptide linking' y ISOLEUCINE           ? 'C6 H13 N O2'    131.173 
LEU 'L-peptide linking' y LEUCINE              ? 'C6 H13 N O2'    131.173 
LYS 'L-peptide linking' y LYSINE               ? 'C6 H15 N2 O2 1' 147.195 
MET 'L-peptide linking' y METHIONINE           ? 'C5 H11 N O2 S'  149.211 
MN  non-polymer         . 'MANGANESE (II) ION' ? 'Mn 2'           54.938  
PHE 'L-peptide linking' y PHENYLALANINE        ? 'C9 H11 N O2'    165.189 
PRO 'L-peptide linking' y PROLINE              ? 'C5 H9 N O2'     115.130 
SER 'L-peptide linking' y SERINE               ? 'C3 H7 N O3'     105.093 
THR 'L-peptide linking' y THREONINE            ? 'C4 H9 N O3'     119.119 
TRP 'L-peptide linking' y TRYPTOPHAN           ? 'C11 H12 N2 O2'  204.225 
TYR 'L-peptide linking' y TYROSINE             ? 'C9 H11 N O3'    181.189 
VAL 'L-peptide linking' y VALINE               ? 'C5 H11 N O2'    117.146 
# 
loop_
_pdbx_poly_seq_scheme.asym_id 
_pdbx_poly_seq_scheme.entity_id 
_pdbx_poly_seq_scheme.seq_id 
_pdbx_poly_seq_scheme.mon_id 
_pdbx_poly_seq_scheme.ndb_seq_num 
_pdbx_poly_seq_scheme.pdb_seq_num 
_pdbx_poly_seq_scheme.auth_seq_num 
_pdbx_poly_seq_scheme.pdb_mon_id 
_pdbx_poly_seq_scheme.auth_mon_id 
_pdbx_poly_seq_scheme.pdb_strand_id 
_pdbx_poly_seq_scheme.pdb_ins_code 
_pdbx_poly_seq_scheme.hetero 
A 1 1   MET 1   1   ?   ?   ?   A . n 
A 1 2   ASN 2   2   ?   ?   ?   A . n 
A 1 3   LYS 3   3   3   LYS LYS A . n 
A 1 4   PRO 4   4   4   PRO PRO A . n 
A 1 5   LEU 5   5   5   LEU LEU A . n 
A 1 6   THR 6   6   6   THR THR A . n 
A 1 7   PRO 7   7   7   PRO PRO A . n 
A 1 8   SER 8   8   8   SER SER A . n 
A 1 9   THR 9   9   9   THR THR A . n 
A 1 10  TYR 10  10  10  TYR TYR A . n 
A 1 11  ILE 11  11  11  ILE ILE A . n 
A 1 12  ARG 12  12  12  ARG ARG A . n 
A 1 13  ASN 13  13  13  ASN ASN A . n 
A 1 14  LEU 14  14  14  LEU LEU A . n 
A 1 15  ASN 15  15  15  ASN ASN A . n 
A 1 16  VAL 16  16  16  VAL VAL A . n 
A 1 17  GLY 17  17  17  GLY GLY A . n 
A 1 18  ILE 18  18  18  ILE ILE A . n 
A 1 19  LEU 19  19  19  LEU LEU A . n 
A 1 20  ARG 20  20  20  ARG ARG A . n 
A 1 21  LYS 21  21  21  LYS LYS A . n 
A 1 22  LEU 22  22  22  LEU LEU A . n 
A 1 23  SER 23  23  23  SER SER A . n 
A 1 24  ASP 24  24  24  ASP ASP A . n 
A 1 25  PHE 25  25  25  PHE PHE A . n 
A 1 26  ILE 26  26  26  ILE ILE A . n 
A 1 27  ASP 27  27  27  ASP ASP A . n 
A 1 28  PRO 28  28  28  PRO PRO A . n 
A 1 29  GLN 29  29  29  GLN GLN A . n 
A 1 30  GLU 30  30  30  GLU GLU A . n 
A 1 31  GLY 31  31  31  GLY GLY A . n 
A 1 32  TRP 32  32  32  TRP TRP A . n 
A 1 33  LYS 33  33  33  LYS LYS A . n 
A 1 34  LYS 34  34  34  LYS LYS A . n 
A 1 35  LEU 35  35  35  LEU LEU A . n 
A 1 36  ALA 36  36  36  ALA ALA A . n 
A 1 37  VAL 37  37  37  VAL VAL A . n 
A 1 38  ALA 38  38  38  ALA ALA A . n 
A 1 39  ILE 39  39  39  ILE ILE A . n 
A 1 40  LYS 40  40  40  LYS LYS A . n 
A 1 41  LYS 41  41  41  LYS LYS A . n 
A 1 42  PRO 42  42  42  PRO PRO A . n 
A 1 43  SER 43  43  43  SER SER A . n 
A 1 44  GLY 44  44  44  GLY GLY A . n 
A 1 45  ASP 45  45  45  ASP ASP A . n 
A 1 46  ASP 46  46  46  ASP ASP A . n 
A 1 47  ARG 47  47  47  ARG ARG A . n 
A 1 48  TYR 48  48  48  TYR TYR A . n 
A 1 49  ASN 49  49  49  ASN ASN A . n 
A 1 50  GLN 50  50  50  GLN GLN A . n 
A 1 51  PHE 51  51  51  PHE PHE A . n 
A 1 52  HIS 52  52  52  HIS HIS A . n 
A 1 53  ILE 53  53  53  ILE ILE A . n 
A 1 54  ARG 54  54  54  ARG ARG A . n 
A 1 55  ARG 55  55  55  ARG ARG A . n 
A 1 56  PHE 56  56  56  PHE PHE A . n 
A 1 57  GLU 57  57  57  GLU GLU A . n 
A 1 58  ALA 58  58  58  ALA ALA A . n 
A 1 59  LEU 59  59  59  LEU LEU A . n 
A 1 60  LEU 60  60  60  LEU LEU A . n 
A 1 61  GLN 61  61  61  GLN GLN A . n 
A 1 62  THR 62  62  62  THR THR A . n 
A 1 63  GLY 63  63  63  GLY GLY A . n 
A 1 64  LEU 64  64  64  LEU LEU A . n 
A 1 65  SER 65  65  65  SER SER A . n 
A 1 66  PRO 66  66  66  PRO PRO A . n 
A 1 67  THR 67  67  67  THR THR A . n 
A 1 68  CYS 68  68  68  CYS CYS A . n 
A 1 69  GLU 69  69  69  GLU GLU A . n 
A 1 70  LEU 70  70  70  LEU LEU A . n 
A 1 71  LEU 71  71  71  LEU LEU A . n 
A 1 72  PHE 72  72  72  PHE PHE A . n 
A 1 73  ASP 73  73  73  ASP ASP A . n 
A 1 74  TRP 74  74  74  TRP TRP A . n 
A 1 75  GLY 75  75  75  GLY GLY A . n 
A 1 76  THR 76  76  76  THR THR A . n 
A 1 77  THR 77  77  77  THR THR A . n 
A 1 78  ASN 78  78  78  ASN ASN A . n 
A 1 79  CYS 79  79  79  CYS CYS A . n 
A 1 80  THR 80  80  80  THR THR A . n 
A 1 81  VAL 81  81  81  VAL VAL A . n 
A 1 82  GLY 82  82  82  GLY GLY A . n 
A 1 83  ASP 83  83  83  ASP ASP A . n 
A 1 84  LEU 84  84  84  LEU LEU A . n 
A 1 85  VAL 85  85  85  VAL VAL A . n 
A 1 86  ASP 86  86  86  ASP ASP A . n 
A 1 87  LEU 87  87  87  LEU LEU A . n 
A 1 88  LEU 88  88  88  LEU LEU A . n 
A 1 89  VAL 89  89  89  VAL VAL A . n 
A 1 90  GLN 90  90  90  GLN GLN A . n 
A 1 91  ILE 91  91  91  ILE ILE A . n 
A 1 92  GLU 92  92  92  GLU GLU A . n 
A 1 93  LEU 93  93  93  LEU LEU A . n 
A 1 94  PHE 94  94  94  PHE PHE A . n 
A 1 95  ALA 95  95  95  ALA ALA A . n 
A 1 96  PRO 96  96  96  PRO PRO A . n 
A 1 97  ALA 97  97  97  ALA ALA A . n 
A 1 98  THR 98  98  98  THR THR A . n 
A 1 99  LEU 99  99  99  LEU LEU A . n 
A 1 100 LEU 100 100 100 LEU LEU A . n 
A 1 101 LEU 101 101 101 LEU LEU A . n 
A 1 102 PRO 102 102 102 PRO PRO A . n 
A 1 103 ASP 103 103 103 ASP ASP A . n 
A 1 104 ALA 104 104 104 ALA ALA A . n 
A 1 105 VAL 105 105 105 VAL VAL A . n 
A 1 106 PRO 106 106 106 PRO PRO A . n 
A 1 107 GLN 107 107 107 GLN GLN A . n 
A 1 108 THR 108 108 ?   ?   ?   A . n 
A 1 109 VAL 109 109 ?   ?   ?   A . n 
A 1 110 LYS 110 110 ?   ?   ?   A . n 
A 1 111 SER 111 111 ?   ?   ?   A . n 
A 1 112 LEU 112 112 ?   ?   ?   A . n 
A 1 113 PRO 113 113 ?   ?   ?   A . n 
# 
loop_
_pdbx_nonpoly_scheme.asym_id 
_pdbx_nonpoly_scheme.entity_id 
_pdbx_nonpoly_scheme.mon_id 
_pdbx_nonpoly_scheme.ndb_seq_num 
_pdbx_nonpoly_scheme.pdb_seq_num 
_pdbx_nonpoly_scheme.auth_seq_num 
_pdbx_nonpoly_scheme.pdb_mon_id 
_pdbx_nonpoly_scheme.auth_mon_id 
_pdbx_nonpoly_scheme.pdb_strand_id 
_pdbx_nonpoly_scheme.pdb_ins_code 
B 2 MN  1   114 93  MN  MN  A . 
C 3 HOH 1   115 1   HOH HOH A . 
C 3 HOH 2   116 2   HOH HOH A . 
C 3 HOH 3   117 3   HOH HOH A . 
C 3 HOH 4   118 4   HOH HOH A . 
C 3 HOH 5   119 5   HOH HOH A . 
C 3 HOH 6   120 6   HOH HOH A . 
C 3 HOH 7   121 7   HOH HOH A . 
C 3 HOH 8   122 8   HOH HOH A . 
C 3 HOH 9   123 9   HOH HOH A . 
C 3 HOH 10  124 11  HOH HOH A . 
C 3 HOH 11  125 12  HOH HOH A . 
C 3 HOH 12  126 13  HOH HOH A . 
C 3 HOH 13  127 14  HOH HOH A . 
C 3 HOH 14  128 15  HOH HOH A . 
C 3 HOH 15  129 16  HOH HOH A . 
C 3 HOH 16  130 18  HOH HOH A . 
C 3 HOH 17  131 19  HOH HOH A . 
C 3 HOH 18  132 20  HOH HOH A . 
C 3 HOH 19  133 21  HOH HOH A . 
C 3 HOH 20  134 22  HOH HOH A . 
C 3 HOH 21  135 23  HOH HOH A . 
C 3 HOH 22  136 24  HOH HOH A . 
C 3 HOH 23  137 25  HOH HOH A . 
C 3 HOH 24  138 26  HOH HOH A . 
C 3 HOH 25  139 27  HOH HOH A . 
C 3 HOH 26  140 28  HOH HOH A . 
C 3 HOH 27  141 29  HOH HOH A . 
C 3 HOH 28  142 30  HOH HOH A . 
C 3 HOH 29  143 32  HOH HOH A . 
C 3 HOH 30  144 33  HOH HOH A . 
C 3 HOH 31  145 34  HOH HOH A . 
C 3 HOH 32  146 35  HOH HOH A . 
C 3 HOH 33  147 36  HOH HOH A . 
C 3 HOH 34  148 37  HOH HOH A . 
C 3 HOH 35  149 38  HOH HOH A . 
C 3 HOH 36  150 39  HOH HOH A . 
C 3 HOH 37  151 40  HOH HOH A . 
C 3 HOH 38  152 41  HOH HOH A . 
C 3 HOH 39  153 42  HOH HOH A . 
C 3 HOH 40  154 43  HOH HOH A . 
C 3 HOH 41  155 46  HOH HOH A . 
C 3 HOH 42  156 47  HOH HOH A . 
C 3 HOH 43  157 48  HOH HOH A . 
C 3 HOH 44  158 49  HOH HOH A . 
C 3 HOH 45  159 50  HOH HOH A . 
C 3 HOH 46  160 51  HOH HOH A . 
C 3 HOH 47  161 52  HOH HOH A . 
C 3 HOH 48  162 54  HOH HOH A . 
C 3 HOH 49  163 56  HOH HOH A . 
C 3 HOH 50  164 57  HOH HOH A . 
C 3 HOH 51  165 58  HOH HOH A . 
C 3 HOH 52  166 59  HOH HOH A . 
C 3 HOH 53  167 61  HOH HOH A . 
C 3 HOH 54  168 62  HOH HOH A . 
C 3 HOH 55  169 63  HOH HOH A . 
C 3 HOH 56  170 64  HOH HOH A . 
C 3 HOH 57  171 66  HOH HOH A . 
C 3 HOH 58  172 67  HOH HOH A . 
C 3 HOH 59  173 68  HOH HOH A . 
C 3 HOH 60  174 69  HOH HOH A . 
C 3 HOH 61  175 70  HOH HOH A . 
C 3 HOH 62  176 71  HOH HOH A . 
C 3 HOH 63  177 73  HOH HOH A . 
C 3 HOH 64  178 74  HOH HOH A . 
C 3 HOH 65  179 75  HOH HOH A . 
C 3 HOH 66  180 76  HOH HOH A . 
C 3 HOH 67  181 77  HOH HOH A . 
C 3 HOH 68  182 79  HOH HOH A . 
C 3 HOH 69  183 80  HOH HOH A . 
C 3 HOH 70  184 82  HOH HOH A . 
C 3 HOH 71  185 83  HOH HOH A . 
C 3 HOH 72  186 85  HOH HOH A . 
C 3 HOH 73  187 86  HOH HOH A . 
C 3 HOH 74  188 87  HOH HOH A . 
C 3 HOH 75  189 88  HOH HOH A . 
C 3 HOH 76  190 89  HOH HOH A . 
C 3 HOH 77  191 91  HOH HOH A . 
C 3 HOH 78  192 92  HOH HOH A . 
C 3 HOH 79  193 94  HOH HOH A . 
C 3 HOH 80  194 95  HOH HOH A . 
C 3 HOH 81  195 96  HOH HOH A . 
C 3 HOH 82  196 97  HOH HOH A . 
C 3 HOH 83  197 98  HOH HOH A . 
C 3 HOH 84  198 99  HOH HOH A . 
C 3 HOH 85  199 100 HOH HOH A . 
C 3 HOH 86  200 101 HOH HOH A . 
C 3 HOH 87  201 102 HOH HOH A . 
C 3 HOH 88  202 103 HOH HOH A . 
C 3 HOH 89  203 104 HOH HOH A . 
C 3 HOH 90  204 105 HOH HOH A . 
C 3 HOH 91  205 107 HOH HOH A . 
C 3 HOH 92  206 108 HOH HOH A . 
C 3 HOH 93  207 110 HOH HOH A . 
C 3 HOH 94  208 112 HOH HOH A . 
C 3 HOH 95  209 113 HOH HOH A . 
C 3 HOH 96  210 115 HOH HOH A . 
C 3 HOH 97  211 116 HOH HOH A . 
C 3 HOH 98  212 117 HOH HOH A . 
C 3 HOH 99  213 118 HOH HOH A . 
C 3 HOH 100 214 120 HOH HOH A . 
C 3 HOH 101 215 122 HOH HOH A . 
C 3 HOH 102 216 123 HOH HOH A . 
C 3 HOH 103 217 124 HOH HOH A . 
C 3 HOH 104 218 127 HOH HOH A . 
C 3 HOH 105 219 128 HOH HOH A . 
C 3 HOH 106 220 129 HOH HOH A . 
C 3 HOH 107 221 130 HOH HOH A . 
C 3 HOH 108 222 131 HOH HOH A . 
C 3 HOH 109 223 132 HOH HOH A . 
C 3 HOH 110 224 133 HOH HOH A . 
C 3 HOH 111 225 134 HOH HOH A . 
C 3 HOH 112 226 136 HOH HOH A . 
C 3 HOH 113 227 138 HOH HOH A . 
C 3 HOH 114 228 140 HOH HOH A . 
C 3 HOH 115 229 141 HOH HOH A . 
C 3 HOH 116 230 142 HOH HOH A . 
C 3 HOH 117 231 144 HOH HOH A . 
C 3 HOH 118 232 145 HOH HOH A . 
C 3 HOH 119 233 146 HOH HOH A . 
C 3 HOH 120 234 149 HOH HOH A . 
C 3 HOH 121 235 151 HOH HOH A . 
C 3 HOH 122 236 154 HOH HOH A . 
C 3 HOH 123 237 156 HOH HOH A . 
C 3 HOH 124 238 159 HOH HOH A . 
C 3 HOH 125 239 160 HOH HOH A . 
C 3 HOH 126 240 164 HOH HOH A . 
C 3 HOH 127 241 165 HOH HOH A . 
C 3 HOH 128 242 166 HOH HOH A . 
C 3 HOH 129 243 167 HOH HOH A . 
C 3 HOH 130 244 168 HOH HOH A . 
C 3 HOH 131 245 169 HOH HOH A . 
C 3 HOH 132 246 170 HOH HOH A . 
C 3 HOH 133 247 173 HOH HOH A . 
C 3 HOH 134 248 174 HOH HOH A . 
C 3 HOH 135 249 176 HOH HOH A . 
C 3 HOH 136 250 177 HOH HOH A . 
C 3 HOH 137 251 179 HOH HOH A . 
C 3 HOH 138 252 181 HOH HOH A . 
C 3 HOH 139 253 190 HOH HOH A . 
C 3 HOH 140 254 199 HOH HOH A . 
C 3 HOH 141 255 201 HOH HOH A . 
C 3 HOH 142 256 203 HOH HOH A . 
C 3 HOH 143 257 204 HOH HOH A . 
C 3 HOH 144 258 207 HOH HOH A . 
C 3 HOH 145 259 209 HOH HOH A . 
# 
loop_
_pdbx_unobs_or_zero_occ_atoms.id 
_pdbx_unobs_or_zero_occ_atoms.PDB_model_num 
_pdbx_unobs_or_zero_occ_atoms.polymer_flag 
_pdbx_unobs_or_zero_occ_atoms.occupancy_flag 
_pdbx_unobs_or_zero_occ_atoms.auth_asym_id 
_pdbx_unobs_or_zero_occ_atoms.auth_comp_id 
_pdbx_unobs_or_zero_occ_atoms.auth_seq_id 
_pdbx_unobs_or_zero_occ_atoms.PDB_ins_code 
_pdbx_unobs_or_zero_occ_atoms.auth_atom_id 
_pdbx_unobs_or_zero_occ_atoms.label_alt_id 
_pdbx_unobs_or_zero_occ_atoms.label_asym_id 
_pdbx_unobs_or_zero_occ_atoms.label_comp_id 
_pdbx_unobs_or_zero_occ_atoms.label_seq_id 
_pdbx_unobs_or_zero_occ_atoms.label_atom_id 
1 1 Y 1 A LYS 3   ? CG  ? A LYS 3   CG  
2 1 Y 1 A LYS 3   ? CD  ? A LYS 3   CD  
3 1 Y 1 A LYS 3   ? CE  ? A LYS 3   CE  
4 1 Y 1 A LYS 3   ? NZ  ? A LYS 3   NZ  
5 1 Y 1 A GLN 107 ? CG  ? A GLN 107 CG  
6 1 Y 1 A GLN 107 ? CD  ? A GLN 107 CD  
7 1 Y 1 A GLN 107 ? OE1 ? A GLN 107 OE1 
8 1 Y 1 A GLN 107 ? NE2 ? A GLN 107 NE2 
# 
_software.name             REFMAC 
_software.classification   refinement 
_software.version          5.2.0005 
_software.citation_id      ? 
_software.pdbx_ordinal     1 
# 
_cell.entry_id           2A9I 
_cell.length_a           76.152 
_cell.length_b           38.043 
_cell.length_c           51.588 
_cell.angle_alpha        90.00 
_cell.angle_beta         121.07 
_cell.angle_gamma        90.00 
_cell.Z_PDB              4 
_cell.pdbx_unique_axis   ? 
# 
_symmetry.entry_id                         2A9I 
_symmetry.space_group_name_H-M             'C 1 2 1' 
_symmetry.pdbx_full_space_group_name_H-M   ? 
_symmetry.cell_setting                     ? 
_symmetry.Int_Tables_number                5 
_symmetry.space_group_name_Hall            ? 
# 
_exptl.entry_id          2A9I 
_exptl.method            'X-RAY DIFFRACTION' 
_exptl.crystals_number   2 
# 
_exptl_crystal.id                    1 
_exptl_crystal.density_meas          ? 
_exptl_crystal.density_Matthews      2.53 
_exptl_crystal.density_percent_sol   51.32 
_exptl_crystal.description           ? 
_exptl_crystal.F_000                 ? 
_exptl_crystal.preparation           ? 
# 
_exptl_crystal_grow.crystal_id      1 
_exptl_crystal_grow.method          'VAPOR DIFFUSION, HANGING DROP' 
_exptl_crystal_grow.temp            281 
_exptl_crystal_grow.temp_details    ? 
_exptl_crystal_grow.pH              7.5 
_exptl_crystal_grow.pdbx_details    
'100mM HEPES pH 7.5, 25% PEG 3350, 10 mM MnCl2 , VAPOR DIFFUSION, HANGING DROP, temperature 281K' 
_exptl_crystal_grow.pdbx_pH_range   . 
# 
loop_
_diffrn.id 
_diffrn.ambient_temp 
_diffrn.ambient_temp_details 
_diffrn.crystal_id 
1 77 ? 1 
2 ?  ? 1 
# 
loop_
_diffrn_detector.diffrn_id 
_diffrn_detector.detector 
_diffrn_detector.type 
_diffrn_detector.pdbx_collection_date 
_diffrn_detector.details 
1 CCD MARRESEARCH 2004-10-29 ? 
2 CCD MARRESEARCH ?          ? 
# 
loop_
_diffrn_radiation.diffrn_id 
_diffrn_radiation.wavelength_id 
_diffrn_radiation.pdbx_monochromatic_or_laue_m_l 
_diffrn_radiation.monochromator 
_diffrn_radiation.pdbx_diffrn_protocol 
_diffrn_radiation.pdbx_scattering_type 
1 1 M ? 'SINGLE WAVELENGTH' x-ray 
2 2 M ? MAD                 x-ray 
# 
loop_
_diffrn_radiation_wavelength.id 
_diffrn_radiation_wavelength.wavelength 
_diffrn_radiation_wavelength.wt 
1 0.97888 1.0 
2 0.91947 1.0 
3 0.91919 1.0 
4 0.91270 1.0 
# 
loop_
_diffrn_source.diffrn_id 
_diffrn_source.source 
_diffrn_source.type 
_diffrn_source.pdbx_synchrotron_site 
_diffrn_source.pdbx_synchrotron_beamline 
_diffrn_source.pdbx_wavelength 
_diffrn_source.pdbx_wavelength_list 
1 SYNCHROTRON 'APS BEAMLINE 14-ID-B' APS 14-ID-B ? 0.97888                     
2 SYNCHROTRON 'APS BEAMLINE 32-ID'   APS 32-ID   ? '0.91947, 0.91919, 0.91270' 
# 
_reflns.entry_id                     2A9I 
_reflns.observed_criterion_sigma_F   ? 
_reflns.observed_criterion_sigma_I   ? 
_reflns.d_resolution_high            1.70 
_reflns.d_resolution_low             18.0 
_reflns.number_all                   ? 
_reflns.number_obs                   13974 
_reflns.percent_possible_obs         ? 
_reflns.pdbx_Rmerge_I_obs            ? 
_reflns.pdbx_Rsym_value              ? 
_reflns.pdbx_netI_over_sigmaI        ? 
_reflns.B_iso_Wilson_estimate        ? 
_reflns.pdbx_redundancy              ? 
_reflns.R_free_details               ? 
_reflns.limit_h_max                  ? 
_reflns.limit_h_min                  ? 
_reflns.limit_k_max                  ? 
_reflns.limit_k_min                  ? 
_reflns.limit_l_max                  ? 
_reflns.limit_l_min                  ? 
_reflns.observed_criterion_F_max     ? 
_reflns.observed_criterion_F_min     ? 
_reflns.pdbx_chi_squared             ? 
_reflns.pdbx_scaling_rejects         ? 
_reflns.pdbx_diffrn_id               1,2 
_reflns.pdbx_ordinal                 1 
# 
_refine.entry_id                                 2A9I 
_refine.ls_number_reflns_obs                     12981 
_refine.ls_number_reflns_all                     ? 
_refine.pdbx_ls_sigma_I                          ? 
_refine.pdbx_ls_sigma_F                          ? 
_refine.pdbx_data_cutoff_high_absF               ? 
_refine.pdbx_data_cutoff_low_absF                ? 
_refine.pdbx_data_cutoff_high_rms_absF           ? 
_refine.ls_d_res_low                             18.00 
_refine.ls_d_res_high                            1.70 
_refine.ls_percent_reflns_obs                    100.00 
_refine.ls_R_factor_obs                          0.17982 
_refine.ls_R_factor_all                          ? 
_refine.ls_R_factor_R_work                       0.17673 
_refine.ls_R_factor_R_free                       0.22255 
_refine.ls_R_factor_R_free_error                 ? 
_refine.ls_R_factor_R_free_error_details         ? 
_refine.ls_percent_reflns_R_free                 7.1 
_refine.ls_number_reflns_R_free                  993 
_refine.ls_number_parameters                     ? 
_refine.ls_number_restraints                     ? 
_refine.occupancy_min                            ? 
_refine.occupancy_max                            ? 
_refine.correlation_coeff_Fo_to_Fc               0.963 
_refine.correlation_coeff_Fo_to_Fc_free          0.937 
_refine.B_iso_mean                               28.903 
_refine.aniso_B[1][1]                            0.27 
_refine.aniso_B[2][2]                            0.68 
_refine.aniso_B[3][3]                            -1.60 
_refine.aniso_B[1][2]                            0.00 
_refine.aniso_B[1][3]                            -0.62 
_refine.aniso_B[2][3]                            0.00 
_refine.solvent_model_details                    'BABINET MODEL WITH MASK' 
_refine.solvent_model_param_ksol                 ? 
_refine.solvent_model_param_bsol                 ? 
_refine.pdbx_solvent_vdw_probe_radii             1.20 
_refine.pdbx_solvent_ion_probe_radii             0.80 
_refine.pdbx_solvent_shrinkage_radii             0.80 
_refine.pdbx_ls_cross_valid_method               THROUGHOUT 
_refine.details                                  ? 
_refine.pdbx_starting_model                      ? 
_refine.pdbx_method_to_determine_struct          MAD 
_refine.pdbx_isotropic_thermal_model             ? 
_refine.pdbx_stereochemistry_target_values       'MAXIMUM LIKELIHOOD' 
_refine.pdbx_stereochem_target_val_spec_case     ? 
_refine.pdbx_R_Free_selection_details            RANDOM 
_refine.pdbx_overall_ESU_R                       0.100 
_refine.pdbx_overall_ESU_R_Free                  0.106 
_refine.overall_SU_ML                            0.060 
_refine.overall_SU_B                             1.761 
_refine.ls_redundancy_reflns_obs                 ? 
_refine.B_iso_min                                ? 
_refine.B_iso_max                                ? 
_refine.overall_SU_R_Cruickshank_DPI             ? 
_refine.overall_SU_R_free                        ? 
_refine.ls_wR_factor_R_free                      ? 
_refine.ls_wR_factor_R_work                      ? 
_refine.overall_FOM_free_R_set                   ? 
_refine.overall_FOM_work_R_set                   ? 
_refine.pdbx_refine_id                           'X-RAY DIFFRACTION' 
_refine.pdbx_diffrn_id                           1 
_refine.pdbx_TLS_residual_ADP_flag               ? 
_refine.pdbx_overall_phase_error                 ? 
_refine.pdbx_overall_SU_R_free_Cruickshank_DPI   ? 
_refine.pdbx_overall_SU_R_Blow_DPI               ? 
_refine.pdbx_overall_SU_R_free_Blow_DPI          ? 
# 
_refine_hist.pdbx_refine_id                   'X-RAY DIFFRACTION' 
_refine_hist.cycle_id                         LAST 
_refine_hist.pdbx_number_atoms_protein        823 
_refine_hist.pdbx_number_atoms_nucleic_acid   0 
_refine_hist.pdbx_number_atoms_ligand         1 
_refine_hist.number_atoms_solvent             145 
_refine_hist.number_atoms_total               969 
_refine_hist.d_res_high                       1.70 
_refine_hist.d_res_low                        18.00 
# 
loop_
_refine_ls_restr.type 
_refine_ls_restr.dev_ideal 
_refine_ls_restr.dev_ideal_target 
_refine_ls_restr.weight 
_refine_ls_restr.number 
_refine_ls_restr.pdbx_refine_id 
_refine_ls_restr.pdbx_restraint_function 
r_bond_refined_d         0.017  0.022  ? 842  'X-RAY DIFFRACTION' ? 
r_angle_refined_deg      1.719  1.990  ? 1150 'X-RAY DIFFRACTION' ? 
r_dihedral_angle_1_deg   7.303  5.000  ? 104  'X-RAY DIFFRACTION' ? 
r_dihedral_angle_2_deg   39.744 24.286 ? 35   'X-RAY DIFFRACTION' ? 
r_dihedral_angle_3_deg   12.286 15.000 ? 139  'X-RAY DIFFRACTION' ? 
r_dihedral_angle_4_deg   16.909 15.000 ? 5    'X-RAY DIFFRACTION' ? 
r_chiral_restr           0.106  0.200  ? 136  'X-RAY DIFFRACTION' ? 
r_gen_planes_refined     0.008  0.020  ? 630  'X-RAY DIFFRACTION' ? 
r_nbd_refined            0.280  0.200  ? 430  'X-RAY DIFFRACTION' ? 
r_nbtor_refined          0.323  0.200  ? 597  'X-RAY DIFFRACTION' ? 
r_xyhbond_nbd_refined    0.261  0.200  ? 90   'X-RAY DIFFRACTION' ? 
r_symmetry_vdw_refined   0.222  0.200  ? 21   'X-RAY DIFFRACTION' ? 
r_symmetry_hbond_refined 0.220  0.200  ? 15   'X-RAY DIFFRACTION' ? 
r_mcbond_it              1.245  1.500  ? 535  'X-RAY DIFFRACTION' ? 
r_mcangle_it             1.968  2.000  ? 855  'X-RAY DIFFRACTION' ? 
r_scbond_it              3.350  3.000  ? 341  'X-RAY DIFFRACTION' ? 
r_scangle_it             5.151  4.500  ? 295  'X-RAY DIFFRACTION' ? 
# 
_refine_ls_shell.pdbx_total_number_of_bins_used   20 
_refine_ls_shell.d_res_high                       1.700 
_refine_ls_shell.d_res_low                        1.744 
_refine_ls_shell.number_reflns_R_work             916 
_refine_ls_shell.R_factor_R_work                  0.231 
_refine_ls_shell.percent_reflns_obs               100.00 
_refine_ls_shell.R_factor_R_free                  0.328 
_refine_ls_shell.R_factor_R_free_error            ? 
_refine_ls_shell.percent_reflns_R_free            ? 
_refine_ls_shell.number_reflns_R_free             71 
_refine_ls_shell.number_reflns_obs                ? 
_refine_ls_shell.redundancy_reflns_obs            ? 
_refine_ls_shell.number_reflns_all                ? 
_refine_ls_shell.pdbx_refine_id                   'X-RAY DIFFRACTION' 
_refine_ls_shell.R_factor_all                     ? 
# 
_struct.entry_id                  2A9I 
_struct.title                     'Molecular Structure of the Interleukin-1 Receptor-Associated Kinase-4 Death Domain' 
_struct.pdbx_model_details        ? 
_struct.pdbx_CASP_flag            ? 
_struct.pdbx_model_type_details   ? 
# 
_struct_keywords.entry_id        2A9I 
_struct_keywords.pdbx_keywords   TRANSFERASE 
_struct_keywords.text            'hexahelical bundle, Transferase' 
# 
loop_
_struct_asym.id 
_struct_asym.pdbx_blank_PDB_chainid_flag 
_struct_asym.pdbx_modified 
_struct_asym.entity_id 
_struct_asym.details 
A N N 1 ? 
B N N 2 ? 
C N N 3 ? 
# 
_struct_ref.id                         1 
_struct_ref.db_name                    UNP 
_struct_ref.db_code                    IRAK4_MOUSE 
_struct_ref.pdbx_db_accession          Q8R4K2 
_struct_ref.entity_id                  1 
_struct_ref.pdbx_seq_one_letter_code   
;MNKPLTPSTYIRNLNVGILRKLSDFIDPQEGWKKLAVAIKKPSGDDRYNQFHIRRFEALLQTGKSPTCELLFDWGTTNCT
VGDLVDLLVQIELFAPATLLLPDAVPQTVKSLP
;
_struct_ref.pdbx_align_begin           1 
_struct_ref.pdbx_db_isoform            ? 
# 
_struct_ref_seq.align_id                      1 
_struct_ref_seq.ref_id                        1 
_struct_ref_seq.pdbx_PDB_id_code              2A9I 
_struct_ref_seq.pdbx_strand_id                A 
_struct_ref_seq.seq_align_beg                 1 
_struct_ref_seq.pdbx_seq_align_beg_ins_code   ? 
_struct_ref_seq.seq_align_end                 113 
_struct_ref_seq.pdbx_seq_align_end_ins_code   ? 
_struct_ref_seq.pdbx_db_accession             Q8R4K2 
_struct_ref_seq.db_align_beg                  1 
_struct_ref_seq.pdbx_db_align_beg_ins_code    ? 
_struct_ref_seq.db_align_end                  113 
_struct_ref_seq.pdbx_db_align_end_ins_code    ? 
_struct_ref_seq.pdbx_auth_seq_align_beg       1 
_struct_ref_seq.pdbx_auth_seq_align_end       113 
# 
_struct_ref_seq_dif.align_id                     1 
_struct_ref_seq_dif.pdbx_pdb_id_code             2A9I 
_struct_ref_seq_dif.mon_id                       LEU 
_struct_ref_seq_dif.pdbx_pdb_strand_id           A 
_struct_ref_seq_dif.seq_num                      64 
_struct_ref_seq_dif.pdbx_pdb_ins_code            ? 
_struct_ref_seq_dif.pdbx_seq_db_name             UNP 
_struct_ref_seq_dif.pdbx_seq_db_accession_code   Q8R4K2 
_struct_ref_seq_dif.db_mon_id                    LYS 
_struct_ref_seq_dif.pdbx_seq_db_seq_num          64 
_struct_ref_seq_dif.details                      conflict 
_struct_ref_seq_dif.pdbx_auth_seq_num            64 
_struct_ref_seq_dif.pdbx_ordinal                 1 
# 
_pdbx_struct_assembly.id                   1 
_pdbx_struct_assembly.details              author_defined_assembly 
_pdbx_struct_assembly.method_details       ? 
_pdbx_struct_assembly.oligomeric_details   monomeric 
_pdbx_struct_assembly.oligomeric_count     1 
# 
_pdbx_struct_assembly_gen.assembly_id       1 
_pdbx_struct_assembly_gen.oper_expression   1 
_pdbx_struct_assembly_gen.asym_id_list      A,B,C 
# 
_pdbx_struct_oper_list.id                   1 
_pdbx_struct_oper_list.type                 'identity operation' 
_pdbx_struct_oper_list.name                 1_555 
_pdbx_struct_oper_list.symmetry_operation   x,y,z 
_pdbx_struct_oper_list.matrix[1][1]         1.0000000000 
_pdbx_struct_oper_list.matrix[1][2]         0.0000000000 
_pdbx_struct_oper_list.matrix[1][3]         0.0000000000 
_pdbx_struct_oper_list.vector[1]            0.0000000000 
_pdbx_struct_oper_list.matrix[2][1]         0.0000000000 
_pdbx_struct_oper_list.matrix[2][2]         1.0000000000 
_pdbx_struct_oper_list.matrix[2][3]         0.0000000000 
_pdbx_struct_oper_list.vector[2]            0.0000000000 
_pdbx_struct_oper_list.matrix[3][1]         0.0000000000 
_pdbx_struct_oper_list.matrix[3][2]         0.0000000000 
_pdbx_struct_oper_list.matrix[3][3]         1.0000000000 
_pdbx_struct_oper_list.vector[3]            0.0000000000 
# 
_struct_biol.id                    1 
_struct_biol.pdbx_parent_biol_id   ? 
_struct_biol.details               ? 
# 
loop_
_struct_conf.conf_type_id 
_struct_conf.id 
_struct_conf.pdbx_PDB_helix_id 
_struct_conf.beg_label_comp_id 
_struct_conf.beg_label_asym_id 
_struct_conf.beg_label_seq_id 
_struct_conf.pdbx_beg_PDB_ins_code 
_struct_conf.end_label_comp_id 
_struct_conf.end_label_asym_id 
_struct_conf.end_label_seq_id 
_struct_conf.pdbx_end_PDB_ins_code 
_struct_conf.beg_auth_comp_id 
_struct_conf.beg_auth_asym_id 
_struct_conf.beg_auth_seq_id 
_struct_conf.end_auth_comp_id 
_struct_conf.end_auth_asym_id 
_struct_conf.end_auth_seq_id 
_struct_conf.pdbx_PDB_helix_class 
_struct_conf.details 
_struct_conf.pdbx_PDB_helix_length 
HELX_P HELX_P1 1 TYR A 10  ? LEU A 14  ? TYR A 10  LEU A 14  5 ? 5  
HELX_P HELX_P2 2 ASN A 15  ? ASP A 27  ? ASN A 15  ASP A 27  1 ? 13 
HELX_P HELX_P3 3 GLU A 30  ? ILE A 39  ? GLU A 30  ILE A 39  1 ? 10 
HELX_P HELX_P4 4 ASN A 49  ? LEU A 59  ? ASN A 49  LEU A 59  1 ? 11 
HELX_P HELX_P5 5 SER A 65  ? GLY A 75  ? SER A 65  GLY A 75  1 ? 11 
HELX_P HELX_P6 6 THR A 76  ? ASN A 78  ? THR A 76  ASN A 78  5 ? 3  
HELX_P HELX_P7 7 THR A 80  ? ILE A 91  ? THR A 80  ILE A 91  1 ? 12 
HELX_P HELX_P8 8 LEU A 93  ? LEU A 101 ? LEU A 93  LEU A 101 1 ? 9  
HELX_P HELX_P9 9 PRO A 102 ? VAL A 105 ? PRO A 102 VAL A 105 5 ? 4  
# 
_struct_conf_type.id          HELX_P 
_struct_conf_type.criteria    ? 
_struct_conf_type.reference   ? 
# 
loop_
_struct_conn.id 
_struct_conn.conn_type_id 
_struct_conn.pdbx_leaving_atom_flag 
_struct_conn.pdbx_PDB_id 
_struct_conn.ptnr1_label_asym_id 
_struct_conn.ptnr1_label_comp_id 
_struct_conn.ptnr1_label_seq_id 
_struct_conn.ptnr1_label_atom_id 
_struct_conn.pdbx_ptnr1_label_alt_id 
_struct_conn.pdbx_ptnr1_PDB_ins_code 
_struct_conn.pdbx_ptnr1_standard_comp_id 
_struct_conn.ptnr1_symmetry 
_struct_conn.ptnr2_label_asym_id 
_struct_conn.ptnr2_label_comp_id 
_struct_conn.ptnr2_label_seq_id 
_struct_conn.ptnr2_label_atom_id 
_struct_conn.pdbx_ptnr2_label_alt_id 
_struct_conn.pdbx_ptnr2_PDB_ins_code 
_struct_conn.ptnr1_auth_asym_id 
_struct_conn.ptnr1_auth_comp_id 
_struct_conn.ptnr1_auth_seq_id 
_struct_conn.ptnr2_auth_asym_id 
_struct_conn.ptnr2_auth_comp_id 
_struct_conn.ptnr2_auth_seq_id 
_struct_conn.ptnr2_symmetry 
_struct_conn.pdbx_ptnr3_label_atom_id 
_struct_conn.pdbx_ptnr3_label_seq_id 
_struct_conn.pdbx_ptnr3_label_comp_id 
_struct_conn.pdbx_ptnr3_label_asym_id 
_struct_conn.pdbx_ptnr3_label_alt_id 
_struct_conn.pdbx_ptnr3_PDB_ins_code 
_struct_conn.details 
_struct_conn.pdbx_dist_value 
_struct_conn.pdbx_value_order 
_struct_conn.pdbx_role 
metalc1 metalc ? ? A LYS 21 NZ  ? ? ? 1_555 B MN . MN ? ? A LYS 21 A MN 114 1_555 ? ? ? ? ? ? ? 2.076 ? ? 
metalc2 metalc ? ? A ASP 24 OD2 ? ? ? 1_555 B MN . MN ? ? A ASP 24 A MN 114 1_555 ? ? ? ? ? ? ? 2.731 ? ? 
# 
_struct_conn_type.id          metalc 
_struct_conn_type.criteria    ? 
_struct_conn_type.reference   ? 
# 
_pdbx_struct_conn_angle.id                    1 
_pdbx_struct_conn_angle.ptnr1_label_atom_id   NZ 
_pdbx_struct_conn_angle.ptnr1_label_alt_id    ? 
_pdbx_struct_conn_angle.ptnr1_label_asym_id   A 
_pdbx_struct_conn_angle.ptnr1_label_comp_id   LYS 
_pdbx_struct_conn_angle.ptnr1_label_seq_id    21 
_pdbx_struct_conn_angle.ptnr1_auth_atom_id    ? 
_pdbx_struct_conn_angle.ptnr1_auth_asym_id    A 
_pdbx_struct_conn_angle.ptnr1_auth_comp_id    LYS 
_pdbx_struct_conn_angle.ptnr1_auth_seq_id     21 
_pdbx_struct_conn_angle.ptnr1_PDB_ins_code    ? 
_pdbx_struct_conn_angle.ptnr1_symmetry        1_555 
_pdbx_struct_conn_angle.ptnr2_label_atom_id   MN 
_pdbx_struct_conn_angle.ptnr2_label_alt_id    ? 
_pdbx_struct_conn_angle.ptnr2_label_asym_id   B 
_pdbx_struct_conn_angle.ptnr2_label_comp_id   MN 
_pdbx_struct_conn_angle.ptnr2_label_seq_id    . 
_pdbx_struct_conn_angle.ptnr2_auth_atom_id    ? 
_pdbx_struct_conn_angle.ptnr2_auth_asym_id    A 
_pdbx_struct_conn_angle.ptnr2_auth_comp_id    MN 
_pdbx_struct_conn_angle.ptnr2_auth_seq_id     114 
_pdbx_struct_conn_angle.ptnr2_PDB_ins_code    ? 
_pdbx_struct_conn_angle.ptnr2_symmetry        1_555 
_pdbx_struct_conn_angle.ptnr3_label_atom_id   OD2 
_pdbx_struct_conn_angle.ptnr3_label_alt_id    ? 
_pdbx_struct_conn_angle.ptnr3_label_asym_id   A 
_pdbx_struct_conn_angle.ptnr3_label_comp_id   ASP 
_pdbx_struct_conn_angle.ptnr3_label_seq_id    24 
_pdbx_struct_conn_angle.ptnr3_auth_atom_id    ? 
_pdbx_struct_conn_angle.ptnr3_auth_asym_id    A 
_pdbx_struct_conn_angle.ptnr3_auth_comp_id    ASP 
_pdbx_struct_conn_angle.ptnr3_auth_seq_id     24 
_pdbx_struct_conn_angle.ptnr3_PDB_ins_code    ? 
_pdbx_struct_conn_angle.ptnr3_symmetry        1_555 
_pdbx_struct_conn_angle.value                 82.6 
_pdbx_struct_conn_angle.value_esd             ? 
# 
_struct_site.id                   AC1 
_struct_site.pdbx_evidence_code   Software 
_struct_site.pdbx_auth_asym_id    A 
_struct_site.pdbx_auth_comp_id    MN 
_struct_site.pdbx_auth_seq_id     114 
_struct_site.pdbx_auth_ins_code   ? 
_struct_site.pdbx_num_residues    6 
_struct_site.details              'BINDING SITE FOR RESIDUE MN A 114' 
# 
loop_
_struct_site_gen.id 
_struct_site_gen.site_id 
_struct_site_gen.pdbx_num_res 
_struct_site_gen.label_comp_id 
_struct_site_gen.label_asym_id 
_struct_site_gen.label_seq_id 
_struct_site_gen.pdbx_auth_ins_code 
_struct_site_gen.auth_comp_id 
_struct_site_gen.auth_asym_id 
_struct_site_gen.auth_seq_id 
_struct_site_gen.label_atom_id 
_struct_site_gen.label_alt_id 
_struct_site_gen.symmetry 
_struct_site_gen.details 
1 AC1 6 LYS A 21  ? LYS A 21  . ? 1_555 ? 
2 AC1 6 ASP A 24  ? ASP A 24  . ? 1_555 ? 
3 AC1 6 THR A 98  ? THR A 98  . ? 2_555 ? 
4 AC1 6 LEU A 99  ? LEU A 99  . ? 2_555 ? 
5 AC1 6 PRO A 102 ? PRO A 102 . ? 2_555 ? 
6 AC1 6 HOH C .   ? HOH A 135 . ? 1_555 ? 
# 
loop_
_pdbx_validate_close_contact.id 
_pdbx_validate_close_contact.PDB_model_num 
_pdbx_validate_close_contact.auth_atom_id_1 
_pdbx_validate_close_contact.auth_asym_id_1 
_pdbx_validate_close_contact.auth_comp_id_1 
_pdbx_validate_close_contact.auth_seq_id_1 
_pdbx_validate_close_contact.PDB_ins_code_1 
_pdbx_validate_close_contact.label_alt_id_1 
_pdbx_validate_close_contact.auth_atom_id_2 
_pdbx_validate_close_contact.auth_asym_id_2 
_pdbx_validate_close_contact.auth_comp_id_2 
_pdbx_validate_close_contact.auth_seq_id_2 
_pdbx_validate_close_contact.PDB_ins_code_2 
_pdbx_validate_close_contact.label_alt_id_2 
_pdbx_validate_close_contact.dist 
1  1 CE  A LYS 21  ? ? MN  A MN  114 ? ? 1.60 
2  1 O   A HOH 123 ? ? O   A HOH 214 ? ? 1.73 
3  1 CD  A GLU 69  ? ? O   A HOH 220 ? ? 1.82 
4  1 NH1 A ARG 12  ? ? OD1 A ASN 78  ? ? 1.87 
5  1 O   A HOH 203 ? ? O   A HOH 208 ? ? 2.07 
6  1 O   A HOH 122 ? ? O   A HOH 139 ? ? 2.09 
7  1 OH  A TYR 10  ? ? O   A HOH 153 ? ? 2.11 
8  1 OE2 A GLU 69  ? ? O   A HOH 168 ? ? 2.12 
9  1 OE2 A GLU 57  ? ? O   A HOH 203 ? ? 2.15 
10 1 O   A HOH 190 ? ? O   A HOH 216 ? ? 2.18 
# 
_pdbx_validate_peptide_omega.id               1 
_pdbx_validate_peptide_omega.PDB_model_num    1 
_pdbx_validate_peptide_omega.auth_comp_id_1   LEU 
_pdbx_validate_peptide_omega.auth_asym_id_1   A 
_pdbx_validate_peptide_omega.auth_seq_id_1    60 
_pdbx_validate_peptide_omega.PDB_ins_code_1   ? 
_pdbx_validate_peptide_omega.label_alt_id_1   ? 
_pdbx_validate_peptide_omega.auth_comp_id_2   GLN 
_pdbx_validate_peptide_omega.auth_asym_id_2   A 
_pdbx_validate_peptide_omega.auth_seq_id_2    61 
_pdbx_validate_peptide_omega.PDB_ins_code_2   ? 
_pdbx_validate_peptide_omega.label_alt_id_2   ? 
_pdbx_validate_peptide_omega.omega            43.03 
# 
_pdbx_struct_special_symmetry.id              1 
_pdbx_struct_special_symmetry.PDB_model_num   1 
_pdbx_struct_special_symmetry.auth_asym_id    A 
_pdbx_struct_special_symmetry.auth_comp_id    HOH 
_pdbx_struct_special_symmetry.auth_seq_id     115 
_pdbx_struct_special_symmetry.PDB_ins_code    ? 
_pdbx_struct_special_symmetry.label_asym_id   C 
_pdbx_struct_special_symmetry.label_comp_id   HOH 
_pdbx_struct_special_symmetry.label_seq_id    . 
# 
loop_
_pdbx_unobs_or_zero_occ_residues.id 
_pdbx_unobs_or_zero_occ_residues.PDB_model_num 
_pdbx_unobs_or_zero_occ_residues.polymer_flag 
_pdbx_unobs_or_zero_occ_residues.occupancy_flag 
_pdbx_unobs_or_zero_occ_residues.auth_asym_id 
_pdbx_unobs_or_zero_occ_residues.auth_comp_id 
_pdbx_unobs_or_zero_occ_residues.auth_seq_id 
_pdbx_unobs_or_zero_occ_residues.PDB_ins_code 
_pdbx_unobs_or_zero_occ_residues.label_asym_id 
_pdbx_unobs_or_zero_occ_residues.label_comp_id 
_pdbx_unobs_or_zero_occ_residues.label_seq_id 
1 1 Y 1 A MET 1   ? A MET 1   
2 1 Y 1 A ASN 2   ? A ASN 2   
3 1 Y 1 A THR 108 ? A THR 108 
4 1 Y 1 A VAL 109 ? A VAL 109 
5 1 Y 1 A LYS 110 ? A LYS 110 
6 1 Y 1 A SER 111 ? A SER 111 
7 1 Y 1 A LEU 112 ? A LEU 112 
8 1 Y 1 A PRO 113 ? A PRO 113 
# 
loop_
_chem_comp_atom.comp_id 
_chem_comp_atom.atom_id 
_chem_comp_atom.type_symbol 
_chem_comp_atom.pdbx_aromatic_flag 
_chem_comp_atom.pdbx_stereo_config 
_chem_comp_atom.pdbx_ordinal 
ALA N    N  N N 1   
ALA CA   C  N S 2   
ALA C    C  N N 3   
ALA O    O  N N 4   
ALA CB   C  N N 5   
ALA OXT  O  N N 6   
ALA H    H  N N 7   
ALA H2   H  N N 8   
ALA HA   H  N N 9   
ALA HB1  H  N N 10  
ALA HB2  H  N N 11  
ALA HB3  H  N N 12  
ALA HXT  H  N N 13  
ARG N    N  N N 14  
ARG CA   C  N S 15  
ARG C    C  N N 16  
ARG O    O  N N 17  
ARG CB   C  N N 18  
ARG CG   C  N N 19  
ARG CD   C  N N 20  
ARG NE   N  N N 21  
ARG CZ   C  N N 22  
ARG NH1  N  N N 23  
ARG NH2  N  N N 24  
ARG OXT  O  N N 25  
ARG H    H  N N 26  
ARG H2   H  N N 27  
ARG HA   H  N N 28  
ARG HB2  H  N N 29  
ARG HB3  H  N N 30  
ARG HG2  H  N N 31  
ARG HG3  H  N N 32  
ARG HD2  H  N N 33  
ARG HD3  H  N N 34  
ARG HE   H  N N 35  
ARG HH11 H  N N 36  
ARG HH12 H  N N 37  
ARG HH21 H  N N 38  
ARG HH22 H  N N 39  
ARG HXT  H  N N 40  
ASN N    N  N N 41  
ASN CA   C  N S 42  
ASN C    C  N N 43  
ASN O    O  N N 44  
ASN CB   C  N N 45  
ASN CG   C  N N 46  
ASN OD1  O  N N 47  
ASN ND2  N  N N 48  
ASN OXT  O  N N 49  
ASN H    H  N N 50  
ASN H2   H  N N 51  
ASN HA   H  N N 52  
ASN HB2  H  N N 53  
ASN HB3  H  N N 54  
ASN HD21 H  N N 55  
ASN HD22 H  N N 56  
ASN HXT  H  N N 57  
ASP N    N  N N 58  
ASP CA   C  N S 59  
ASP C    C  N N 60  
ASP O    O  N N 61  
ASP CB   C  N N 62  
ASP CG   C  N N 63  
ASP OD1  O  N N 64  
ASP OD2  O  N N 65  
ASP OXT  O  N N 66  
ASP H    H  N N 67  
ASP H2   H  N N 68  
ASP HA   H  N N 69  
ASP HB2  H  N N 70  
ASP HB3  H  N N 71  
ASP HD2  H  N N 72  
ASP HXT  H  N N 73  
CYS N    N  N N 74  
CYS CA   C  N R 75  
CYS C    C  N N 76  
CYS O    O  N N 77  
CYS CB   C  N N 78  
CYS SG   S  N N 79  
CYS OXT  O  N N 80  
CYS H    H  N N 81  
CYS H2   H  N N 82  
CYS HA   H  N N 83  
CYS HB2  H  N N 84  
CYS HB3  H  N N 85  
CYS HG   H  N N 86  
CYS HXT  H  N N 87  
GLN N    N  N N 88  
GLN CA   C  N S 89  
GLN C    C  N N 90  
GLN O    O  N N 91  
GLN CB   C  N N 92  
GLN CG   C  N N 93  
GLN CD   C  N N 94  
GLN OE1  O  N N 95  
GLN NE2  N  N N 96  
GLN OXT  O  N N 97  
GLN H    H  N N 98  
GLN H2   H  N N 99  
GLN HA   H  N N 100 
GLN HB2  H  N N 101 
GLN HB3  H  N N 102 
GLN HG2  H  N N 103 
GLN HG3  H  N N 104 
GLN HE21 H  N N 105 
GLN HE22 H  N N 106 
GLN HXT  H  N N 107 
GLU N    N  N N 108 
GLU CA   C  N S 109 
GLU C    C  N N 110 
GLU O    O  N N 111 
GLU CB   C  N N 112 
GLU CG   C  N N 113 
GLU CD   C  N N 114 
GLU OE1  O  N N 115 
GLU OE2  O  N N 116 
GLU OXT  O  N N 117 
GLU H    H  N N 118 
GLU H2   H  N N 119 
GLU HA   H  N N 120 
GLU HB2  H  N N 121 
GLU HB3  H  N N 122 
GLU HG2  H  N N 123 
GLU HG3  H  N N 124 
GLU HE2  H  N N 125 
GLU HXT  H  N N 126 
GLY N    N  N N 127 
GLY CA   C  N N 128 
GLY C    C  N N 129 
GLY O    O  N N 130 
GLY OXT  O  N N 131 
GLY H    H  N N 132 
GLY H2   H  N N 133 
GLY HA2  H  N N 134 
GLY HA3  H  N N 135 
GLY HXT  H  N N 136 
HIS N    N  N N 137 
HIS CA   C  N S 138 
HIS C    C  N N 139 
HIS O    O  N N 140 
HIS CB   C  N N 141 
HIS CG   C  Y N 142 
HIS ND1  N  Y N 143 
HIS CD2  C  Y N 144 
HIS CE1  C  Y N 145 
HIS NE2  N  Y N 146 
HIS OXT  O  N N 147 
HIS H    H  N N 148 
HIS H2   H  N N 149 
HIS HA   H  N N 150 
HIS HB2  H  N N 151 
HIS HB3  H  N N 152 
HIS HD1  H  N N 153 
HIS HD2  H  N N 154 
HIS HE1  H  N N 155 
HIS HE2  H  N N 156 
HIS HXT  H  N N 157 
HOH O    O  N N 158 
HOH H1   H  N N 159 
HOH H2   H  N N 160 
ILE N    N  N N 161 
ILE CA   C  N S 162 
ILE C    C  N N 163 
ILE O    O  N N 164 
ILE CB   C  N S 165 
ILE CG1  C  N N 166 
ILE CG2  C  N N 167 
ILE CD1  C  N N 168 
ILE OXT  O  N N 169 
ILE H    H  N N 170 
ILE H2   H  N N 171 
ILE HA   H  N N 172 
ILE HB   H  N N 173 
ILE HG12 H  N N 174 
ILE HG13 H  N N 175 
ILE HG21 H  N N 176 
ILE HG22 H  N N 177 
ILE HG23 H  N N 178 
ILE HD11 H  N N 179 
ILE HD12 H  N N 180 
ILE HD13 H  N N 181 
ILE HXT  H  N N 182 
LEU N    N  N N 183 
LEU CA   C  N S 184 
LEU C    C  N N 185 
LEU O    O  N N 186 
LEU CB   C  N N 187 
LEU CG   C  N N 188 
LEU CD1  C  N N 189 
LEU CD2  C  N N 190 
LEU OXT  O  N N 191 
LEU H    H  N N 192 
LEU H2   H  N N 193 
LEU HA   H  N N 194 
LEU HB2  H  N N 195 
LEU HB3  H  N N 196 
LEU HG   H  N N 197 
LEU HD11 H  N N 198 
LEU HD12 H  N N 199 
LEU HD13 H  N N 200 
LEU HD21 H  N N 201 
LEU HD22 H  N N 202 
LEU HD23 H  N N 203 
LEU HXT  H  N N 204 
LYS N    N  N N 205 
LYS CA   C  N S 206 
LYS C    C  N N 207 
LYS O    O  N N 208 
LYS CB   C  N N 209 
LYS CG   C  N N 210 
LYS CD   C  N N 211 
LYS CE   C  N N 212 
LYS NZ   N  N N 213 
LYS OXT  O  N N 214 
LYS H    H  N N 215 
LYS H2   H  N N 216 
LYS HA   H  N N 217 
LYS HB2  H  N N 218 
LYS HB3  H  N N 219 
LYS HG2  H  N N 220 
LYS HG3  H  N N 221 
LYS HD2  H  N N 222 
LYS HD3  H  N N 223 
LYS HE2  H  N N 224 
LYS HE3  H  N N 225 
LYS HZ1  H  N N 226 
LYS HZ2  H  N N 227 
LYS HZ3  H  N N 228 
LYS HXT  H  N N 229 
MET N    N  N N 230 
MET CA   C  N S 231 
MET C    C  N N 232 
MET O    O  N N 233 
MET CB   C  N N 234 
MET CG   C  N N 235 
MET SD   S  N N 236 
MET CE   C  N N 237 
MET OXT  O  N N 238 
MET H    H  N N 239 
MET H2   H  N N 240 
MET HA   H  N N 241 
MET HB2  H  N N 242 
MET HB3  H  N N 243 
MET HG2  H  N N 244 
MET HG3  H  N N 245 
MET HE1  H  N N 246 
MET HE2  H  N N 247 
MET HE3  H  N N 248 
MET HXT  H  N N 249 
MN  MN   MN N N 250 
PHE N    N  N N 251 
PHE CA   C  N S 252 
PHE C    C  N N 253 
PHE O    O  N N 254 
PHE CB   C  N N 255 
PHE CG   C  Y N 256 
PHE CD1  C  Y N 257 
PHE CD2  C  Y N 258 
PHE CE1  C  Y N 259 
PHE CE2  C  Y N 260 
PHE CZ   C  Y N 261 
PHE OXT  O  N N 262 
PHE H    H  N N 263 
PHE H2   H  N N 264 
PHE HA   H  N N 265 
PHE HB2  H  N N 266 
PHE HB3  H  N N 267 
PHE HD1  H  N N 268 
PHE HD2  H  N N 269 
PHE HE1  H  N N 270 
PHE HE2  H  N N 271 
PHE HZ   H  N N 272 
PHE HXT  H  N N 273 
PRO N    N  N N 274 
PRO CA   C  N S 275 
PRO C    C  N N 276 
PRO O    O  N N 277 
PRO CB   C  N N 278 
PRO CG   C  N N 279 
PRO CD   C  N N 280 
PRO OXT  O  N N 281 
PRO H    H  N N 282 
PRO HA   H  N N 283 
PRO HB2  H  N N 284 
PRO HB3  H  N N 285 
PRO HG2  H  N N 286 
PRO HG3  H  N N 287 
PRO HD2  H  N N 288 
PRO HD3  H  N N 289 
PRO HXT  H  N N 290 
SER N    N  N N 291 
SER CA   C  N S 292 
SER C    C  N N 293 
SER O    O  N N 294 
SER CB   C  N N 295 
SER OG   O  N N 296 
SER OXT  O  N N 297 
SER H    H  N N 298 
SER H2   H  N N 299 
SER HA   H  N N 300 
SER HB2  H  N N 301 
SER HB3  H  N N 302 
SER HG   H  N N 303 
SER HXT  H  N N 304 
THR N    N  N N 305 
THR CA   C  N S 306 
THR C    C  N N 307 
THR O    O  N N 308 
THR CB   C  N R 309 
THR OG1  O  N N 310 
THR CG2  C  N N 311 
THR OXT  O  N N 312 
THR H    H  N N 313 
THR H2   H  N N 314 
THR HA   H  N N 315 
THR HB   H  N N 316 
THR HG1  H  N N 317 
THR HG21 H  N N 318 
THR HG22 H  N N 319 
THR HG23 H  N N 320 
THR HXT  H  N N 321 
TRP N    N  N N 322 
TRP CA   C  N S 323 
TRP C    C  N N 324 
TRP O    O  N N 325 
TRP CB   C  N N 326 
TRP CG   C  Y N 327 
TRP CD1  C  Y N 328 
TRP CD2  C  Y N 329 
TRP NE1  N  Y N 330 
TRP CE2  C  Y N 331 
TRP CE3  C  Y N 332 
TRP CZ2  C  Y N 333 
TRP CZ3  C  Y N 334 
TRP CH2  C  Y N 335 
TRP OXT  O  N N 336 
TRP H    H  N N 337 
TRP H2   H  N N 338 
TRP HA   H  N N 339 
TRP HB2  H  N N 340 
TRP HB3  H  N N 341 
TRP HD1  H  N N 342 
TRP HE1  H  N N 343 
TRP HE3  H  N N 344 
TRP HZ2  H  N N 345 
TRP HZ3  H  N N 346 
TRP HH2  H  N N 347 
TRP HXT  H  N N 348 
TYR N    N  N N 349 
TYR CA   C  N S 350 
TYR C    C  N N 351 
TYR O    O  N N 352 
TYR CB   C  N N 353 
TYR CG   C  Y N 354 
TYR CD1  C  Y N 355 
TYR CD2  C  Y N 356 
TYR CE1  C  Y N 357 
TYR CE2  C  Y N 358 
TYR CZ   C  Y N 359 
TYR OH   O  N N 360 
TYR OXT  O  N N 361 
TYR H    H  N N 362 
TYR H2   H  N N 363 
TYR HA   H  N N 364 
TYR HB2  H  N N 365 
TYR HB3  H  N N 366 
TYR HD1  H  N N 367 
TYR HD2  H  N N 368 
TYR HE1  H  N N 369 
TYR HE2  H  N N 370 
TYR HH   H  N N 371 
TYR HXT  H  N N 372 
VAL N    N  N N 373 
VAL CA   C  N S 374 
VAL C    C  N N 375 
VAL O    O  N N 376 
VAL CB   C  N N 377 
VAL CG1  C  N N 378 
VAL CG2  C  N N 379 
VAL OXT  O  N N 380 
VAL H    H  N N 381 
VAL H2   H  N N 382 
VAL HA   H  N N 383 
VAL HB   H  N N 384 
VAL HG11 H  N N 385 
VAL HG12 H  N N 386 
VAL HG13 H  N N 387 
VAL HG21 H  N N 388 
VAL HG22 H  N N 389 
VAL HG23 H  N N 390 
VAL HXT  H  N N 391 
# 
loop_
_chem_comp_bond.comp_id 
_chem_comp_bond.atom_id_1 
_chem_comp_bond.atom_id_2 
_chem_comp_bond.value_order 
_chem_comp_bond.pdbx_aromatic_flag 
_chem_comp_bond.pdbx_stereo_config 
_chem_comp_bond.pdbx_ordinal 
ALA N   CA   sing N N 1   
ALA N   H    sing N N 2   
ALA N   H2   sing N N 3   
ALA CA  C    sing N N 4   
ALA CA  CB   sing N N 5   
ALA CA  HA   sing N N 6   
ALA C   O    doub N N 7   
ALA C   OXT  sing N N 8   
ALA CB  HB1  sing N N 9   
ALA CB  HB2  sing N N 10  
ALA CB  HB3  sing N N 11  
ALA OXT HXT  sing N N 12  
ARG N   CA   sing N N 13  
ARG N   H    sing N N 14  
ARG N   H2   sing N N 15  
ARG CA  C    sing N N 16  
ARG CA  CB   sing N N 17  
ARG CA  HA   sing N N 18  
ARG C   O    doub N N 19  
ARG C   OXT  sing N N 20  
ARG CB  CG   sing N N 21  
ARG CB  HB2  sing N N 22  
ARG CB  HB3  sing N N 23  
ARG CG  CD   sing N N 24  
ARG CG  HG2  sing N N 25  
ARG CG  HG3  sing N N 26  
ARG CD  NE   sing N N 27  
ARG CD  HD2  sing N N 28  
ARG CD  HD3  sing N N 29  
ARG NE  CZ   sing N N 30  
ARG NE  HE   sing N N 31  
ARG CZ  NH1  sing N N 32  
ARG CZ  NH2  doub N N 33  
ARG NH1 HH11 sing N N 34  
ARG NH1 HH12 sing N N 35  
ARG NH2 HH21 sing N N 36  
ARG NH2 HH22 sing N N 37  
ARG OXT HXT  sing N N 38  
ASN N   CA   sing N N 39  
ASN N   H    sing N N 40  
ASN N   H2   sing N N 41  
ASN CA  C    sing N N 42  
ASN CA  CB   sing N N 43  
ASN CA  HA   sing N N 44  
ASN C   O    doub N N 45  
ASN C   OXT  sing N N 46  
ASN CB  CG   sing N N 47  
ASN CB  HB2  sing N N 48  
ASN CB  HB3  sing N N 49  
ASN CG  OD1  doub N N 50  
ASN CG  ND2  sing N N 51  
ASN ND2 HD21 sing N N 52  
ASN ND2 HD22 sing N N 53  
ASN OXT HXT  sing N N 54  
ASP N   CA   sing N N 55  
ASP N   H    sing N N 56  
ASP N   H2   sing N N 57  
ASP CA  C    sing N N 58  
ASP CA  CB   sing N N 59  
ASP CA  HA   sing N N 60  
ASP C   O    doub N N 61  
ASP C   OXT  sing N N 62  
ASP CB  CG   sing N N 63  
ASP CB  HB2  sing N N 64  
ASP CB  HB3  sing N N 65  
ASP CG  OD1  doub N N 66  
ASP CG  OD2  sing N N 67  
ASP OD2 HD2  sing N N 68  
ASP OXT HXT  sing N N 69  
CYS N   CA   sing N N 70  
CYS N   H    sing N N 71  
CYS N   H2   sing N N 72  
CYS CA  C    sing N N 73  
CYS CA  CB   sing N N 74  
CYS CA  HA   sing N N 75  
CYS C   O    doub N N 76  
CYS C   OXT  sing N N 77  
CYS CB  SG   sing N N 78  
CYS CB  HB2  sing N N 79  
CYS CB  HB3  sing N N 80  
CYS SG  HG   sing N N 81  
CYS OXT HXT  sing N N 82  
GLN N   CA   sing N N 83  
GLN N   H    sing N N 84  
GLN N   H2   sing N N 85  
GLN CA  C    sing N N 86  
GLN CA  CB   sing N N 87  
GLN CA  HA   sing N N 88  
GLN C   O    doub N N 89  
GLN C   OXT  sing N N 90  
GLN CB  CG   sing N N 91  
GLN CB  HB2  sing N N 92  
GLN CB  HB3  sing N N 93  
GLN CG  CD   sing N N 94  
GLN CG  HG2  sing N N 95  
GLN CG  HG3  sing N N 96  
GLN CD  OE1  doub N N 97  
GLN CD  NE2  sing N N 98  
GLN NE2 HE21 sing N N 99  
GLN NE2 HE22 sing N N 100 
GLN OXT HXT  sing N N 101 
GLU N   CA   sing N N 102 
GLU N   H    sing N N 103 
GLU N   H2   sing N N 104 
GLU CA  C    sing N N 105 
GLU CA  CB   sing N N 106 
GLU CA  HA   sing N N 107 
GLU C   O    doub N N 108 
GLU C   OXT  sing N N 109 
GLU CB  CG   sing N N 110 
GLU CB  HB2  sing N N 111 
GLU CB  HB3  sing N N 112 
GLU CG  CD   sing N N 113 
GLU CG  HG2  sing N N 114 
GLU CG  HG3  sing N N 115 
GLU CD  OE1  doub N N 116 
GLU CD  OE2  sing N N 117 
GLU OE2 HE2  sing N N 118 
GLU OXT HXT  sing N N 119 
GLY N   CA   sing N N 120 
GLY N   H    sing N N 121 
GLY N   H2   sing N N 122 
GLY CA  C    sing N N 123 
GLY CA  HA2  sing N N 124 
GLY CA  HA3  sing N N 125 
GLY C   O    doub N N 126 
GLY C   OXT  sing N N 127 
GLY OXT HXT  sing N N 128 
HIS N   CA   sing N N 129 
HIS N   H    sing N N 130 
HIS N   H2   sing N N 131 
HIS CA  C    sing N N 132 
HIS CA  CB   sing N N 133 
HIS CA  HA   sing N N 134 
HIS C   O    doub N N 135 
HIS C   OXT  sing N N 136 
HIS CB  CG   sing N N 137 
HIS CB  HB2  sing N N 138 
HIS CB  HB3  sing N N 139 
HIS CG  ND1  sing Y N 140 
HIS CG  CD2  doub Y N 141 
HIS ND1 CE1  doub Y N 142 
HIS ND1 HD1  sing N N 143 
HIS CD2 NE2  sing Y N 144 
HIS CD2 HD2  sing N N 145 
HIS CE1 NE2  sing Y N 146 
HIS CE1 HE1  sing N N 147 
HIS NE2 HE2  sing N N 148 
HIS OXT HXT  sing N N 149 
HOH O   H1   sing N N 150 
HOH O   H2   sing N N 151 
ILE N   CA   sing N N 152 
ILE N   H    sing N N 153 
ILE N   H2   sing N N 154 
ILE CA  C    sing N N 155 
ILE CA  CB   sing N N 156 
ILE CA  HA   sing N N 157 
ILE C   O    doub N N 158 
ILE C   OXT  sing N N 159 
ILE CB  CG1  sing N N 160 
ILE CB  CG2  sing N N 161 
ILE CB  HB   sing N N 162 
ILE CG1 CD1  sing N N 163 
ILE CG1 HG12 sing N N 164 
ILE CG1 HG13 sing N N 165 
ILE CG2 HG21 sing N N 166 
ILE CG2 HG22 sing N N 167 
ILE CG2 HG23 sing N N 168 
ILE CD1 HD11 sing N N 169 
ILE CD1 HD12 sing N N 170 
ILE CD1 HD13 sing N N 171 
ILE OXT HXT  sing N N 172 
LEU N   CA   sing N N 173 
LEU N   H    sing N N 174 
LEU N   H2   sing N N 175 
LEU CA  C    sing N N 176 
LEU CA  CB   sing N N 177 
LEU CA  HA   sing N N 178 
LEU C   O    doub N N 179 
LEU C   OXT  sing N N 180 
LEU CB  CG   sing N N 181 
LEU CB  HB2  sing N N 182 
LEU CB  HB3  sing N N 183 
LEU CG  CD1  sing N N 184 
LEU CG  CD2  sing N N 185 
LEU CG  HG   sing N N 186 
LEU CD1 HD11 sing N N 187 
LEU CD1 HD12 sing N N 188 
LEU CD1 HD13 sing N N 189 
LEU CD2 HD21 sing N N 190 
LEU CD2 HD22 sing N N 191 
LEU CD2 HD23 sing N N 192 
LEU OXT HXT  sing N N 193 
LYS N   CA   sing N N 194 
LYS N   H    sing N N 195 
LYS N   H2   sing N N 196 
LYS CA  C    sing N N 197 
LYS CA  CB   sing N N 198 
LYS CA  HA   sing N N 199 
LYS C   O    doub N N 200 
LYS C   OXT  sing N N 201 
LYS CB  CG   sing N N 202 
LYS CB  HB2  sing N N 203 
LYS CB  HB3  sing N N 204 
LYS CG  CD   sing N N 205 
LYS CG  HG2  sing N N 206 
LYS CG  HG3  sing N N 207 
LYS CD  CE   sing N N 208 
LYS CD  HD2  sing N N 209 
LYS CD  HD3  sing N N 210 
LYS CE  NZ   sing N N 211 
LYS CE  HE2  sing N N 212 
LYS CE  HE3  sing N N 213 
LYS NZ  HZ1  sing N N 214 
LYS NZ  HZ2  sing N N 215 
LYS NZ  HZ3  sing N N 216 
LYS OXT HXT  sing N N 217 
MET N   CA   sing N N 218 
MET N   H    sing N N 219 
MET N   H2   sing N N 220 
MET CA  C    sing N N 221 
MET CA  CB   sing N N 222 
MET CA  HA   sing N N 223 
MET C   O    doub N N 224 
MET C   OXT  sing N N 225 
MET CB  CG   sing N N 226 
MET CB  HB2  sing N N 227 
MET CB  HB3  sing N N 228 
MET CG  SD   sing N N 229 
MET CG  HG2  sing N N 230 
MET CG  HG3  sing N N 231 
MET SD  CE   sing N N 232 
MET CE  HE1  sing N N 233 
MET CE  HE2  sing N N 234 
MET CE  HE3  sing N N 235 
MET OXT HXT  sing N N 236 
PHE N   CA   sing N N 237 
PHE N   H    sing N N 238 
PHE N   H2   sing N N 239 
PHE CA  C    sing N N 240 
PHE CA  CB   sing N N 241 
PHE CA  HA   sing N N 242 
PHE C   O    doub N N 243 
PHE C   OXT  sing N N 244 
PHE CB  CG   sing N N 245 
PHE CB  HB2  sing N N 246 
PHE CB  HB3  sing N N 247 
PHE CG  CD1  doub Y N 248 
PHE CG  CD2  sing Y N 249 
PHE CD1 CE1  sing Y N 250 
PHE CD1 HD1  sing N N 251 
PHE CD2 CE2  doub Y N 252 
PHE CD2 HD2  sing N N 253 
PHE CE1 CZ   doub Y N 254 
PHE CE1 HE1  sing N N 255 
PHE CE2 CZ   sing Y N 256 
PHE CE2 HE2  sing N N 257 
PHE CZ  HZ   sing N N 258 
PHE OXT HXT  sing N N 259 
PRO N   CA   sing N N 260 
PRO N   CD   sing N N 261 
PRO N   H    sing N N 262 
PRO CA  C    sing N N 263 
PRO CA  CB   sing N N 264 
PRO CA  HA   sing N N 265 
PRO C   O    doub N N 266 
PRO C   OXT  sing N N 267 
PRO CB  CG   sing N N 268 
PRO CB  HB2  sing N N 269 
PRO CB  HB3  sing N N 270 
PRO CG  CD   sing N N 271 
PRO CG  HG2  sing N N 272 
PRO CG  HG3  sing N N 273 
PRO CD  HD2  sing N N 274 
PRO CD  HD3  sing N N 275 
PRO OXT HXT  sing N N 276 
SER N   CA   sing N N 277 
SER N   H    sing N N 278 
SER N   H2   sing N N 279 
SER CA  C    sing N N 280 
SER CA  CB   sing N N 281 
SER CA  HA   sing N N 282 
SER C   O    doub N N 283 
SER C   OXT  sing N N 284 
SER CB  OG   sing N N 285 
SER CB  HB2  sing N N 286 
SER CB  HB3  sing N N 287 
SER OG  HG   sing N N 288 
SER OXT HXT  sing N N 289 
THR N   CA   sing N N 290 
THR N   H    sing N N 291 
THR N   H2   sing N N 292 
THR CA  C    sing N N 293 
THR CA  CB   sing N N 294 
THR CA  HA   sing N N 295 
THR C   O    doub N N 296 
THR C   OXT  sing N N 297 
THR CB  OG1  sing N N 298 
THR CB  CG2  sing N N 299 
THR CB  HB   sing N N 300 
THR OG1 HG1  sing N N 301 
THR CG2 HG21 sing N N 302 
THR CG2 HG22 sing N N 303 
THR CG2 HG23 sing N N 304 
THR OXT HXT  sing N N 305 
TRP N   CA   sing N N 306 
TRP N   H    sing N N 307 
TRP N   H2   sing N N 308 
TRP CA  C    sing N N 309 
TRP CA  CB   sing N N 310 
TRP CA  HA   sing N N 311 
TRP C   O    doub N N 312 
TRP C   OXT  sing N N 313 
TRP CB  CG   sing N N 314 
TRP CB  HB2  sing N N 315 
TRP CB  HB3  sing N N 316 
TRP CG  CD1  doub Y N 317 
TRP CG  CD2  sing Y N 318 
TRP CD1 NE1  sing Y N 319 
TRP CD1 HD1  sing N N 320 
TRP CD2 CE2  doub Y N 321 
TRP CD2 CE3  sing Y N 322 
TRP NE1 CE2  sing Y N 323 
TRP NE1 HE1  sing N N 324 
TRP CE2 CZ2  sing Y N 325 
TRP CE3 CZ3  doub Y N 326 
TRP CE3 HE3  sing N N 327 
TRP CZ2 CH2  doub Y N 328 
TRP CZ2 HZ2  sing N N 329 
TRP CZ3 CH2  sing Y N 330 
TRP CZ3 HZ3  sing N N 331 
TRP CH2 HH2  sing N N 332 
TRP OXT HXT  sing N N 333 
TYR N   CA   sing N N 334 
TYR N   H    sing N N 335 
TYR N   H2   sing N N 336 
TYR CA  C    sing N N 337 
TYR CA  CB   sing N N 338 
TYR CA  HA   sing N N 339 
TYR C   O    doub N N 340 
TYR C   OXT  sing N N 341 
TYR CB  CG   sing N N 342 
TYR CB  HB2  sing N N 343 
TYR CB  HB3  sing N N 344 
TYR CG  CD1  doub Y N 345 
TYR CG  CD2  sing Y N 346 
TYR CD1 CE1  sing Y N 347 
TYR CD1 HD1  sing N N 348 
TYR CD2 CE2  doub Y N 349 
TYR CD2 HD2  sing N N 350 
TYR CE1 CZ   doub Y N 351 
TYR CE1 HE1  sing N N 352 
TYR CE2 CZ   sing Y N 353 
TYR CE2 HE2  sing N N 354 
TYR CZ  OH   sing N N 355 
TYR OH  HH   sing N N 356 
TYR OXT HXT  sing N N 357 
VAL N   CA   sing N N 358 
VAL N   H    sing N N 359 
VAL N   H2   sing N N 360 
VAL CA  C    sing N N 361 
VAL CA  CB   sing N N 362 
VAL CA  HA   sing N N 363 
VAL C   O    doub N N 364 
VAL C   OXT  sing N N 365 
VAL CB  CG1  sing N N 366 
VAL CB  CG2  sing N N 367 
VAL CB  HB   sing N N 368 
VAL CG1 HG11 sing N N 369 
VAL CG1 HG12 sing N N 370 
VAL CG1 HG13 sing N N 371 
VAL CG2 HG21 sing N N 372 
VAL CG2 HG22 sing N N 373 
VAL CG2 HG23 sing N N 374 
VAL OXT HXT  sing N N 375 
# 
_atom_sites.entry_id                    2A9I 
_atom_sites.fract_transf_matrix[1][1]   0.00886005 
_atom_sites.fract_transf_matrix[1][2]   -0.00476196 
_atom_sites.fract_transf_matrix[1][3]   0.01157033 
_atom_sites.fract_transf_matrix[2][1]   -0.01328780 
_atom_sites.fract_transf_matrix[2][2]   0.01550195 
_atom_sites.fract_transf_matrix[2][3]   0.01655529 
_atom_sites.fract_transf_matrix[3][1]   -0.00567008 
_atom_sites.fract_transf_matrix[3][2]   -0.01807823 
_atom_sites.fract_transf_matrix[3][3]   0.01237700 
_atom_sites.fract_transf_vector[1]      0.072155 
_atom_sites.fract_transf_vector[2]      0.988437 
_atom_sites.fract_transf_vector[3]      0.304537 
# 
loop_
_atom_type.symbol 
C  
MN 
N  
O  
S  
# 
loop_
_atom_site.group_PDB 
_atom_site.id 
_atom_site.type_symbol 
_atom_site.label_atom_id 
_atom_site.label_alt_id 
_atom_site.label_comp_id 
_atom_site.label_asym_id 
_atom_site.label_entity_id 
_atom_site.label_seq_id 
_atom_site.pdbx_PDB_ins_code 
_atom_site.Cartn_x 
_atom_site.Cartn_y 
_atom_site.Cartn_z 
_atom_site.occupancy 
_atom_site.B_iso_or_equiv 
_atom_site.pdbx_formal_charge 
_atom_site.auth_seq_id 
_atom_site.auth_comp_id 
_atom_site.auth_asym_id 
_atom_site.auth_atom_id 
_atom_site.pdbx_PDB_model_num 
ATOM   1   N  N   . LYS A 1 3   ? 6.516   -2.752  -17.940 1.00 49.26 ? 3   LYS A N   1 
ATOM   2   C  CA  . LYS A 1 3   ? 5.230   -2.450  -18.644 1.00 48.97 ? 3   LYS A CA  1 
ATOM   3   C  C   . LYS A 1 3   ? 4.457   -1.387  -17.871 1.00 48.26 ? 3   LYS A C   1 
ATOM   4   O  O   . LYS A 1 3   ? 4.447   -1.424  -16.633 1.00 48.75 ? 3   LYS A O   1 
ATOM   5   C  CB  . LYS A 1 3   ? 4.391   -3.735  -18.804 1.00 49.45 ? 3   LYS A CB  1 
ATOM   6   N  N   . PRO A 1 4   ? 3.810   -0.434  -18.588 1.00 47.05 ? 4   PRO A N   1 
ATOM   7   C  CA  . PRO A 1 4   ? 3.032   0.631   -17.951 1.00 45.68 ? 4   PRO A CA  1 
ATOM   8   C  C   . PRO A 1 4   ? 1.934   0.070   -17.043 1.00 43.62 ? 4   PRO A C   1 
ATOM   9   O  O   . PRO A 1 4   ? 1.222   -0.852  -17.429 1.00 44.27 ? 4   PRO A O   1 
ATOM   10  C  CB  . PRO A 1 4   ? 2.399   1.371   -19.142 1.00 45.86 ? 4   PRO A CB  1 
ATOM   11  C  CG  . PRO A 1 4   ? 2.482   0.403   -20.283 1.00 47.14 ? 4   PRO A CG  1 
ATOM   12  C  CD  . PRO A 1 4   ? 3.773   -0.310  -20.054 1.00 47.58 ? 4   PRO A CD  1 
ATOM   13  N  N   . LEU A 1 5   ? 1.802   0.637   -15.850 1.00 40.81 ? 5   LEU A N   1 
ATOM   14  C  CA  . LEU A 1 5   ? 0.767   0.216   -14.912 1.00 37.65 ? 5   LEU A CA  1 
ATOM   15  C  C   . LEU A 1 5   ? -0.619  0.541   -15.453 1.00 36.20 ? 5   LEU A C   1 
ATOM   16  O  O   . LEU A 1 5   ? -0.797  1.526   -16.155 1.00 35.45 ? 5   LEU A O   1 
ATOM   17  C  CB  . LEU A 1 5   ? 0.982   0.910   -13.555 1.00 36.97 ? 5   LEU A CB  1 
ATOM   18  C  CG  . LEU A 1 5   ? 2.359   0.742   -12.915 1.00 36.51 ? 5   LEU A CG  1 
ATOM   19  C  CD1 . LEU A 1 5   ? 2.382   1.369   -11.522 1.00 38.10 ? 5   LEU A CD1 1 
ATOM   20  C  CD2 . LEU A 1 5   ? 2.777   -0.699  -12.832 1.00 36.87 ? 5   LEU A CD2 1 
ATOM   21  N  N   . THR A 1 6   ? -1.596  -0.306  -15.136 1.00 34.17 ? 6   THR A N   1 
ATOM   22  C  CA  . THR A 1 6   ? -3.008  -0.027  -15.386 1.00 33.50 ? 6   THR A CA  1 
ATOM   23  C  C   . THR A 1 6   ? -3.757  -0.358  -14.086 1.00 32.01 ? 6   THR A C   1 
ATOM   24  O  O   . THR A 1 6   ? -3.176  -0.989  -13.219 1.00 32.00 ? 6   THR A O   1 
ATOM   25  C  CB  . THR A 1 6   ? -3.564  -0.928  -16.522 1.00 33.72 ? 6   THR A CB  1 
ATOM   26  O  OG1 . THR A 1 6   ? -3.778  -2.246  -16.009 1.00 33.74 ? 6   THR A OG1 1 
ATOM   27  C  CG2 . THR A 1 6   ? -2.567  -1.006  -17.697 1.00 34.56 ? 6   THR A CG2 1 
ATOM   28  N  N   . PRO A 1 7   ? -5.029  0.062   -13.946 1.00 31.90 ? 7   PRO A N   1 
ATOM   29  C  CA  . PRO A 1 7   ? -5.779  -0.330  -12.753 1.00 30.65 ? 7   PRO A CA  1 
ATOM   30  C  C   . PRO A 1 7   ? -5.831  -1.811  -12.495 1.00 30.05 ? 7   PRO A C   1 
ATOM   31  O  O   . PRO A 1 7   ? -5.973  -2.205  -11.340 1.00 28.08 ? 7   PRO A O   1 
ATOM   32  C  CB  . PRO A 1 7   ? -7.176  0.184   -13.041 1.00 31.07 ? 7   PRO A CB  1 
ATOM   33  C  CG  . PRO A 1 7   ? -6.951  1.368   -13.912 1.00 32.69 ? 7   PRO A CG  1 
ATOM   34  C  CD  . PRO A 1 7   ? -5.832  0.957   -14.806 1.00 31.70 ? 7   PRO A CD  1 
ATOM   35  N  N   . SER A 1 8   ? -5.733  -2.634  -13.560 1.00 29.88 ? 8   SER A N   1 
ATOM   36  C  CA  . SER A 1 8   ? -5.769  -4.103  -13.443 1.00 30.39 ? 8   SER A CA  1 
ATOM   37  C  C   . SER A 1 8   ? -4.463  -4.807  -13.049 1.00 30.04 ? 8   SER A C   1 
ATOM   38  O  O   . SER A 1 8   ? -4.478  -5.994  -12.708 1.00 30.57 ? 8   SER A O   1 
ATOM   39  C  CB  . SER A 1 8   ? -6.311  -4.721  -14.747 1.00 30.86 ? 8   SER A CB  1 
ATOM   40  O  OG  . SER A 1 8   ? -7.574  -4.167  -15.017 1.00 33.34 ? 8   SER A OG  1 
ATOM   41  N  N   . THR A 1 9   ? -3.325  -4.103  -13.093 1.00 29.09 ? 9   THR A N   1 
ATOM   42  C  CA  . THR A 1 9   ? -2.047  -4.694  -12.741 1.00 28.24 ? 9   THR A CA  1 
ATOM   43  C  C   . THR A 1 9   ? -2.097  -5.244  -11.326 1.00 27.17 ? 9   THR A C   1 
ATOM   44  O  O   . THR A 1 9   ? -2.549  -4.534  -10.427 1.00 26.51 ? 9   THR A O   1 
ATOM   45  C  CB  . THR A 1 9   ? -0.957  -3.632  -12.792 1.00 28.71 ? 9   THR A CB  1 
ATOM   46  O  OG1 . THR A 1 9   ? -0.897  -3.119  -14.133 1.00 32.06 ? 9   THR A OG1 1 
ATOM   47  C  CG2 . THR A 1 9   ? 0.396   -4.215  -12.389 1.00 29.82 ? 9   THR A CG2 1 
ATOM   48  N  N   . TYR A 1 10  ? -1.610  -6.461  -11.099 1.00 26.99 ? 10  TYR A N   1 
ATOM   49  C  CA  . TYR A 1 10  ? -1.611  -6.967  -9.717  1.00 27.12 ? 10  TYR A CA  1 
ATOM   50  C  C   . TYR A 1 10  ? -0.491  -6.296  -8.910  1.00 26.26 ? 10  TYR A C   1 
ATOM   51  O  O   . TYR A 1 10  ? 0.612   -6.089  -9.407  1.00 25.06 ? 10  TYR A O   1 
ATOM   52  C  CB  . TYR A 1 10  ? -1.427  -8.462  -9.674  1.00 29.04 ? 10  TYR A CB  1 
ATOM   53  C  CG  . TYR A 1 10  ? -2.535  -9.247  -10.326 1.00 31.10 ? 10  TYR A CG  1 
ATOM   54  C  CD1 . TYR A 1 10  ? -3.867  -8.996  -10.043 1.00 34.26 ? 10  TYR A CD1 1 
ATOM   55  C  CD2 . TYR A 1 10  ? -2.225  -10.267 -11.211 1.00 38.02 ? 10  TYR A CD2 1 
ATOM   56  C  CE1 . TYR A 1 10  ? -4.884  -9.754  -10.650 1.00 36.99 ? 10  TYR A CE1 1 
ATOM   57  C  CE2 . TYR A 1 10  ? -3.207  -11.022 -11.813 1.00 36.83 ? 10  TYR A CE2 1 
ATOM   58  C  CZ  . TYR A 1 10  ? -4.522  -10.766 -11.535 1.00 36.72 ? 10  TYR A CZ  1 
ATOM   59  O  OH  . TYR A 1 10  ? -5.461  -11.575 -12.165 1.00 38.15 ? 10  TYR A OH  1 
ATOM   60  N  N   . ILE A 1 11  ? -0.767  -5.979  -7.643  1.00 26.25 ? 11  ILE A N   1 
ATOM   61  C  CA  . ILE A 1 11  ? 0.268   -5.473  -6.754  1.00 26.32 ? 11  ILE A CA  1 
ATOM   62  C  C   . ILE A 1 11  ? 1.485   -6.406  -6.668  1.00 26.79 ? 11  ILE A C   1 
ATOM   63  O  O   . ILE A 1 11  ? 2.640   -5.941  -6.535  1.00 26.82 ? 11  ILE A O   1 
ATOM   64  C  CB  . ILE A 1 11  ? -0.334  -5.263  -5.315  1.00 26.47 ? 11  ILE A CB  1 
ATOM   65  C  CG1 . ILE A 1 11  ? -1.426  -4.183  -5.347  1.00 26.77 ? 11  ILE A CG1 1 
ATOM   66  C  CG2 . ILE A 1 11  ? 0.752   -4.994  -4.302  1.00 26.35 ? 11  ILE A CG2 1 
ATOM   67  C  CD1 . ILE A 1 11  ? -0.982  -2.829  -5.865  1.00 28.65 ? 11  ILE A CD1 1 
ATOM   68  N  N   . ARG A 1 12  ? 1.261   -7.718  -6.712  1.00 26.06 ? 12  ARG A N   1 
ATOM   69  C  CA  . ARG A 1 12  ? 2.391   -8.661  -6.557  1.00 28.63 ? 12  ARG A CA  1 
ATOM   70  C  C   . ARG A 1 12  ? 3.367   -8.608  -7.757  1.00 28.80 ? 12  ARG A C   1 
ATOM   71  O  O   . ARG A 1 12  ? 4.452   -9.208  -7.707  1.00 29.47 ? 12  ARG A O   1 
ATOM   72  C  CB  . ARG A 1 12  ? 1.900   -10.099 -6.324  1.00 28.10 ? 12  ARG A CB  1 
ATOM   73  C  CG  . ARG A 1 12  ? 1.124   -10.711 -7.498  1.00 31.41 ? 12  ARG A CG  1 
ATOM   74  C  CD  . ARG A 1 12  ? 0.578   -12.182 -7.243  1.00 32.12 ? 12  ARG A CD  1 
ATOM   75  N  NE  . ARG A 1 12  ? 0.236   -12.776 -8.535  1.00 40.88 ? 12  ARG A NE  1 
ATOM   76  C  CZ  . ARG A 1 12  ? -0.978  -12.842 -9.075  1.00 43.47 ? 12  ARG A CZ  1 
ATOM   77  N  NH1 . ARG A 1 12  ? -2.040  -12.390 -8.428  1.00 44.54 ? 12  ARG A NH1 1 
ATOM   78  N  NH2 . ARG A 1 12  ? -1.138  -13.387 -10.279 1.00 46.32 ? 12  ARG A NH2 1 
ATOM   79  N  N   . ASN A 1 13  ? 2.973   -7.912  -8.819  1.00 29.47 ? 13  ASN A N   1 
ATOM   80  C  CA  . ASN A 1 13  ? 3.811   -7.794  -10.025 1.00 29.79 ? 13  ASN A CA  1 
ATOM   81  C  C   . ASN A 1 13  ? 4.515   -6.455  -10.142 1.00 30.98 ? 13  ASN A C   1 
ATOM   82  O  O   . ASN A 1 13  ? 5.142   -6.147  -11.175 1.00 31.30 ? 13  ASN A O   1 
ATOM   83  C  CB  . ASN A 1 13  ? 2.972   -8.096  -11.269 1.00 30.82 ? 13  ASN A CB  1 
ATOM   84  C  CG  . ASN A 1 13  ? 2.649   -9.569  -11.374 1.00 30.18 ? 13  ASN A CG  1 
ATOM   85  O  OD1 . ASN A 1 13  ? 3.421   -10.406 -10.905 1.00 33.48 ? 13  ASN A OD1 1 
ATOM   86  N  ND2 . ASN A 1 13  ? 1.504   -9.894  -11.954 1.00 33.86 ? 13  ASN A ND2 1 
ATOM   87  N  N   . LEU A 1 14  ? 4.422   -5.630  -9.094  1.00 29.82 ? 14  LEU A N   1 
ATOM   88  C  CA  . LEU A 1 14  ? 5.077   -4.328  -9.161  1.00 29.94 ? 14  LEU A CA  1 
ATOM   89  C  C   . LEU A 1 14  ? 6.570   -4.559  -9.068  1.00 29.20 ? 14  LEU A C   1 
ATOM   90  O  O   . LEU A 1 14  ? 7.014   -5.411  -8.298  1.00 31.21 ? 14  LEU A O   1 
ATOM   91  C  CB  . LEU A 1 14  ? 4.627   -3.443  -7.986  1.00 29.13 ? 14  LEU A CB  1 
ATOM   92  C  CG  . LEU A 1 14  ? 3.211   -2.849  -8.104  1.00 29.22 ? 14  LEU A CG  1 
ATOM   93  C  CD1 . LEU A 1 14  ? 2.890   -2.072  -6.804  1.00 28.88 ? 14  LEU A CD1 1 
ATOM   94  C  CD2 . LEU A 1 14  ? 3.026   -1.936  -9.312  1.00 33.00 ? 14  LEU A CD2 1 
ATOM   95  N  N   . ASN A 1 15  ? 7.362   -3.791  -9.820  1.00 31.00 ? 15  ASN A N   1 
ATOM   96  C  CA  . ASN A 1 15  ? 8.814   -3.961  -9.756  1.00 30.99 ? 15  ASN A CA  1 
ATOM   97  C  C   . ASN A 1 15  ? 9.467   -3.340  -8.515  1.00 30.93 ? 15  ASN A C   1 
ATOM   98  O  O   . ASN A 1 15  ? 8.841   -2.535  -7.778  1.00 29.58 ? 15  ASN A O   1 
ATOM   99  C  CB  . ASN A 1 15  ? 9.511   -3.527  -11.075 1.00 32.05 ? 15  ASN A CB  1 
ATOM   100 C  CG  . ASN A 1 15  ? 9.390   -2.033  -11.367 1.00 34.17 ? 15  ASN A CG  1 
ATOM   101 O  OD1 . ASN A 1 15  ? 9.594   -1.185  -10.499 1.00 37.43 ? 15  ASN A OD1 1 
ATOM   102 N  ND2 . ASN A 1 15  ? 9.122   -1.706  -12.615 1.00 38.38 ? 15  ASN A ND2 1 
ATOM   103 N  N   . VAL A 1 16  ? 10.706  -3.732  -8.249  1.00 29.28 ? 16  VAL A N   1 
ATOM   104 C  CA  . VAL A 1 16  ? 11.420  -3.272  -7.062  1.00 29.43 ? 16  VAL A CA  1 
ATOM   105 C  C   . VAL A 1 16  ? 11.454  -1.734  -7.011  1.00 28.40 ? 16  VAL A C   1 
ATOM   106 O  O   . VAL A 1 16  ? 11.264  -1.140  -5.952  1.00 26.57 ? 16  VAL A O   1 
ATOM   107 C  CB  . VAL A 1 16  ? 12.874  -3.844  -6.994  1.00 29.68 ? 16  VAL A CB  1 
ATOM   108 C  CG1 . VAL A 1 16  ? 13.659  -3.236  -5.829  1.00 30.69 ? 16  VAL A CG1 1 
ATOM   109 C  CG2 . VAL A 1 16  ? 12.821  -5.361  -6.827  1.00 33.03 ? 16  VAL A CG2 1 
ATOM   110 N  N   . GLY A 1 17  ? 11.691  -1.102  -8.157  1.00 27.87 ? 17  GLY A N   1 
ATOM   111 C  CA  . GLY A 1 17  ? 11.837  0.358   -8.176  1.00 26.63 ? 17  GLY A CA  1 
ATOM   112 C  C   . GLY A 1 17  ? 10.599  1.087   -7.671  1.00 25.69 ? 17  GLY A C   1 
ATOM   113 O  O   . GLY A 1 17  ? 10.689  2.053   -6.882  1.00 25.51 ? 17  GLY A O   1 
ATOM   114 N  N   . ILE A 1 18  ? 9.454   0.625   -8.145  1.00 24.32 ? 18  ILE A N   1 
ATOM   115 C  CA  . ILE A 1 18  ? 8.172   1.259   -7.803  1.00 24.42 ? 18  ILE A CA  1 
ATOM   116 C  C   . ILE A 1 18  ? 7.862   0.954   -6.350  1.00 23.29 ? 18  ILE A C   1 
ATOM   117 O  O   . ILE A 1 18  ? 7.416   1.829   -5.594  1.00 21.71 ? 18  ILE A O   1 
ATOM   118 C  CB  . ILE A 1 18  ? 7.025   0.757   -8.684  1.00 24.84 ? 18  ILE A CB  1 
ATOM   119 C  CG1 . ILE A 1 18  ? 7.195   1.218   -10.130 1.00 27.21 ? 18  ILE A CG1 1 
ATOM   120 C  CG2 . ILE A 1 18  ? 5.724   1.393   -8.244  1.00 27.28 ? 18  ILE A CG2 1 
ATOM   121 C  CD1 . ILE A 1 18  ? 6.088   0.691   -11.055 1.00 29.52 ? 18  ILE A CD1 1 
ATOM   122 N  N   . LEU A 1 19  ? 8.142   -0.276  -5.920  1.00 22.41 ? 19  LEU A N   1 
ATOM   123 C  CA  . LEU A 1 19  ? 7.927   -0.586  -4.500  1.00 21.46 ? 19  LEU A CA  1 
ATOM   124 C  C   . LEU A 1 19  ? 8.778   0.276   -3.551  1.00 22.56 ? 19  LEU A C   1 
ATOM   125 O  O   . LEU A 1 19  ? 8.269   0.762   -2.530  1.00 21.42 ? 19  LEU A O   1 
ATOM   126 C  CB  . LEU A 1 19  ? 8.139   -2.105  -4.232  1.00 21.84 ? 19  LEU A CB  1 
ATOM   127 C  CG  . LEU A 1 19  ? 7.074   -2.989  -4.873  1.00 22.59 ? 19  LEU A CG  1 
ATOM   128 C  CD1 . LEU A 1 19  ? 7.557   -4.432  -4.851  1.00 28.13 ? 19  LEU A CD1 1 
ATOM   129 C  CD2 . LEU A 1 19  ? 5.734   -2.868  -4.125  1.00 24.38 ? 19  LEU A CD2 1 
ATOM   130 N  N   . ARG A 1 20  ? 10.058  0.452   -3.865  1.00 21.83 ? 20  ARG A N   1 
ATOM   131 C  CA  . ARG A 1 20  ? 10.927  1.309   -3.071  1.00 22.69 ? 20  ARG A CA  1 
ATOM   132 C  C   . ARG A 1 20  ? 10.389  2.753   -3.063  1.00 20.99 ? 20  ARG A C   1 
ATOM   133 O  O   . ARG A 1 20  ? 10.373  3.415   -1.990  1.00 20.62 ? 20  ARG A O   1 
ATOM   134 C  CB  . ARG A 1 20  ? 12.360  1.278   -3.580  1.00 23.47 ? 20  ARG A CB  1 
ATOM   135 C  CG  . ARG A 1 20  ? 13.069  -0.105  -3.380  1.00 26.94 ? 20  ARG A CG  1 
ATOM   136 C  CD  . ARG A 1 20  ? 14.561  0.035   -3.682  1.00 32.71 ? 20  ARG A CD  1 
ATOM   137 N  NE  . ARG A 1 20  ? 15.254  0.909   -2.744  1.00 40.53 ? 20  ARG A NE  1 
ATOM   138 C  CZ  . ARG A 1 20  ? 15.928  0.497   -1.673  1.00 46.16 ? 20  ARG A CZ  1 
ATOM   139 N  NH1 . ARG A 1 20  ? 16.018  -0.801  -1.400  1.00 47.27 ? 20  ARG A NH1 1 
ATOM   140 N  NH2 . ARG A 1 20  ? 16.527  1.392   -0.874  1.00 48.49 ? 20  ARG A NH2 1 
ATOM   141 N  N   . LYS A 1 21  ? 9.933   3.238   -4.223  1.00 19.72 ? 21  LYS A N   1 
ATOM   142 C  CA  . LYS A 1 21  ? 9.466   4.642   -4.272  1.00 19.18 ? 21  LYS A CA  1 
ATOM   143 C  C   . LYS A 1 21  ? 8.165   4.757   -3.479  1.00 17.95 ? 21  LYS A C   1 
ATOM   144 O  O   . LYS A 1 21  ? 7.942   5.718   -2.763  1.00 18.49 ? 21  LYS A O   1 
ATOM   145 C  CB  . LYS A 1 21  ? 9.305   5.145   -5.726  1.00 19.39 ? 21  LYS A CB  1 
ATOM   146 C  CG  . LYS A 1 21  ? 8.902   6.648   -5.847  1.00 20.17 ? 21  LYS A CG  1 
ATOM   147 C  CD  . LYS A 1 21  ? 9.750   7.584   -4.960  1.00 20.61 ? 21  LYS A CD  1 
ATOM   148 C  CE  . LYS A 1 21  ? 11.157  7.736   -5.472  1.00 22.73 ? 21  LYS A CE  1 
ATOM   149 N  NZ  . LYS A 1 21  ? 11.993  6.580   -5.547  1.00 34.24 ? 21  LYS A NZ  1 
ATOM   150 N  N   . LEU A 1 22  ? 7.316   3.749   -3.590  1.00 18.51 ? 22  LEU A N   1 
ATOM   151 C  CA  . LEU A 1 22  ? 6.063   3.774   -2.794  1.00 17.71 ? 22  LEU A CA  1 
ATOM   152 C  C   . LEU A 1 22  ? 6.403   3.844   -1.305  1.00 18.23 ? 22  LEU A C   1 
ATOM   153 O  O   . LEU A 1 22  ? 5.755   4.589   -0.566  1.00 18.94 ? 22  LEU A O   1 
ATOM   154 C  CB  . LEU A 1 22  ? 5.252   2.503   -3.095  1.00 17.19 ? 22  LEU A CB  1 
ATOM   155 C  CG  . LEU A 1 22  ? 4.436   2.537   -4.380  1.00 17.72 ? 22  LEU A CG  1 
ATOM   156 C  CD1 . LEU A 1 22  ? 3.831   1.169   -4.625  1.00 19.35 ? 22  LEU A CD1 1 
ATOM   157 C  CD2 . LEU A 1 22  ? 3.309   3.562   -4.313  1.00 17.20 ? 22  LEU A CD2 1 
ATOM   158 N  N   . SER A 1 23  ? 7.412   3.067   -0.880  1.00 19.07 ? 23  SER A N   1 
ATOM   159 C  CA  . SER A 1 23  ? 7.942   3.120   0.484   1.00 19.12 ? 23  SER A CA  1 
ATOM   160 C  C   . SER A 1 23  ? 8.394   4.515   0.871   1.00 18.36 ? 23  SER A C   1 
ATOM   161 O  O   . SER A 1 23  ? 8.093   4.961   1.950   1.00 17.75 ? 23  SER A O   1 
ATOM   162 C  CB  . SER A 1 23  ? 9.100   2.123   0.687   1.00 21.57 ? 23  SER A CB  1 
ATOM   163 O  OG  . SER A 1 23  ? 8.533   0.828   0.528   1.00 29.01 ? 23  SER A OG  1 
ATOM   164 N  N   . ASP A 1 24  ? 9.086   5.223   -0.013  1.00 19.32 ? 24  ASP A N   1 
ATOM   165 C  CA  . ASP A 1 24  ? 9.531   6.584   0.303   1.00 18.63 ? 24  ASP A CA  1 
ATOM   166 C  C   . ASP A 1 24  ? 8.324   7.501   0.601   1.00 17.46 ? 24  ASP A C   1 
ATOM   167 O  O   . ASP A 1 24  ? 8.423   8.421   1.418   1.00 18.46 ? 24  ASP A O   1 
ATOM   168 C  CB  . ASP A 1 24  ? 10.281  7.179   -0.896  1.00 19.47 ? 24  ASP A CB  1 
ATOM   169 C  CG  . ASP A 1 24  ? 11.639  6.479   -1.171  1.00 21.75 ? 24  ASP A CG  1 
ATOM   170 O  OD1 . ASP A 1 24  ? 12.230  5.870   -0.212  1.00 20.01 ? 24  ASP A OD1 1 
ATOM   171 O  OD2 . ASP A 1 24  ? 12.096  6.557   -2.339  1.00 20.40 ? 24  ASP A OD2 1 
ATOM   172 N  N   . PHE A 1 25  ? 7.222   7.308   -0.142  1.00 17.34 ? 25  PHE A N   1 
ATOM   173 C  CA  . PHE A 1 25  ? 6.025   8.123   0.075   1.00 16.76 ? 25  PHE A CA  1 
ATOM   174 C  C   . PHE A 1 25  ? 5.140   7.702   1.250   1.00 17.50 ? 25  PHE A C   1 
ATOM   175 O  O   . PHE A 1 25  ? 4.464   8.543   1.845   1.00 17.26 ? 25  PHE A O   1 
ATOM   176 C  CB  . PHE A 1 25  ? 5.150   8.090   -1.178  1.00 17.62 ? 25  PHE A CB  1 
ATOM   177 C  CG  . PHE A 1 25  ? 5.673   8.907   -2.324  1.00 18.50 ? 25  PHE A CG  1 
ATOM   178 C  CD1 . PHE A 1 25  ? 5.768   10.300  -2.227  1.00 20.28 ? 25  PHE A CD1 1 
ATOM   179 C  CD2 . PHE A 1 25  ? 5.965   8.309   -3.512  1.00 19.05 ? 25  PHE A CD2 1 
ATOM   180 C  CE1 . PHE A 1 25  ? 6.227   11.060  -3.301  1.00 22.25 ? 25  PHE A CE1 1 
ATOM   181 C  CE2 . PHE A 1 25  ? 6.427   9.071   -4.629  1.00 22.39 ? 25  PHE A CE2 1 
ATOM   182 C  CZ  . PHE A 1 25  ? 6.556   10.446  -4.499  1.00 20.27 ? 25  PHE A CZ  1 
ATOM   183 N  N   . ILE A 1 26  ? 5.143   6.405   1.572   1.00 15.28 ? 26  ILE A N   1 
ATOM   184 C  CA  . ILE A 1 26  ? 4.139   5.846   2.496   1.00 16.23 ? 26  ILE A CA  1 
ATOM   185 C  C   . ILE A 1 26  ? 4.734   5.541   3.878   1.00 16.55 ? 26  ILE A C   1 
ATOM   186 O  O   . ILE A 1 26  ? 4.045   5.656   4.901   1.00 17.53 ? 26  ILE A O   1 
ATOM   187 C  CB  . ILE A 1 26  ? 3.443   4.585   1.892   1.00 15.57 ? 26  ILE A CB  1 
ATOM   188 C  CG1 . ILE A 1 26  ? 2.663   5.015   0.629   1.00 16.47 ? 26  ILE A CG1 1 
ATOM   189 C  CG2 . ILE A 1 26  ? 2.459   3.964   2.914   1.00 15.87 ? 26  ILE A CG2 1 
ATOM   190 C  CD1 . ILE A 1 26  ? 2.222   3.790   -0.200  1.00 16.31 ? 26  ILE A CD1 1 
ATOM   191 N  N   . ASP A 1 27  ? 6.019   5.164   3.934   1.00 17.54 ? 27  ASP A N   1 
ATOM   192 C  CA  . ASP A 1 27  ? 6.598   4.844   5.275   1.00 18.19 ? 27  ASP A CA  1 
ATOM   193 C  C   . ASP A 1 27  ? 6.624   6.057   6.245   1.00 19.15 ? 27  ASP A C   1 
ATOM   194 O  O   . ASP A 1 27  ? 6.375   5.894   7.457   1.00 19.41 ? 27  ASP A O   1 
ATOM   195 C  CB  . ASP A 1 27  ? 8.017   4.279   5.140   1.00 17.65 ? 27  ASP A CB  1 
ATOM   196 C  CG  . ASP A 1 27  ? 8.047   2.776   4.783   1.00 17.55 ? 27  ASP A CG  1 
ATOM   197 O  OD1 . ASP A 1 27  ? 6.987   2.112   4.921   1.00 20.70 ? 27  ASP A OD1 1 
ATOM   198 O  OD2 . ASP A 1 27  ? 9.125   2.316   4.349   1.00 21.49 ? 27  ASP A OD2 1 
ATOM   199 N  N   . PRO A 1 28  ? 6.957   7.273   5.740   1.00 19.59 ? 28  PRO A N   1 
ATOM   200 C  CA  . PRO A 1 28  ? 6.971   8.385   6.669   1.00 21.54 ? 28  PRO A CA  1 
ATOM   201 C  C   . PRO A 1 28  ? 5.631   8.719   7.305   1.00 21.54 ? 28  PRO A C   1 
ATOM   202 O  O   . PRO A 1 28  ? 4.552   8.526   6.710   1.00 20.25 ? 28  PRO A O   1 
ATOM   203 C  CB  . PRO A 1 28  ? 7.435   9.572   5.799   1.00 20.82 ? 28  PRO A CB  1 
ATOM   204 C  CG  . PRO A 1 28  ? 8.185   8.951   4.716   1.00 20.69 ? 28  PRO A CG  1 
ATOM   205 C  CD  . PRO A 1 28  ? 7.364   7.711   4.395   1.00 19.80 ? 28  PRO A CD  1 
ATOM   206 N  N   . GLN A 1 29  ? 5.711   9.295   8.511   1.00 22.78 ? 29  GLN A N   1 
ATOM   207 C  CA  . GLN A 1 29  ? 4.519   9.864   9.146   1.00 24.08 ? 29  GLN A CA  1 
ATOM   208 C  C   . GLN A 1 29  ? 3.370   8.858   9.284   1.00 22.30 ? 29  GLN A C   1 
ATOM   209 O  O   . GLN A 1 29  ? 2.215   9.233   9.116   1.00 21.77 ? 29  GLN A O   1 
ATOM   210 C  CB  . GLN A 1 29  ? 4.053   11.126  8.407   1.00 24.44 ? 29  GLN A CB  1 
ATOM   211 C  CG  . GLN A 1 29  ? 5.174   12.219  8.372   1.00 30.08 ? 29  GLN A CG  1 
ATOM   212 C  CD  . GLN A 1 29  ? 4.796   13.445  7.553   1.00 31.37 ? 29  GLN A CD  1 
ATOM   213 O  OE1 . GLN A 1 29  ? 3.724   14.035  7.763   1.00 41.41 ? 29  GLN A OE1 1 
ATOM   214 N  NE2 . GLN A 1 29  ? 5.672   13.845  6.621   1.00 38.83 ? 29  GLN A NE2 1 
ATOM   215 N  N   . GLU A 1 30  ? 3.719   7.588   9.537   1.00 21.64 ? 30  GLU A N   1 
ATOM   216 C  CA  . GLU A 1 30  ? 2.722   6.510   9.715   1.00 23.09 ? 30  GLU A CA  1 
ATOM   217 C  C   . GLU A 1 30  ? 1.760   6.311   8.537   1.00 20.96 ? 30  GLU A C   1 
ATOM   218 O  O   . GLU A 1 30  ? 0.659   5.787   8.712   1.00 19.66 ? 30  GLU A O   1 
ATOM   219 C  CB  . GLU A 1 30  ? 1.914   6.689   11.022  1.00 24.35 ? 30  GLU A CB  1 
ATOM   220 C  CG  . GLU A 1 30  ? 2.762   6.486   12.255  1.00 29.09 ? 30  GLU A CG  1 
ATOM   221 C  CD  . GLU A 1 30  ? 1.944   6.332   13.549  1.00 28.85 ? 30  GLU A CD  1 
ATOM   222 O  OE1 . GLU A 1 30  ? 0.754   6.710   13.594  1.00 35.58 ? 30  GLU A OE1 1 
ATOM   223 O  OE2 . GLU A 1 30  ? 2.530   5.818   14.513  1.00 37.68 ? 30  GLU A OE2 1 
ATOM   224 N  N   . GLY A 1 31  ? 2.189   6.715   7.344   1.00 19.78 ? 31  GLY A N   1 
ATOM   225 C  CA  . GLY A 1 31  ? 1.360   6.513   6.153   1.00 18.30 ? 31  GLY A CA  1 
ATOM   226 C  C   . GLY A 1 31  ? 1.012   5.041   6.022   1.00 17.91 ? 31  GLY A C   1 
ATOM   227 O  O   . GLY A 1 31  ? -0.142  4.676   5.670   1.00 18.16 ? 31  GLY A O   1 
ATOM   228 N  N   . TRP A 1 32  ? 2.002   4.193   6.297   1.00 16.00 ? 32  TRP A N   1 
ATOM   229 C  CA  . TRP A 1 32  ? 1.832   2.732   6.090   1.00 17.15 ? 32  TRP A CA  1 
ATOM   230 C  C   . TRP A 1 32  ? 0.765   2.220   7.058   1.00 17.95 ? 32  TRP A C   1 
ATOM   231 O  O   . TRP A 1 32  ? 0.048   1.266   6.754   1.00 18.83 ? 32  TRP A O   1 
ATOM   232 C  CB  . TRP A 1 32  ? 3.167   1.987   6.302   1.00 17.72 ? 32  TRP A CB  1 
ATOM   233 C  CG  . TRP A 1 32  ? 3.646   2.161   7.705   1.00 17.78 ? 32  TRP A CG  1 
ATOM   234 C  CD1 . TRP A 1 32  ? 4.478   3.152   8.199   1.00 20.80 ? 32  TRP A CD1 1 
ATOM   235 C  CD2 . TRP A 1 32  ? 3.269   1.354   8.837   1.00 21.39 ? 32  TRP A CD2 1 
ATOM   236 N  NE1 . TRP A 1 32  ? 4.657   2.979   9.574   1.00 23.30 ? 32  TRP A NE1 1 
ATOM   237 C  CE2 . TRP A 1 32  ? 3.915   1.887   9.974   1.00 22.07 ? 32  TRP A CE2 1 
ATOM   238 C  CE3 . TRP A 1 32  ? 2.451   0.226   8.985   1.00 23.65 ? 32  TRP A CE3 1 
ATOM   239 C  CZ2 . TRP A 1 32  ? 3.758   1.313   11.266  1.00 24.76 ? 32  TRP A CZ2 1 
ATOM   240 C  CZ3 . TRP A 1 32  ? 2.288   -0.314  10.261  1.00 24.64 ? 32  TRP A CZ3 1 
ATOM   241 C  CH2 . TRP A 1 32  ? 2.932   0.219   11.360  1.00 21.98 ? 32  TRP A CH2 1 
ATOM   242 N  N   . LYS A 1 33  ? 0.661   2.833   8.253   1.00 17.27 ? 33  LYS A N   1 
ATOM   243 C  CA  . LYS A 1 33  ? -0.322  2.410   9.241   1.00 17.39 ? 33  LYS A CA  1 
ATOM   244 C  C   . LYS A 1 33  ? -1.732  2.845   8.845   1.00 18.52 ? 33  LYS A C   1 
ATOM   245 O  O   . LYS A 1 33  ? -2.670  2.071   8.990   1.00 19.18 ? 33  LYS A O   1 
ATOM   246 C  CB  . LYS A 1 33  ? 0.068   2.991   10.629  1.00 17.84 ? 33  LYS A CB  1 
ATOM   247 C  CG  . LYS A 1 33  ? -0.738  2.345   11.744  1.00 21.43 ? 33  LYS A CG  1 
ATOM   248 C  CD  . LYS A 1 33  ? -0.321  2.911   13.096  1.00 28.21 ? 33  LYS A CD  1 
ATOM   249 C  CE  . LYS A 1 33  ? 1.142   2.673   13.423  1.00 34.79 ? 33  LYS A CE  1 
ATOM   250 N  NZ  . LYS A 1 33  ? 1.409   3.045   14.905  1.00 38.93 ? 33  LYS A NZ  1 
ATOM   251 N  N   . LYS A 1 34  ? -1.878  4.051   8.299   1.00 17.75 ? 34  LYS A N   1 
ATOM   252 C  CA  . LYS A 1 34  ? -3.161  4.487   7.710   1.00 18.11 ? 34  LYS A CA  1 
ATOM   253 C  C   . LYS A 1 34  ? -3.604  3.527   6.626   1.00 18.44 ? 34  LYS A C   1 
ATOM   254 O  O   . LYS A 1 34  ? -4.789  3.148   6.560   1.00 18.39 ? 34  LYS A O   1 
ATOM   255 C  CB  . LYS A 1 34  ? -3.035  5.883   7.122   1.00 19.41 ? 34  LYS A CB  1 
ATOM   256 C  CG  . LYS A 1 34  ? -2.774  6.963   8.166   1.00 24.21 ? 34  LYS A CG  1 
ATOM   257 C  CD  . LYS A 1 34  ? -2.551  8.297   7.418   1.00 26.59 ? 34  LYS A CD  1 
ATOM   258 C  CE  . LYS A 1 34  ? -2.297  9.453   8.404   1.00 32.19 ? 34  LYS A CE  1 
ATOM   259 N  NZ  . LYS A 1 34  ? -1.925  10.709  7.659   1.00 34.76 ? 34  LYS A NZ  1 
ATOM   260 N  N   . LEU A 1 35  ? -2.654  3.101   5.794   1.00 17.18 ? 35  LEU A N   1 
ATOM   261 C  CA  . LEU A 1 35  ? -3.021  2.181   4.722   1.00 17.02 ? 35  LEU A CA  1 
ATOM   262 C  C   . LEU A 1 35  ? -3.381  0.813   5.301   1.00 17.38 ? 35  LEU A C   1 
ATOM   263 O  O   . LEU A 1 35  ? -4.417  0.222   4.892   1.00 17.74 ? 35  LEU A O   1 
ATOM   264 C  CB  . LEU A 1 35  ? -1.865  2.078   3.702   1.00 16.35 ? 35  LEU A CB  1 
ATOM   265 C  CG  . LEU A 1 35  ? -2.063  1.043   2.565   1.00 16.48 ? 35  LEU A CG  1 
ATOM   266 C  CD1 . LEU A 1 35  ? -3.281  1.377   1.728   1.00 17.69 ? 35  LEU A CD1 1 
ATOM   267 C  CD2 . LEU A 1 35  ? -0.830  1.050   1.662   1.00 16.20 ? 35  LEU A CD2 1 
ATOM   268 N  N   . ALA A 1 36  ? -2.537  0.307   6.199   1.00 16.18 ? 36  ALA A N   1 
ATOM   269 C  CA  . ALA A 1 36  ? -2.751  -1.033  6.792   1.00 16.65 ? 36  ALA A CA  1 
ATOM   270 C  C   . ALA A 1 36  ? -4.129  -1.139  7.442   1.00 16.68 ? 36  ALA A C   1 
ATOM   271 O  O   . ALA A 1 36  ? -4.795  -2.162  7.316   1.00 18.82 ? 36  ALA A O   1 
ATOM   272 C  CB  . ALA A 1 36  ? -1.667  -1.388  7.843   1.00 17.10 ? 36  ALA A CB  1 
ATOM   273 N  N   . VAL A 1 37  ? -4.542  -0.092  8.155   1.00 17.87 ? 37  VAL A N   1 
ATOM   274 C  CA  . VAL A 1 37  ? -5.862  -0.127  8.844   1.00 19.32 ? 37  VAL A CA  1 
ATOM   275 C  C   . VAL A 1 37  ? -7.031  -0.081  7.837   1.00 20.74 ? 37  VAL A C   1 
ATOM   276 O  O   . VAL A 1 37  ? -8.141  -0.599  8.078   1.00 22.40 ? 37  VAL A O   1 
ATOM   277 C  CB  . VAL A 1 37  ? -5.941  1.055   9.829   1.00 21.28 ? 37  VAL A CB  1 
ATOM   278 C  CG1 . VAL A 1 37  ? -7.415  1.267   10.292  1.00 25.84 ? 37  VAL A CG1 1 
ATOM   279 C  CG2 . VAL A 1 37  ? -4.935  0.821   10.972  1.00 20.65 ? 37  VAL A CG2 1 
ATOM   280 N  N   . ALA A 1 38  ? -6.808  0.575   6.703   1.00 18.99 ? 38  ALA A N   1 
ATOM   281 C  CA  . ALA A 1 38  ? -7.861  0.833   5.728   1.00 17.74 ? 38  ALA A CA  1 
ATOM   282 C  C   . ALA A 1 38  ? -8.213  -0.406  4.894   1.00 17.81 ? 38  ALA A C   1 
ATOM   283 O  O   . ALA A 1 38  ? -9.325  -0.472  4.337   1.00 18.90 ? 38  ALA A O   1 
ATOM   284 C  CB  . ALA A 1 38  ? -7.428  1.936   4.792   1.00 18.29 ? 38  ALA A CB  1 
ATOM   285 N  N   . ILE A 1 39  ? -7.313  -1.394  4.841   1.00 17.22 ? 39  ILE A N   1 
ATOM   286 C  CA  . ILE A 1 39  ? -7.515  -2.522  3.880   1.00 16.44 ? 39  ILE A CA  1 
ATOM   287 C  C   . ILE A 1 39  ? -8.530  -3.487  4.486   1.00 17.49 ? 39  ILE A C   1 
ATOM   288 O  O   . ILE A 1 39  ? -8.328  -3.975  5.625   1.00 18.01 ? 39  ILE A O   1 
ATOM   289 C  CB  . ILE A 1 39  ? -6.189  -3.272  3.601   1.00 16.84 ? 39  ILE A CB  1 
ATOM   290 C  CG1 . ILE A 1 39  ? -5.235  -2.353  2.826   1.00 16.28 ? 39  ILE A CG1 1 
ATOM   291 C  CG2 . ILE A 1 39  ? -6.447  -4.562  2.771   1.00 16.61 ? 39  ILE A CG2 1 
ATOM   292 C  CD1 . ILE A 1 39  ? -3.790  -2.871  2.841   1.00 19.19 ? 39  ILE A CD1 1 
ATOM   293 N  N   . LYS A 1 40  ? -9.576  -3.783  3.722   1.00 17.28 ? 40  LYS A N   1 
ATOM   294 C  CA  . LYS A 1 40  ? -10.632 -4.645  4.257   1.00 17.93 ? 40  LYS A CA  1 
ATOM   295 C  C   . LYS A 1 40  ? -10.680 -5.983  3.527   1.00 18.26 ? 40  LYS A C   1 
ATOM   296 O  O   . LYS A 1 40  ? -10.366 -6.099  2.338   1.00 18.70 ? 40  LYS A O   1 
ATOM   297 C  CB  . LYS A 1 40  ? -11.996 -3.956  4.084   1.00 17.73 ? 40  LYS A CB  1 
ATOM   298 C  CG  . LYS A 1 40  ? -12.043 -2.526  4.658   1.00 19.04 ? 40  LYS A CG  1 
ATOM   299 C  CD  . LYS A 1 40  ? -11.576 -2.504  6.141   1.00 18.51 ? 40  LYS A CD  1 
ATOM   300 C  CE  . LYS A 1 40  ? -11.724 -1.081  6.668   1.00 21.49 ? 40  LYS A CE  1 
ATOM   301 N  NZ  . LYS A 1 40  ? -10.925 -0.783  7.889   1.00 24.26 ? 40  LYS A NZ  1 
ATOM   302 N  N   . LYS A 1 41  ? -11.085 -7.017  4.273   1.00 18.99 ? 41  LYS A N   1 
ATOM   303 C  CA  . LYS A 1 41  ? -11.435 -8.298  3.640   1.00 20.20 ? 41  LYS A CA  1 
ATOM   304 C  C   . LYS A 1 41  ? -12.798 -8.211  2.971   1.00 19.61 ? 41  LYS A C   1 
ATOM   305 O  O   . LYS A 1 41  ? -13.505 -7.240  3.165   1.00 19.42 ? 41  LYS A O   1 
ATOM   306 C  CB  . LYS A 1 41  ? -11.482 -9.393  4.712   1.00 20.04 ? 41  LYS A CB  1 
ATOM   307 C  CG  . LYS A 1 41  ? -10.151 -9.523  5.481   1.00 21.46 ? 41  LYS A CG  1 
ATOM   308 C  CD  . LYS A 1 41  ? -10.125 -10.795 6.307   1.00 30.27 ? 41  LYS A CD  1 
ATOM   309 C  CE  . LYS A 1 41  ? -10.695 -10.621 7.663   1.00 34.76 ? 41  LYS A CE  1 
ATOM   310 N  NZ  . LYS A 1 41  ? -10.377 -11.901 8.459   1.00 39.09 ? 41  LYS A NZ  1 
ATOM   311 N  N   . PRO A 1 42  ? -13.130 -9.202  2.121   1.00 20.23 ? 42  PRO A N   1 
ATOM   312 C  CA  . PRO A 1 42  ? -14.442 -9.147  1.435   1.00 20.97 ? 42  PRO A CA  1 
ATOM   313 C  C   . PRO A 1 42  ? -15.617 -9.102  2.391   1.00 20.83 ? 42  PRO A C   1 
ATOM   314 O  O   . PRO A 1 42  ? -16.693 -8.592  2.018   1.00 20.96 ? 42  PRO A O   1 
ATOM   315 C  CB  . PRO A 1 42  ? -14.474 -10.450 0.600   1.00 20.91 ? 42  PRO A CB  1 
ATOM   316 C  CG  . PRO A 1 42  ? -13.000 -10.798 0.350   1.00 21.44 ? 42  PRO A CG  1 
ATOM   317 C  CD  . PRO A 1 42  ? -12.314 -10.333 1.673   1.00 20.42 ? 42  PRO A CD  1 
ATOM   318 N  N   . SER A 1 43  ? -15.443 -9.600  3.612   1.00 21.76 ? 43  SER A N   1 
ATOM   319 C  CA  . SER A 1 43  ? -16.456 -9.467  4.630   1.00 23.71 ? 43  SER A CA  1 
ATOM   320 C  C   . SER A 1 43  ? -16.620 -8.023  5.162   1.00 23.77 ? 43  SER A C   1 
ATOM   321 O  O   . SER A 1 43  ? -17.569 -7.699  5.888   1.00 25.00 ? 43  SER A O   1 
ATOM   322 C  CB  . SER A 1 43  ? -16.120 -10.425 5.776   1.00 23.10 ? 43  SER A CB  1 
ATOM   323 O  OG  . SER A 1 43  ? -14.975 -9.886  6.468   1.00 24.85 ? 43  SER A OG  1 
ATOM   324 N  N   . GLY A 1 44  ? -15.695 -7.118  4.805   1.00 22.51 ? 44  GLY A N   1 
ATOM   325 C  CA  . GLY A 1 44  ? -15.704 -5.790  5.411   1.00 22.93 ? 44  GLY A CA  1 
ATOM   326 C  C   . GLY A 1 44  ? -14.860 -5.704  6.681   1.00 22.55 ? 44  GLY A C   1 
ATOM   327 O  O   . GLY A 1 44  ? -14.554 -4.589  7.146   1.00 23.40 ? 44  GLY A O   1 
ATOM   328 N  N   . ASP A 1 45  ? -14.484 -6.862  7.232   1.00 22.28 ? 45  ASP A N   1 
ATOM   329 C  CA  . ASP A 1 45  ? -13.641 -6.870  8.424   1.00 22.20 ? 45  ASP A CA  1 
ATOM   330 C  C   . ASP A 1 45  ? -12.244 -6.332  8.066   1.00 21.93 ? 45  ASP A C   1 
ATOM   331 O  O   . ASP A 1 45  ? -11.818 -6.460  6.936   1.00 20.53 ? 45  ASP A O   1 
ATOM   332 C  CB  . ASP A 1 45  ? -13.484 -8.293  9.008   1.00 24.68 ? 45  ASP A CB  1 
ATOM   333 C  CG  . ASP A 1 45  ? -14.768 -8.831  9.647   1.00 29.83 ? 45  ASP A CG  1 
ATOM   334 O  OD1 . ASP A 1 45  ? -15.760 -8.104  9.730   1.00 32.02 ? 45  ASP A OD1 1 
ATOM   335 O  OD2 . ASP A 1 45  ? -14.725 -9.997  10.107  1.00 37.08 ? 45  ASP A OD2 1 
ATOM   336 N  N   . ASP A 1 46  ? -11.519 -5.789  9.039   1.00 21.44 ? 46  ASP A N   1 
ATOM   337 C  CA  . ASP A 1 46  ? -10.119 -5.385  8.797   1.00 21.45 ? 46  ASP A CA  1 
ATOM   338 C  C   . ASP A 1 46  ? -9.247  -6.560  8.424   1.00 22.25 ? 46  ASP A C   1 
ATOM   339 O  O   . ASP A 1 46  ? -9.315  -7.617  9.089   1.00 22.36 ? 46  ASP A O   1 
ATOM   340 C  CB  . ASP A 1 46  ? -9.519  -4.778  10.072  1.00 21.79 ? 46  ASP A CB  1 
ATOM   341 C  CG  . ASP A 1 46  ? -10.124 -3.400  10.410  1.00 25.08 ? 46  ASP A CG  1 
ATOM   342 O  OD1 . ASP A 1 46  ? -11.046 -2.949  9.690   1.00 24.73 ? 46  ASP A OD1 1 
ATOM   343 O  OD2 . ASP A 1 46  ? -9.642  -2.758  11.367  1.00 30.49 ? 46  ASP A OD2 1 
ATOM   344 N  N   . ARG A 1 47  ? -8.419  -6.406  7.394   1.00 20.13 ? 47  ARG A N   1 
ATOM   345 C  CA  . ARG A 1 47  ? -7.522  -7.507  7.057   1.00 20.53 ? 47  ARG A CA  1 
ATOM   346 C  C   . ARG A 1 47  ? -6.402  -7.627  8.098   1.00 21.50 ? 47  ARG A C   1 
ATOM   347 O  O   . ARG A 1 47  ? -5.985  -8.748  8.421   1.00 22.60 ? 47  ARG A O   1 
ATOM   348 C  CB  . ARG A 1 47  ? -6.953  -7.327  5.657   1.00 21.03 ? 47  ARG A CB  1 
ATOM   349 C  CG  . ARG A 1 47  ? -5.894  -8.327  5.318   1.00 23.70 ? 47  ARG A CG  1 
ATOM   350 C  CD  . ARG A 1 47  ? -5.418  -8.141  3.899   1.00 27.96 ? 47  ARG A CD  1 
ATOM   351 N  NE  . ARG A 1 47  ? -4.301  -9.037  3.629   1.00 29.28 ? 47  ARG A NE  1 
ATOM   352 C  CZ  . ARG A 1 47  ? -4.431  -10.338 3.340   1.00 32.71 ? 47  ARG A CZ  1 
ATOM   353 N  NH1 . ARG A 1 47  ? -5.630  -10.895 3.257   1.00 30.32 ? 47  ARG A NH1 1 
ATOM   354 N  NH2 . ARG A 1 47  ? -3.343  -11.094 3.156   1.00 32.98 ? 47  ARG A NH2 1 
ATOM   355 N  N   . TYR A 1 48  ? -5.956  -6.494  8.624   1.00 21.21 ? 48  TYR A N   1 
ATOM   356 C  CA  . TYR A 1 48  ? -4.853  -6.458  9.600   1.00 22.99 ? 48  TYR A CA  1 
ATOM   357 C  C   . TYR A 1 48  ? -5.360  -5.993  10.980  1.00 23.58 ? 48  TYR A C   1 
ATOM   358 O  O   . TYR A 1 48  ? -5.865  -4.889  11.118  1.00 25.91 ? 48  TYR A O   1 
ATOM   359 C  CB  . TYR A 1 48  ? -3.722  -5.559  9.054   1.00 22.05 ? 48  TYR A CB  1 
ATOM   360 C  CG  . TYR A 1 48  ? -3.186  -6.087  7.752   1.00 22.41 ? 48  TYR A CG  1 
ATOM   361 C  CD1 . TYR A 1 48  ? -2.416  -7.267  7.717   1.00 22.05 ? 48  TYR A CD1 1 
ATOM   362 C  CD2 . TYR A 1 48  ? -3.513  -5.470  6.527   1.00 21.29 ? 48  TYR A CD2 1 
ATOM   363 C  CE1 . TYR A 1 48  ? -1.957  -7.777  6.514   1.00 22.87 ? 48  TYR A CE1 1 
ATOM   364 C  CE2 . TYR A 1 48  ? -3.059  -6.002  5.319   1.00 23.12 ? 48  TYR A CE2 1 
ATOM   365 C  CZ  . TYR A 1 48  ? -2.278  -7.145  5.328   1.00 23.82 ? 48  TYR A CZ  1 
ATOM   366 O  OH  . TYR A 1 48  ? -1.873  -7.616  4.102   1.00 25.71 ? 48  TYR A OH  1 
ATOM   367 N  N   . ASN A 1 49  ? -5.198  -6.839  11.992  1.00 24.47 ? 49  ASN A N   1 
ATOM   368 C  CA  . ASN A 1 49  ? -5.420  -6.447  13.400  1.00 24.64 ? 49  ASN A CA  1 
ATOM   369 C  C   . ASN A 1 49  ? -4.288  -5.711  14.078  1.00 24.74 ? 49  ASN A C   1 
ATOM   370 O  O   . ASN A 1 49  ? -3.184  -5.492  13.506  1.00 22.15 ? 49  ASN A O   1 
ATOM   371 C  CB  . ASN A 1 49  ? -5.900  -7.668  14.246  1.00 26.83 ? 49  ASN A CB  1 
ATOM   372 C  CG  . ASN A 1 49  ? -4.831  -8.719  14.447  1.00 27.97 ? 49  ASN A CG  1 
ATOM   373 O  OD1 . ASN A 1 49  ? -3.668  -8.404  14.666  1.00 26.47 ? 49  ASN A OD1 1 
ATOM   374 N  ND2 . ASN A 1 49  ? -5.235  -9.998  14.431  1.00 32.23 ? 49  ASN A ND2 1 
ATOM   375 N  N   . GLN A 1 50  ? -4.509  -5.265  15.315  1.00 23.88 ? 50  GLN A N   1 
ATOM   376 C  CA  . GLN A 1 50  ? -3.458  -4.538  15.986  1.00 23.77 ? 50  GLN A CA  1 
ATOM   377 C  C   . GLN A 1 50  ? -2.144  -5.253  16.075  1.00 23.33 ? 50  GLN A C   1 
ATOM   378 O  O   . GLN A 1 50  ? -1.127  -4.606  16.050  1.00 24.67 ? 50  GLN A O   1 
ATOM   379 C  CB  . GLN A 1 50  ? -3.862  -4.128  17.426  1.00 25.10 ? 50  GLN A CB  1 
ATOM   380 C  CG  . GLN A 1 50  ? -4.721  -2.931  17.482  1.00 26.52 ? 50  GLN A CG  1 
ATOM   381 C  CD  . GLN A 1 50  ? -5.332  -2.768  18.872  1.00 27.20 ? 50  GLN A CD  1 
ATOM   382 O  OE1 . GLN A 1 50  ? -6.099  -3.637  19.337  1.00 25.76 ? 50  GLN A OE1 1 
ATOM   383 N  NE2 . GLN A 1 50  ? -5.006  -1.665  19.526  1.00 27.15 ? 50  GLN A NE2 1 
ATOM   384 N  N   . PHE A 1 51  ? -2.153  -6.589  16.234  1.00 22.85 ? 51  PHE A N   1 
ATOM   385 C  CA  . PHE A 1 51  ? -0.937  -7.344  16.367  1.00 23.93 ? 51  PHE A CA  1 
ATOM   386 C  C   . PHE A 1 51  ? -0.213  -7.468  15.015  1.00 23.90 ? 51  PHE A C   1 
ATOM   387 O  O   . PHE A 1 51  ? 0.994   -7.348  14.978  1.00 22.98 ? 51  PHE A O   1 
ATOM   388 C  CB  . PHE A 1 51  ? -1.227  -8.688  17.010  1.00 24.50 ? 51  PHE A CB  1 
ATOM   389 C  CG  . PHE A 1 51  ? -1.644  -8.539  18.434  1.00 26.55 ? 51  PHE A CG  1 
ATOM   390 C  CD1 . PHE A 1 51  ? -0.686  -8.227  19.396  1.00 29.29 ? 51  PHE A CD1 1 
ATOM   391 C  CD2 . PHE A 1 51  ? -2.985  -8.576  18.794  1.00 31.15 ? 51  PHE A CD2 1 
ATOM   392 C  CE1 . PHE A 1 51  ? -1.066  -8.043  20.754  1.00 30.75 ? 51  PHE A CE1 1 
ATOM   393 C  CE2 . PHE A 1 51  ? -3.369  -8.377  20.147  1.00 33.27 ? 51  PHE A CE2 1 
ATOM   394 C  CZ  . PHE A 1 51  ? -2.401  -8.094  21.103  1.00 31.07 ? 51  PHE A CZ  1 
ATOM   395 N  N   . HIS A 1 52  ? -0.973  -7.628  13.927  1.00 23.75 ? 52  HIS A N   1 
ATOM   396 C  CA  . HIS A 1 52  ? -0.373  -7.567  12.571  1.00 24.56 ? 52  HIS A CA  1 
ATOM   397 C  C   . HIS A 1 52  ? 0.297   -6.232  12.390  1.00 23.75 ? 52  HIS A C   1 
ATOM   398 O  O   . HIS A 1 52  ? 1.448   -6.125  11.951  1.00 24.12 ? 52  HIS A O   1 
ATOM   399 C  CB  . HIS A 1 52  ? -1.444  -7.738  11.485  1.00 24.78 ? 52  HIS A CB  1 
ATOM   400 C  CG  . HIS A 1 52  ? -2.122  -9.057  11.491  1.00 29.44 ? 52  HIS A CG  1 
ATOM   401 N  ND1 . HIS A 1 52  ? -3.492  -9.186  11.468  1.00 34.77 ? 52  HIS A ND1 1 
ATOM   402 C  CD2 . HIS A 1 52  ? -1.626  -10.318 11.443  1.00 36.23 ? 52  HIS A CD2 1 
ATOM   403 C  CE1 . HIS A 1 52  ? -3.817  -10.469 11.423  1.00 34.68 ? 52  HIS A CE1 1 
ATOM   404 N  NE2 . HIS A 1 52  ? -2.700  -11.177 11.427  1.00 36.91 ? 52  HIS A NE2 1 
ATOM   405 N  N   . ILE A 1 53  ? -0.414  -5.167  12.744  1.00 23.64 ? 53  ILE A N   1 
ATOM   406 C  CA  . ILE A 1 53  ? 0.140   -3.816  12.587  1.00 23.96 ? 53  ILE A CA  1 
ATOM   407 C  C   . ILE A 1 53  ? 1.397   -3.603  13.461  1.00 25.46 ? 53  ILE A C   1 
ATOM   408 O  O   . ILE A 1 53  ? 2.394   -3.061  13.002  1.00 25.35 ? 53  ILE A O   1 
ATOM   409 C  CB  . ILE A 1 53  ? -0.964  -2.769  12.826  1.00 23.41 ? 53  ILE A CB  1 
ATOM   410 C  CG1 . ILE A 1 53  ? -2.048  -2.935  11.753  1.00 25.02 ? 53  ILE A CG1 1 
ATOM   411 C  CG2 . ILE A 1 53  ? -0.381  -1.334  12.886  1.00 25.87 ? 53  ILE A CG2 1 
ATOM   412 C  CD1 . ILE A 1 53  ? -3.321  -2.089  12.072  1.00 26.15 ? 53  ILE A CD1 1 
ATOM   413 N  N   . ARG A 1 54  ? 1.392   -4.107  14.698  1.00 25.31 ? 54  ARG A N   1 
ATOM   414 C  CA  . ARG A 1 54  ? 2.592   -4.019  15.532  1.00 27.52 ? 54  ARG A CA  1 
ATOM   415 C  C   . ARG A 1 54  ? 3.769   -4.767  14.873  1.00 26.11 ? 54  ARG A C   1 
ATOM   416 O  O   . ARG A 1 54  ? 4.902   -4.285  14.927  1.00 27.03 ? 54  ARG A O   1 
ATOM   417 C  CB  . ARG A 1 54  ? 2.357   -4.606  16.945  1.00 27.50 ? 54  ARG A CB  1 
ATOM   418 C  CG  . ARG A 1 54  ? 3.597   -4.428  17.847  1.00 30.83 ? 54  ARG A CG  1 
ATOM   419 C  CD  . ARG A 1 54  ? 3.453   -4.982  19.279  1.00 33.98 ? 54  ARG A CD  1 
ATOM   420 N  NE  . ARG A 1 54  ? 3.451   -6.438  19.336  1.00 43.17 ? 54  ARG A NE  1 
ATOM   421 C  CZ  . ARG A 1 54  ? 3.973   -7.175  20.318  1.00 44.03 ? 54  ARG A CZ  1 
ATOM   422 N  NH1 . ARG A 1 54  ? 4.578   -6.617  21.374  1.00 45.15 ? 54  ARG A NH1 1 
ATOM   423 N  NH2 . ARG A 1 54  ? 3.876   -8.492  20.238  1.00 44.51 ? 54  ARG A NH2 1 
ATOM   424 N  N   . ARG A 1 55  ? 3.501   -5.921  14.259  1.00 26.41 ? 55  ARG A N   1 
ATOM   425 C  CA  . ARG A 1 55  ? 4.584   -6.667  13.559  1.00 27.80 ? 55  ARG A CA  1 
ATOM   426 C  C   . ARG A 1 55  ? 5.167   -5.802  12.431  1.00 26.61 ? 55  ARG A C   1 
ATOM   427 O  O   . ARG A 1 55  ? 6.375   -5.730  12.262  1.00 26.79 ? 55  ARG A O   1 
ATOM   428 C  CB  . ARG A 1 55  ? 4.119   -8.004  12.992  1.00 27.99 ? 55  ARG A CB  1 
ATOM   429 C  CG  . ARG A 1 55  ? 5.308   -8.799  12.433  1.00 34.17 ? 55  ARG A CG  1 
ATOM   430 C  CD  . ARG A 1 55  ? 4.964   -9.789  11.330  1.00 43.71 ? 55  ARG A CD  1 
ATOM   431 N  NE  . ARG A 1 55  ? 6.203   -10.177 10.648  1.00 49.63 ? 55  ARG A NE  1 
ATOM   432 C  CZ  . ARG A 1 55  ? 6.766   -9.495  9.648   1.00 51.24 ? 55  ARG A CZ  1 
ATOM   433 N  NH1 . ARG A 1 55  ? 6.194   -8.395  9.180   1.00 52.90 ? 55  ARG A NH1 1 
ATOM   434 N  NH2 . ARG A 1 55  ? 7.904   -9.918  9.110   1.00 52.27 ? 55  ARG A NH2 1 
ATOM   435 N  N   . PHE A 1 56  ? 4.309   -5.136  11.661  1.00 25.60 ? 56  PHE A N   1 
ATOM   436 C  CA  . PHE A 1 56  ? 4.836   -4.270  10.585  1.00 26.19 ? 56  PHE A CA  1 
ATOM   437 C  C   . PHE A 1 56  ? 5.655   -3.121  11.194  1.00 27.21 ? 56  PHE A C   1 
ATOM   438 O  O   . PHE A 1 56  ? 6.699   -2.737  10.661  1.00 27.74 ? 56  PHE A O   1 
ATOM   439 C  CB  . PHE A 1 56  ? 3.702   -3.654  9.752   1.00 24.07 ? 56  PHE A CB  1 
ATOM   440 C  CG  . PHE A 1 56  ? 2.871   -4.650  8.949   1.00 23.56 ? 56  PHE A CG  1 
ATOM   441 C  CD1 . PHE A 1 56  ? 3.440   -5.730  8.280   1.00 24.90 ? 56  PHE A CD1 1 
ATOM   442 C  CD2 . PHE A 1 56  ? 1.497   -4.443  8.828   1.00 21.60 ? 56  PHE A CD2 1 
ATOM   443 C  CE1 . PHE A 1 56  ? 2.654   -6.616  7.533   1.00 26.00 ? 56  PHE A CE1 1 
ATOM   444 C  CE2 . PHE A 1 56  ? 0.724   -5.296  8.055   1.00 24.39 ? 56  PHE A CE2 1 
ATOM   445 C  CZ  . PHE A 1 56  ? 1.292   -6.384  7.415   1.00 25.65 ? 56  PHE A CZ  1 
ATOM   446 N  N   . GLU A 1 57  ? 5.163   -2.553  12.292  1.00 28.75 ? 57  GLU A N   1 
ATOM   447 C  CA  . GLU A 1 57  ? 5.831   -1.435  12.978  1.00 30.26 ? 57  GLU A CA  1 
ATOM   448 C  C   . GLU A 1 57  ? 7.247   -1.784  13.441  1.00 31.54 ? 57  GLU A C   1 
ATOM   449 O  O   . GLU A 1 57  ? 8.149   -0.977  13.322  1.00 31.41 ? 57  GLU A O   1 
ATOM   450 C  CB  . GLU A 1 57  ? 4.989   -0.983  14.159  1.00 31.63 ? 57  GLU A CB  1 
ATOM   451 C  CG  . GLU A 1 57  ? 5.351   0.371   14.715  1.00 35.48 ? 57  GLU A CG  1 
ATOM   452 C  CD  . GLU A 1 57  ? 4.224   0.875   15.608  1.00 43.19 ? 57  GLU A CD  1 
ATOM   453 O  OE1 . GLU A 1 57  ? 3.417   1.705   15.156  1.00 45.69 ? 57  GLU A OE1 1 
ATOM   454 O  OE2 . GLU A 1 57  ? 4.093   0.378   16.754  1.00 47.97 ? 57  GLU A OE2 1 
ATOM   455 N  N   . ALA A 1 58  ? 7.434   -2.999  13.943  1.00 32.91 ? 58  ALA A N   1 
ATOM   456 C  CA  . ALA A 1 58  ? 8.740   -3.419  14.470  1.00 34.41 ? 58  ALA A CA  1 
ATOM   457 C  C   . ALA A 1 58  ? 9.821   -3.486  13.381  1.00 34.21 ? 58  ALA A C   1 
ATOM   458 O  O   . ALA A 1 58  ? 11.013  -3.385  13.681  1.00 34.54 ? 58  ALA A O   1 
ATOM   459 C  CB  . ALA A 1 58  ? 8.617   -4.751  15.209  1.00 34.35 ? 58  ALA A CB  1 
ATOM   460 N  N   . LEU A 1 59  ? 9.410   -3.620  12.114  1.00 34.63 ? 59  LEU A N   1 
ATOM   461 C  CA  . LEU A 1 59  ? 10.347  -3.615  10.974  1.00 34.95 ? 59  LEU A CA  1 
ATOM   462 C  C   . LEU A 1 59  ? 11.250  -2.369  10.865  1.00 36.69 ? 59  LEU A C   1 
ATOM   463 O  O   . LEU A 1 59  ? 12.397  -2.473  10.422  1.00 36.52 ? 59  LEU A O   1 
ATOM   464 C  CB  . LEU A 1 59  ? 9.605   -3.841  9.650   1.00 34.40 ? 59  LEU A CB  1 
ATOM   465 C  CG  . LEU A 1 59  ? 8.948   -5.210  9.529   1.00 32.64 ? 59  LEU A CG  1 
ATOM   466 C  CD1 . LEU A 1 59  ? 8.057   -5.244  8.289   1.00 33.65 ? 59  LEU A CD1 1 
ATOM   467 C  CD2 . LEU A 1 59  ? 9.993   -6.290  9.466   1.00 35.43 ? 59  LEU A CD2 1 
ATOM   468 N  N   . LEU A 1 60  ? 10.698  -1.207  11.203  1.00 38.99 ? 60  LEU A N   1 
ATOM   469 C  CA  . LEU A 1 60  ? 11.467  -0.072  11.705  1.00 42.40 ? 60  LEU A CA  1 
ATOM   470 C  C   . LEU A 1 60  ? 11.499  -0.451  13.187  1.00 44.93 ? 60  LEU A C   1 
ATOM   471 O  O   . LEU A 1 60  ? 10.543  -0.130  13.903  1.00 46.78 ? 60  LEU A O   1 
ATOM   472 C  CB  . LEU A 1 60  ? 10.665  1.226   11.642  1.00 42.02 ? 60  LEU A CB  1 
ATOM   473 C  CG  . LEU A 1 60  ? 9.503   1.555   10.703  1.00 41.70 ? 60  LEU A CG  1 
ATOM   474 C  CD1 . LEU A 1 60  ? 8.455   2.392   11.445  1.00 41.66 ? 60  LEU A CD1 1 
ATOM   475 C  CD2 . LEU A 1 60  ? 10.025  2.301   9.483   1.00 40.57 ? 60  LEU A CD2 1 
ATOM   476 N  N   . GLN A 1 61  ? 12.567  -1.050  13.709  1.00 46.37 ? 61  GLN A N   1 
ATOM   477 C  CA  . GLN A 1 61  ? 13.941  -0.690  13.444  1.00 47.87 ? 61  GLN A CA  1 
ATOM   478 C  C   . GLN A 1 61  ? 14.905  -1.867  13.277  1.00 47.05 ? 61  GLN A C   1 
ATOM   479 O  O   . GLN A 1 61  ? 15.705  -2.183  14.179  1.00 48.43 ? 61  GLN A O   1 
ATOM   480 C  CB  . GLN A 1 61  ? 14.417  0.150   14.637  1.00 48.41 ? 61  GLN A CB  1 
ATOM   481 C  CG  . GLN A 1 61  ? 14.604  1.633   14.363  1.00 52.47 ? 61  GLN A CG  1 
ATOM   482 C  CD  . GLN A 1 61  ? 16.069  2.021   14.323  1.00 56.72 ? 61  GLN A CD  1 
ATOM   483 O  OE1 . GLN A 1 61  ? 16.534  2.638   13.358  1.00 58.53 ? 61  GLN A OE1 1 
ATOM   484 N  NE2 . GLN A 1 61  ? 16.811  1.652   15.371  1.00 58.22 ? 61  GLN A NE2 1 
ATOM   485 N  N   . THR A 1 62  ? 14.829  -2.518  12.127  1.00 45.70 ? 62  THR A N   1 
ATOM   486 C  CA  . THR A 1 62  ? 15.945  -3.280  11.613  1.00 44.45 ? 62  THR A CA  1 
ATOM   487 C  C   . THR A 1 62  ? 16.249  -2.678  10.259  1.00 42.31 ? 62  THR A C   1 
ATOM   488 O  O   . THR A 1 62  ? 16.840  -3.323  9.403   1.00 43.55 ? 62  THR A O   1 
ATOM   489 C  CB  . THR A 1 62  ? 15.648  -4.799  11.480  1.00 45.40 ? 62  THR A CB  1 
ATOM   490 O  OG1 . THR A 1 62  ? 14.325  -5.002  10.958  1.00 46.94 ? 62  THR A OG1 1 
ATOM   491 C  CG2 . THR A 1 62  ? 15.794  -5.505  12.841  1.00 45.34 ? 62  THR A CG2 1 
ATOM   492 N  N   . GLY A 1 63  ? 15.808  -1.436  10.065  1.00 40.07 ? 63  GLY A N   1 
ATOM   493 C  CA  . GLY A 1 63  ? 16.043  -0.712  8.823   1.00 37.10 ? 63  GLY A CA  1 
ATOM   494 C  C   . GLY A 1 63  ? 15.152  -1.159  7.681   1.00 34.39 ? 63  GLY A C   1 
ATOM   495 O  O   . GLY A 1 63  ? 15.429  -0.854  6.515   1.00 35.53 ? 63  GLY A O   1 
ATOM   496 N  N   . LEU A 1 64  ? 14.073  -1.869  8.015   1.00 30.94 ? 64  LEU A N   1 
ATOM   497 C  CA  . LEU A 1 64  ? 13.178  -2.447  6.991   1.00 26.84 ? 64  LEU A CA  1 
ATOM   498 C  C   . LEU A 1 64  ? 11.930  -1.590  6.766   1.00 24.08 ? 64  LEU A C   1 
ATOM   499 O  O   . LEU A 1 64  ? 11.602  -0.756  7.603   1.00 24.45 ? 64  LEU A O   1 
ATOM   500 C  CB  . LEU A 1 64  ? 12.707  -3.820  7.422   1.00 26.82 ? 64  LEU A CB  1 
ATOM   501 C  CG  . LEU A 1 64  ? 13.877  -4.816  7.534   1.00 28.30 ? 64  LEU A CG  1 
ATOM   502 C  CD1 . LEU A 1 64  ? 13.337  -6.210  7.709   1.00 31.49 ? 64  LEU A CD1 1 
ATOM   503 C  CD2 . LEU A 1 64  ? 14.561  -4.732  6.262   1.00 33.12 ? 64  LEU A CD2 1 
ATOM   504 N  N   . SER A 1 65  ? 11.237  -1.853  5.657   1.00 21.54 ? 65  SER A N   1 
ATOM   505 C  CA  . SER A 1 65  ? 10.082  -1.014  5.261   1.00 20.27 ? 65  SER A CA  1 
ATOM   506 C  C   . SER A 1 65  ? 8.742   -1.662  5.605   1.00 18.93 ? 65  SER A C   1 
ATOM   507 O  O   . SER A 1 65  ? 8.420   -2.683  5.037   1.00 18.48 ? 65  SER A O   1 
ATOM   508 C  CB  . SER A 1 65  ? 10.106  -0.774  3.754   1.00 19.34 ? 65  SER A CB  1 
ATOM   509 O  OG  . SER A 1 65  ? 8.865   -0.162  3.367   1.00 19.36 ? 65  SER A OG  1 
ATOM   510 N  N   . PRO A 1 66  ? 7.939   -1.043  6.492   1.00 19.13 ? 66  PRO A N   1 
ATOM   511 C  CA  . PRO A 1 66  ? 6.610   -1.584  6.706   1.00 19.23 ? 66  PRO A CA  1 
ATOM   512 C  C   . PRO A 1 66  ? 5.756   -1.562  5.428   1.00 18.97 ? 66  PRO A C   1 
ATOM   513 O  O   . PRO A 1 66  ? 4.942   -2.477  5.253   1.00 18.75 ? 66  PRO A O   1 
ATOM   514 C  CB  . PRO A 1 66  ? 6.002   -0.695  7.775   1.00 20.52 ? 66  PRO A CB  1 
ATOM   515 C  CG  . PRO A 1 66  ? 7.128   -0.027  8.436   1.00 23.28 ? 66  PRO A CG  1 
ATOM   516 C  CD  . PRO A 1 66  ? 8.216   0.100   7.366   1.00 19.88 ? 66  PRO A CD  1 
ATOM   517 N  N   . THR A 1 67  ? 5.893   -0.541  4.581   1.00 18.09 ? 67  THR A N   1 
ATOM   518 C  CA  . THR A 1 67  ? 5.096   -0.489  3.336   1.00 17.57 ? 67  THR A CA  1 
ATOM   519 C  C   . THR A 1 67  ? 5.432   -1.671  2.474   1.00 17.29 ? 67  THR A C   1 
ATOM   520 O  O   . THR A 1 67  ? 4.546   -2.340  1.977   1.00 18.24 ? 67  THR A O   1 
ATOM   521 C  CB  . THR A 1 67  ? 5.321   0.789   2.526   1.00 18.58 ? 67  THR A CB  1 
ATOM   522 O  OG1 . THR A 1 67  ? 4.947   1.915   3.314   1.00 16.57 ? 67  THR A OG1 1 
ATOM   523 C  CG2 . THR A 1 67  ? 4.555   0.776   1.189   1.00 19.05 ? 67  THR A CG2 1 
ATOM   524 N  N   . CYS A 1 68  ? 6.718   -1.985  2.318   1.00 17.65 ? 68  CYS A N   1 
ATOM   525 C  CA  . CYS A 1 68  ? 7.033   -3.189  1.527   1.00 19.23 ? 68  CYS A CA  1 
ATOM   526 C  C   . CYS A 1 68  ? 6.418   -4.458  2.105   1.00 18.66 ? 68  CYS A C   1 
ATOM   527 O  O   . CYS A 1 68  ? 5.826   -5.238  1.347   1.00 20.67 ? 68  CYS A O   1 
ATOM   528 C  CB  . CYS A 1 68  ? 8.532   -3.374  1.389   1.00 19.94 ? 68  CYS A CB  1 
ATOM   529 S  SG  . CYS A 1 68  ? 9.264   -2.075  0.334   1.00 24.81 ? 68  CYS A SG  1 
ATOM   530 N  N   . GLU A 1 69  ? 6.546   -4.666  3.413   1.00 19.27 ? 69  GLU A N   1 
ATOM   531 C  CA  . GLU A 1 69  ? 6.014   -5.904  4.015   1.00 19.35 ? 69  GLU A CA  1 
ATOM   532 C  C   . GLU A 1 69  ? 4.507   -5.994  3.795   1.00 19.83 ? 69  GLU A C   1 
ATOM   533 O  O   . GLU A 1 69  ? 3.967   -7.050  3.460   1.00 20.87 ? 69  GLU A O   1 
ATOM   534 C  CB  . GLU A 1 69  ? 6.292   -5.952  5.499   1.00 21.64 ? 69  GLU A CB  1 
ATOM   535 C  CG  . GLU A 1 69  ? 6.238   -7.403  5.956   1.00 24.44 ? 69  GLU A CG  1 
ATOM   536 C  CD  . GLU A 1 69  ? 7.382   -8.165  5.256   1.00 34.63 ? 69  GLU A CD  1 
ATOM   537 O  OE1 . GLU A 1 69  ? 8.534   -7.652  5.253   1.00 34.38 ? 69  GLU A OE1 1 
ATOM   538 O  OE2 . GLU A 1 69  ? 7.128   -9.222  4.641   1.00 39.55 ? 69  GLU A OE2 1 
ATOM   539 N  N   . LEU A 1 70  ? 3.844   -4.866  4.034   1.00 18.40 ? 70  LEU A N   1 
ATOM   540 C  CA  . LEU A 1 70  ? 2.386   -4.764  3.842   1.00 18.77 ? 70  LEU A CA  1 
ATOM   541 C  C   . LEU A 1 70  ? 1.987   -5.092  2.416   1.00 19.12 ? 70  LEU A C   1 
ATOM   542 O  O   . LEU A 1 70  ? 1.073   -5.899  2.191   1.00 20.34 ? 70  LEU A O   1 
ATOM   543 C  CB  . LEU A 1 70  ? 1.938   -3.328  4.228   1.00 19.39 ? 70  LEU A CB  1 
ATOM   544 C  CG  . LEU A 1 70  ? 0.472   -3.006  4.018   1.00 20.84 ? 70  LEU A CG  1 
ATOM   545 C  CD1 . LEU A 1 70  ? -0.410  -3.814  4.970   1.00 21.15 ? 70  LEU A CD1 1 
ATOM   546 C  CD2 . LEU A 1 70  ? 0.331   -1.516  4.325   1.00 21.53 ? 70  LEU A CD2 1 
ATOM   547 N  N   . LEU A 1 71  ? 2.675   -4.497  1.434   1.00 18.18 ? 71  LEU A N   1 
ATOM   548 C  CA  . LEU A 1 71  ? 2.344   -4.754  0.037   1.00 20.22 ? 71  LEU A CA  1 
ATOM   549 C  C   . LEU A 1 71  ? 2.662   -6.191  -0.356  1.00 20.62 ? 71  LEU A C   1 
ATOM   550 O  O   . LEU A 1 71  ? 1.874   -6.819  -1.079  1.00 22.14 ? 71  LEU A O   1 
ATOM   551 C  CB  . LEU A 1 71  ? 3.011   -3.730  -0.866  1.00 20.04 ? 71  LEU A CB  1 
ATOM   552 C  CG  . LEU A 1 71  ? 2.534   -2.280  -0.663  1.00 20.26 ? 71  LEU A CG  1 
ATOM   553 C  CD1 . LEU A 1 71  ? 3.306   -1.364  -1.633  1.00 23.81 ? 71  LEU A CD1 1 
ATOM   554 C  CD2 . LEU A 1 71  ? 1.007   -2.114  -0.891  1.00 20.69 ? 71  LEU A CD2 1 
ATOM   555 N  N   . PHE A 1 72  ? 3.767   -6.733  0.163   1.00 21.00 ? 72  PHE A N   1 
ATOM   556 C  CA  . PHE A 1 72  ? 4.074   -8.154  -0.117  1.00 22.54 ? 72  PHE A CA  1 
ATOM   557 C  C   . PHE A 1 72  ? 2.997   -9.082  0.423   1.00 23.65 ? 72  PHE A C   1 
ATOM   558 O  O   . PHE A 1 72  ? 2.608   -10.033 -0.248  1.00 26.07 ? 72  PHE A O   1 
ATOM   559 C  CB  . PHE A 1 72  ? 5.383   -8.584  0.529   1.00 23.11 ? 72  PHE A CB  1 
ATOM   560 C  CG  . PHE A 1 72  ? 6.604   -7.870  -0.001  1.00 22.58 ? 72  PHE A CG  1 
ATOM   561 C  CD1 . PHE A 1 72  ? 6.582   -7.179  -1.198  1.00 25.55 ? 72  PHE A CD1 1 
ATOM   562 C  CD2 . PHE A 1 72  ? 7.781   -7.917  0.720   1.00 24.17 ? 72  PHE A CD2 1 
ATOM   563 C  CE1 . PHE A 1 72  ? 7.732   -6.505  -1.673  1.00 27.48 ? 72  PHE A CE1 1 
ATOM   564 C  CE2 . PHE A 1 72  ? 8.916   -7.249  0.268   1.00 23.83 ? 72  PHE A CE2 1 
ATOM   565 C  CZ  . PHE A 1 72  ? 8.904   -6.558  -0.923  1.00 24.23 ? 72  PHE A CZ  1 
ATOM   566 N  N   . ASP A 1 73  ? 2.555   -8.826  1.650   1.00 23.77 ? 73  ASP A N   1 
ATOM   567 C  CA  . ASP A 1 73  ? 1.520   -9.644  2.290   1.00 23.14 ? 73  ASP A CA  1 
ATOM   568 C  C   . ASP A 1 73  ? 0.174   -9.483  1.611   1.00 23.74 ? 73  ASP A C   1 
ATOM   569 O  O   . ASP A 1 73  ? -0.460  -10.469 1.179   1.00 23.65 ? 73  ASP A O   1 
ATOM   570 C  CB  . ASP A 1 73  ? 1.399   -9.389  3.774   1.00 23.03 ? 73  ASP A CB  1 
ATOM   571 C  CG  . ASP A 1 73  ? 0.349   -10.301 4.395   1.00 25.65 ? 73  ASP A CG  1 
ATOM   572 O  OD1 . ASP A 1 73  ? 0.662   -11.500 4.587   1.00 31.80 ? 73  ASP A OD1 1 
ATOM   573 O  OD2 . ASP A 1 73  ? -0.820  -9.887  4.484   1.00 26.26 ? 73  ASP A OD2 1 
ATOM   574 N  N   . TRP A 1 74  ? -0.287  -8.239  1.510   1.00 21.53 ? 74  TRP A N   1 
ATOM   575 C  CA  . TRP A 1 74  ? -1.553  -7.986  0.866   1.00 21.95 ? 74  TRP A CA  1 
ATOM   576 C  C   . TRP A 1 74  ? -1.568  -8.463  -0.611  1.00 22.93 ? 74  TRP A C   1 
ATOM   577 O  O   . TRP A 1 74  ? -2.595  -8.956  -1.137  1.00 23.12 ? 74  TRP A O   1 
ATOM   578 C  CB  . TRP A 1 74  ? -1.867  -6.473  1.000   1.00 21.44 ? 74  TRP A CB  1 
ATOM   579 C  CG  . TRP A 1 74  ? -3.197  -6.040  0.394   1.00 20.66 ? 74  TRP A CG  1 
ATOM   580 C  CD1 . TRP A 1 74  ? -4.424  -6.685  0.503   1.00 21.37 ? 74  TRP A CD1 1 
ATOM   581 C  CD2 . TRP A 1 74  ? -3.432  -4.864  -0.360  1.00 17.98 ? 74  TRP A CD2 1 
ATOM   582 N  NE1 . TRP A 1 74  ? -5.374  -5.979  -0.182  1.00 20.34 ? 74  TRP A NE1 1 
ATOM   583 C  CE2 . TRP A 1 74  ? -4.798  -4.856  -0.724  1.00 21.74 ? 74  TRP A CE2 1 
ATOM   584 C  CE3 . TRP A 1 74  ? -2.600  -3.804  -0.805  1.00 23.40 ? 74  TRP A CE3 1 
ATOM   585 C  CZ2 . TRP A 1 74  ? -5.377  -3.830  -1.496  1.00 22.20 ? 74  TRP A CZ2 1 
ATOM   586 C  CZ3 . TRP A 1 74  ? -3.178  -2.781  -1.619  1.00 21.15 ? 74  TRP A CZ3 1 
ATOM   587 C  CH2 . TRP A 1 74  ? -4.552  -2.794  -1.920  1.00 25.15 ? 74  TRP A CH2 1 
ATOM   588 N  N   . GLY A 1 75  ? -0.433  -8.345  -1.287  1.00 21.95 ? 75  GLY A N   1 
ATOM   589 C  CA  . GLY A 1 75  ? -0.368  -8.714  -2.704  1.00 23.46 ? 75  GLY A CA  1 
ATOM   590 C  C   . GLY A 1 75  ? -0.651  -10.203 -2.938  1.00 24.38 ? 75  GLY A C   1 
ATOM   591 O  O   . GLY A 1 75  ? -0.905  -10.592 -4.063  1.00 24.12 ? 75  GLY A O   1 
ATOM   592 N  N   . THR A 1 76  ? -0.641  -11.005 -1.885  1.00 25.48 ? 76  THR A N   1 
ATOM   593 C  CA  . THR A 1 76  ? -0.948  -12.454 -2.044  1.00 28.36 ? 76  THR A CA  1 
ATOM   594 C  C   . THR A 1 76  ? -2.427  -12.679 -2.340  1.00 29.62 ? 76  THR A C   1 
ATOM   595 O  O   . THR A 1 76  ? -2.857  -13.783 -2.733  1.00 31.19 ? 76  THR A O   1 
ATOM   596 C  CB  . THR A 1 76  ? -0.469  -13.298 -0.859  1.00 28.57 ? 76  THR A CB  1 
ATOM   597 O  OG1 . THR A 1 76  ? -1.245  -13.018 0.311   1.00 29.97 ? 76  THR A OG1 1 
ATOM   598 C  CG2 . THR A 1 76  ? 1.024   -13.047 -0.586  1.00 30.92 ? 76  THR A CG2 1 
ATOM   599 N  N   . THR A 1 77  ? -3.219  -11.630 -2.158  1.00 28.72 ? 77  THR A N   1 
ATOM   600 C  CA  . THR A 1 77  ? -4.666  -11.685 -2.454  1.00 30.15 ? 77  THR A CA  1 
ATOM   601 C  C   . THR A 1 77  ? -5.021  -11.270 -3.883  1.00 30.97 ? 77  THR A C   1 
ATOM   602 O  O   . THR A 1 77  ? -6.206  -11.116 -4.211  1.00 33.25 ? 77  THR A O   1 
ATOM   603 C  CB  . THR A 1 77  ? -5.493  -10.796 -1.493  1.00 30.49 ? 77  THR A CB  1 
ATOM   604 O  OG1 . THR A 1 77  ? -5.236  -9.418  -1.814  1.00 28.57 ? 77  THR A OG1 1 
ATOM   605 C  CG2 . THR A 1 77  ? -5.179  -11.074 -0.026  1.00 31.06 ? 77  THR A CG2 1 
ATOM   606 N  N   . ASN A 1 78  ? -4.043  -11.022 -4.744  1.00 31.09 ? 78  ASN A N   1 
ATOM   607 C  CA  . ASN A 1 78  ? -4.408  -10.620 -6.106  1.00 32.01 ? 78  ASN A CA  1 
ATOM   608 C  C   . ASN A 1 78  ? -5.147  -9.277  -6.173  1.00 30.75 ? 78  ASN A C   1 
ATOM   609 O  O   . ASN A 1 78  ? -5.932  -9.013  -7.088  1.00 32.21 ? 78  ASN A O   1 
ATOM   610 C  CB  . ASN A 1 78  ? -5.271  -11.699 -6.778  1.00 34.63 ? 78  ASN A CB  1 
ATOM   611 C  CG  . ASN A 1 78  ? -4.467  -12.641 -7.560  1.00 36.26 ? 78  ASN A CG  1 
ATOM   612 O  OD1 . ASN A 1 78  ? -3.317  -12.948 -7.183  1.00 44.20 ? 78  ASN A OD1 1 
ATOM   613 N  ND2 . ASN A 1 78  ? -5.011  -13.104 -8.685  1.00 41.70 ? 78  ASN A ND2 1 
ATOM   614 N  N   . CYS A 1 79  ? -4.910  -8.417  -5.189  1.00 27.67 ? 79  CYS A N   1 
ATOM   615 C  CA  . CYS A 1 79  ? -5.435  -7.059  -5.256  1.00 25.15 ? 79  CYS A CA  1 
ATOM   616 C  C   . CYS A 1 79  ? -4.645  -6.329  -6.333  1.00 23.63 ? 79  CYS A C   1 
ATOM   617 O  O   . CYS A 1 79  ? -3.541  -6.769  -6.715  1.00 24.18 ? 79  CYS A O   1 
ATOM   618 C  CB  . CYS A 1 79  ? -5.208  -6.359  -3.928  1.00 24.32 ? 79  CYS A CB  1 
ATOM   619 S  SG  . CYS A 1 79  ? -3.480  -6.542  -3.446  1.00 25.21 ? 79  CYS A SG  1 
ATOM   620 N  N   . THR A 1 80  ? -5.194  -5.205  -6.785  1.00 22.46 ? 80  THR A N   1 
ATOM   621 C  CA  . THR A 1 80  ? -4.643  -4.518  -7.965  1.00 21.73 ? 80  THR A CA  1 
ATOM   622 C  C   . THR A 1 80  ? -4.116  -3.126  -7.668  1.00 20.94 ? 80  THR A C   1 
ATOM   623 O  O   . THR A 1 80  ? -4.427  -2.537  -6.646  1.00 20.76 ? 80  THR A O   1 
ATOM   624 C  CB  . THR A 1 80  ? -5.705  -4.326  -9.053  1.00 22.47 ? 80  THR A CB  1 
ATOM   625 O  OG1 . THR A 1 80  ? -6.773  -3.480  -8.567  1.00 24.47 ? 80  THR A OG1 1 
ATOM   626 C  CG2 . THR A 1 80  ? -6.259  -5.720  -9.469  1.00 23.35 ? 80  THR A CG2 1 
ATOM   627 N  N   . VAL A 1 81  ? -3.358  -2.571  -8.608  1.00 20.30 ? 81  VAL A N   1 
ATOM   628 C  CA  . VAL A 1 81  ? -2.986  -1.141  -8.539  1.00 21.43 ? 81  VAL A CA  1 
ATOM   629 C  C   . VAL A 1 81  ? -4.231  -0.243  -8.374  1.00 21.21 ? 81  VAL A C   1 
ATOM   630 O  O   . VAL A 1 81  ? -4.209  0.740   -7.614  1.00 19.83 ? 81  VAL A O   1 
ATOM   631 C  CB  . VAL A 1 81  ? -2.131  -0.765  -9.761  1.00 21.02 ? 81  VAL A CB  1 
ATOM   632 C  CG1 . VAL A 1 81  ? -1.918  0.732   -9.847  1.00 24.46 ? 81  VAL A CG1 1 
ATOM   633 C  CG2 . VAL A 1 81  ? -0.784  -1.506  -9.689  1.00 23.58 ? 81  VAL A CG2 1 
ATOM   634 N  N   . GLY A 1 82  ? -5.342  -0.583  -9.052  1.00 21.80 ? 82  GLY A N   1 
ATOM   635 C  CA  . GLY A 1 82  ? -6.589  0.145   -8.869  1.00 22.09 ? 82  GLY A CA  1 
ATOM   636 C  C   . GLY A 1 82  ? -7.061  0.132   -7.427  1.00 21.94 ? 82  GLY A C   1 
ATOM   637 O  O   . GLY A 1 82  ? -7.476  1.178   -6.907  1.00 21.68 ? 82  GLY A O   1 
ATOM   638 N  N   . ASP A 1 83  ? -7.043  -1.047  -6.799  1.00 21.63 ? 83  ASP A N   1 
ATOM   639 C  CA  . ASP A 1 83  ? -7.424  -1.190  -5.373  1.00 20.86 ? 83  ASP A CA  1 
ATOM   640 C  C   . ASP A 1 83  ? -6.541  -0.296  -4.519  1.00 19.84 ? 83  ASP A C   1 
ATOM   641 O  O   . ASP A 1 83  ? -7.031  0.444   -3.670  1.00 20.51 ? 83  ASP A O   1 
ATOM   642 C  CB  . ASP A 1 83  ? -7.247  -2.610  -4.868  1.00 21.67 ? 83  ASP A CB  1 
ATOM   643 C  CG  . ASP A 1 83  ? -8.244  -3.615  -5.489  1.00 22.51 ? 83  ASP A CG  1 
ATOM   644 O  OD1 . ASP A 1 83  ? -9.420  -3.261  -5.786  1.00 26.26 ? 83  ASP A OD1 1 
ATOM   645 O  OD2 . ASP A 1 83  ? -7.814  -4.747  -5.607  1.00 24.45 ? 83  ASP A OD2 1 
ATOM   646 N  N   . LEU A 1 84  ? -5.235  -0.337  -4.804  1.00 19.07 ? 84  LEU A N   1 
ATOM   647 C  CA  . LEU A 1 84  ? -4.278  0.439   -3.969  1.00 19.38 ? 84  LEU A CA  1 
ATOM   648 C  C   . LEU A 1 84  ? -4.510  1.924   -4.156  1.00 19.68 ? 84  LEU A C   1 
ATOM   649 O  O   . LEU A 1 84  ? -4.532  2.688   -3.171  1.00 18.02 ? 84  LEU A O   1 
ATOM   650 C  CB  . LEU A 1 84  ? -2.851  0.060   -4.308  1.00 18.94 ? 84  LEU A CB  1 
ATOM   651 C  CG  . LEU A 1 84  ? -1.730  0.853   -3.623  1.00 19.74 ? 84  LEU A CG  1 
ATOM   652 C  CD1 . LEU A 1 84  ? -1.886  0.918   -2.046  1.00 17.34 ? 84  LEU A CD1 1 
ATOM   653 C  CD2 . LEU A 1 84  ? -0.390  0.266   -4.044  1.00 16.66 ? 84  LEU A CD2 1 
ATOM   654 N  N   . VAL A 1 85  ? -4.654  2.366   -5.401  1.00 18.83 ? 85  VAL A N   1 
ATOM   655 C  CA  . VAL A 1 85  ? -4.971  3.775   -5.636  1.00 20.80 ? 85  VAL A CA  1 
ATOM   656 C  C   . VAL A 1 85  ? -6.277  4.236   -4.948  1.00 20.74 ? 85  VAL A C   1 
ATOM   657 O  O   . VAL A 1 85  ? -6.317  5.297   -4.340  1.00 20.81 ? 85  VAL A O   1 
ATOM   658 C  CB  . VAL A 1 85  ? -4.921  4.130   -7.158  1.00 20.24 ? 85  VAL A CB  1 
ATOM   659 C  CG1 . VAL A 1 85  ? -5.512  5.508   -7.400  1.00 22.14 ? 85  VAL A CG1 1 
ATOM   660 C  CG2 . VAL A 1 85  ? -3.454  3.999   -7.665  1.00 22.87 ? 85  VAL A CG2 1 
ATOM   661 N  N   . ASP A 1 86  ? -7.331  3.412   -4.997  1.00 21.77 ? 86  ASP A N   1 
ATOM   662 C  CA  . ASP A 1 86  ? -8.585  3.736   -4.266  1.00 22.26 ? 86  ASP A CA  1 
ATOM   663 C  C   . ASP A 1 86  ? -8.317  3.958   -2.791  1.00 21.38 ? 86  ASP A C   1 
ATOM   664 O  O   . ASP A 1 86  ? -8.786  4.934   -2.217  1.00 21.39 ? 86  ASP A O   1 
ATOM   665 C  CB  . ASP A 1 86  ? -9.604  2.577   -4.379  1.00 23.35 ? 86  ASP A CB  1 
ATOM   666 C  CG  . ASP A 1 86  ? -10.242 2.465   -5.757  1.00 28.24 ? 86  ASP A CG  1 
ATOM   667 O  OD1 . ASP A 1 86  ? -10.064 3.357   -6.591  1.00 31.02 ? 86  ASP A OD1 1 
ATOM   668 O  OD2 . ASP A 1 86  ? -10.895 1.425   -6.002  1.00 32.76 ? 86  ASP A OD2 1 
ATOM   669 N  N   . LEU A 1 87  ? -7.537  3.065   -2.180  1.00 19.65 ? 87  LEU A N   1 
ATOM   670 C  CA  . LEU A 1 87  ? -7.203  3.174   -0.755  1.00 18.36 ? 87  LEU A CA  1 
ATOM   671 C  C   . LEU A 1 87  ? -6.360  4.434   -0.490  1.00 18.52 ? 87  LEU A C   1 
ATOM   672 O  O   . LEU A 1 87  ? -6.616  5.140   0.472   1.00 19.01 ? 87  LEU A O   1 
ATOM   673 C  CB  . LEU A 1 87  ? -6.440  1.919   -0.309  1.00 19.08 ? 87  LEU A CB  1 
ATOM   674 C  CG  . LEU A 1 87  ? -7.413  0.770   0.018   1.00 17.80 ? 87  LEU A CG  1 
ATOM   675 C  CD1 . LEU A 1 87  ? -6.701  -0.515  -0.196  1.00 18.82 ? 87  LEU A CD1 1 
ATOM   676 C  CD2 . LEU A 1 87  ? -7.876  0.881   1.478   1.00 21.50 ? 87  LEU A CD2 1 
ATOM   677 N  N   . LEU A 1 88  ? -5.369  4.682   -1.343  1.00 18.28 ? 88  LEU A N   1 
ATOM   678 C  CA  . LEU A 1 88  ? -4.485  5.874   -1.145  1.00 18.36 ? 88  LEU A CA  1 
ATOM   679 C  C   . LEU A 1 88  ? -5.300  7.159   -1.244  1.00 19.06 ? 88  LEU A C   1 
ATOM   680 O  O   . LEU A 1 88  ? -5.131  8.054   -0.434  1.00 19.60 ? 88  LEU A O   1 
ATOM   681 C  CB  . LEU A 1 88  ? -3.327  5.833   -2.153  1.00 18.15 ? 88  LEU A CB  1 
ATOM   682 C  CG  . LEU A 1 88  ? -2.334  4.685   -1.925  1.00 17.58 ? 88  LEU A CG  1 
ATOM   683 C  CD1 . LEU A 1 88  ? -1.382  4.645   -3.142  1.00 16.98 ? 88  LEU A CD1 1 
ATOM   684 C  CD2 . LEU A 1 88  ? -1.586  4.894   -0.581  1.00 17.35 ? 88  LEU A CD2 1 
ATOM   685 N  N   . VAL A 1 89  ? -6.197  7.242   -2.222  1.00 19.71 ? 89  VAL A N   1 
ATOM   686 C  CA  . VAL A 1 89  ? -7.087  8.422   -2.321  1.00 20.86 ? 89  VAL A CA  1 
ATOM   687 C  C   . VAL A 1 89  ? -7.972  8.555   -1.079  1.00 20.33 ? 89  VAL A C   1 
ATOM   688 O  O   . VAL A 1 89  ? -8.093  9.642   -0.486  1.00 20.13 ? 89  VAL A O   1 
ATOM   689 C  CB  . VAL A 1 89  ? -7.892  8.362   -3.637  1.00 20.88 ? 89  VAL A CB  1 
ATOM   690 C  CG1 . VAL A 1 89  ? -9.005  9.442   -3.639  1.00 23.96 ? 89  VAL A CG1 1 
ATOM   691 C  CG2 . VAL A 1 89  ? -6.940  8.545   -4.811  1.00 20.43 ? 89  VAL A CG2 1 
ATOM   692 N  N   . GLN A 1 90  ? -8.547  7.442   -0.639  1.00 20.68 ? 90  GLN A N   1 
ATOM   693 C  CA  . GLN A 1 90  ? -9.383  7.399   0.529   1.00 20.45 ? 90  GLN A CA  1 
ATOM   694 C  C   . GLN A 1 90  ? -8.717  7.947   1.786   1.00 20.90 ? 90  GLN A C   1 
ATOM   695 O  O   . GLN A 1 90  ? -9.320  8.752   2.523   1.00 22.80 ? 90  GLN A O   1 
ATOM   696 C  CB  . GLN A 1 90  ? -9.862  5.961   0.758   1.00 20.66 ? 90  GLN A CB  1 
ATOM   697 C  CG  . GLN A 1 90  ? -10.873 5.849   1.884   1.00 23.38 ? 90  GLN A CG  1 
ATOM   698 C  CD  . GLN A 1 90  ? -11.126 4.407   2.197   1.00 23.38 ? 90  GLN A CD  1 
ATOM   699 O  OE1 . GLN A 1 90  ? -11.830 3.703   1.450   1.00 28.96 ? 90  GLN A OE1 1 
ATOM   700 N  NE2 . GLN A 1 90  ? -10.549 3.949   3.277   1.00 20.49 ? 90  GLN A NE2 1 
ATOM   701 N  N   . ILE A 1 91  ? -7.459  7.566   1.993   1.00 19.70 ? 91  ILE A N   1 
ATOM   702 C  CA  . ILE A 1 91  ? -6.681  7.998   3.173   1.00 20.09 ? 91  ILE A CA  1 
ATOM   703 C  C   . ILE A 1 91  ? -5.867  9.285   2.945   1.00 19.89 ? 91  ILE A C   1 
ATOM   704 O  O   . ILE A 1 91  ? -5.098  9.685   3.828   1.00 21.11 ? 91  ILE A O   1 
ATOM   705 C  CB  . ILE A 1 91  ? -5.794  6.884   3.715   1.00 18.92 ? 91  ILE A CB  1 
ATOM   706 C  CG1 . ILE A 1 91  ? -4.708  6.496   2.696   1.00 21.02 ? 91  ILE A CG1 1 
ATOM   707 C  CG2 . ILE A 1 91  ? -6.656  5.615   4.088   1.00 21.31 ? 91  ILE A CG2 1 
ATOM   708 C  CD1 . ILE A 1 91  ? -3.748  5.388   3.253   1.00 21.02 ? 91  ILE A CD1 1 
ATOM   709 N  N   . GLU A 1 92  ? -6.101  9.902   1.788   1.00 21.00 ? 92  GLU A N   1 
ATOM   710 C  CA  . GLU A 1 92  ? -5.527  11.178  1.369   1.00 21.63 ? 92  GLU A CA  1 
ATOM   711 C  C   . GLU A 1 92  ? -4.011  11.157  1.242   1.00 21.02 ? 92  GLU A C   1 
ATOM   712 O  O   . GLU A 1 92  ? -3.317  12.197  1.473   1.00 21.55 ? 92  GLU A O   1 
ATOM   713 C  CB  . GLU A 1 92  ? -6.013  12.313  2.300   1.00 23.03 ? 92  GLU A CB  1 
ATOM   714 C  CG  . GLU A 1 92  ? -7.531  12.365  2.300   1.00 25.84 ? 92  GLU A CG  1 
ATOM   715 C  CD  . GLU A 1 92  ? -8.106  13.503  3.114   1.00 35.26 ? 92  GLU A CD  1 
ATOM   716 O  OE1 . GLU A 1 92  ? -7.499  13.915  4.126   1.00 38.74 ? 92  GLU A OE1 1 
ATOM   717 O  OE2 . GLU A 1 92  ? -9.200  13.960  2.727   1.00 38.38 ? 92  GLU A OE2 1 
ATOM   718 N  N   . LEU A 1 93  ? -3.483  9.999   0.862   1.00 19.22 ? 93  LEU A N   1 
ATOM   719 C  CA  . LEU A 1 93  ? -2.068  9.929   0.465   1.00 19.13 ? 93  LEU A CA  1 
ATOM   720 C  C   . LEU A 1 93  ? -2.015  10.074  -1.055  1.00 18.66 ? 93  LEU A C   1 
ATOM   721 O  O   . LEU A 1 93  ? -1.770  9.142   -1.820  1.00 17.85 ? 93  LEU A O   1 
ATOM   722 C  CB  . LEU A 1 93  ? -1.360  8.654   0.939   1.00 19.40 ? 93  LEU A CB  1 
ATOM   723 C  CG  . LEU A 1 93  ? -1.133  8.543   2.445   1.00 20.08 ? 93  LEU A CG  1 
ATOM   724 C  CD1 . LEU A 1 93  ? -0.438  7.218   2.700   1.00 21.34 ? 93  LEU A CD1 1 
ATOM   725 C  CD2 . LEU A 1 93  ? -0.267  9.673   3.009   1.00 23.66 ? 93  LEU A CD2 1 
ATOM   726 N  N   . PHE A 1 94  ? -2.251  11.306  -1.521  1.00 17.91 ? 94  PHE A N   1 
ATOM   727 C  CA  . PHE A 1 94  ? -2.367  11.511  -2.952  1.00 18.33 ? 94  PHE A CA  1 
ATOM   728 C  C   . PHE A 1 94  ? -1.067  11.343  -3.711  1.00 18.57 ? 94  PHE A C   1 
ATOM   729 O  O   . PHE A 1 94  ? -1.104  10.970  -4.882  1.00 18.10 ? 94  PHE A O   1 
ATOM   730 C  CB  . PHE A 1 94  ? -2.928  12.905  -3.215  1.00 18.72 ? 94  PHE A CB  1 
ATOM   731 C  CG  . PHE A 1 94  ? -4.242  13.127  -2.586  1.00 21.63 ? 94  PHE A CG  1 
ATOM   732 C  CD1 . PHE A 1 94  ? -5.351  12.392  -2.990  1.00 25.04 ? 94  PHE A CD1 1 
ATOM   733 C  CD2 . PHE A 1 94  ? -4.369  14.007  -1.502  1.00 23.39 ? 94  PHE A CD2 1 
ATOM   734 C  CE1 . PHE A 1 94  ? -6.608  12.596  -2.383  1.00 26.01 ? 94  PHE A CE1 1 
ATOM   735 C  CE2 . PHE A 1 94  ? -5.616  14.201  -0.885  1.00 25.75 ? 94  PHE A CE2 1 
ATOM   736 C  CZ  . PHE A 1 94  ? -6.729  13.472  -1.343  1.00 23.21 ? 94  PHE A CZ  1 
ATOM   737 N  N   . ALA A 1 95  ? 0.065   11.636  -3.085  1.00 17.43 ? 95  ALA A N   1 
ATOM   738 C  CA  . ALA A 1 95  ? 1.332   11.548  -3.824  1.00 17.79 ? 95  ALA A CA  1 
ATOM   739 C  C   . ALA A 1 95  ? 1.602   10.128  -4.383  1.00 16.50 ? 95  ALA A C   1 
ATOM   740 O  O   . ALA A 1 95  ? 1.902   9.991   -5.562  1.00 18.05 ? 95  ALA A O   1 
ATOM   741 C  CB  . ALA A 1 95  ? 2.514   12.043  -2.973  1.00 17.79 ? 95  ALA A CB  1 
ATOM   742 N  N   . PRO A 1 96  ? 1.550   9.053   -3.553  1.00 16.41 ? 96  PRO A N   1 
ATOM   743 C  CA  . PRO A 1 96  ? 1.794   7.729   -4.160  1.00 15.99 ? 96  PRO A CA  1 
ATOM   744 C  C   . PRO A 1 96  ? 0.693   7.298   -5.103  1.00 16.11 ? 96  PRO A C   1 
ATOM   745 O  O   . PRO A 1 96  ? 0.927   6.522   -5.976  1.00 18.17 ? 96  PRO A O   1 
ATOM   746 C  CB  . PRO A 1 96  ? 1.810   6.741   -2.953  1.00 16.50 ? 96  PRO A CB  1 
ATOM   747 C  CG  . PRO A 1 96  ? 1.077   7.533   -1.776  1.00 15.49 ? 96  PRO A CG  1 
ATOM   748 C  CD  . PRO A 1 96  ? 1.375   9.017   -2.080  1.00 16.84 ? 96  PRO A CD  1 
ATOM   749 N  N   . ALA A 1 97  ? -0.503  7.851   -4.918  1.00 17.74 ? 97  ALA A N   1 
ATOM   750 C  CA  . ALA A 1 97  ? -1.579  7.603   -5.895  1.00 17.34 ? 97  ALA A CA  1 
ATOM   751 C  C   . ALA A 1 97  ? -1.181  8.154   -7.275  1.00 18.23 ? 97  ALA A C   1 
ATOM   752 O  O   . ALA A 1 97  ? -1.268  7.440   -8.290  1.00 18.32 ? 97  ALA A O   1 
ATOM   753 C  CB  . ALA A 1 97  ? -2.869  8.223   -5.395  1.00 17.26 ? 97  ALA A CB  1 
ATOM   754 N  N   . THR A 1 98  ? -0.723  9.404   -7.297  1.00 17.29 ? 98  THR A N   1 
ATOM   755 C  CA  . THR A 1 98  ? -0.244  10.037  -8.561  1.00 17.98 ? 98  THR A CA  1 
ATOM   756 C  C   . THR A 1 98  ? 0.961   9.297   -9.128  1.00 18.95 ? 98  THR A C   1 
ATOM   757 O  O   . THR A 1 98  ? 1.117   9.170   -10.345 1.00 19.22 ? 98  THR A O   1 
ATOM   758 C  CB  . THR A 1 98  ? 0.052   11.520  -8.288  1.00 18.34 ? 98  THR A CB  1 
ATOM   759 O  OG1 . THR A 1 98  ? -1.191  12.157  -7.957  1.00 19.57 ? 98  THR A OG1 1 
ATOM   760 C  CG2 . THR A 1 98  ? 0.756   12.209  -9.476  1.00 18.76 ? 98  THR A CG2 1 
ATOM   761 N  N   . LEU A 1 99  ? 1.816   8.732   -8.258  1.00 17.77 ? 99  LEU A N   1 
ATOM   762 C  CA  . LEU A 1 99  ? 2.932   7.913   -8.746  1.00 18.36 ? 99  LEU A CA  1 
ATOM   763 C  C   . LEU A 1 99  ? 2.461   6.761   -9.660  1.00 19.29 ? 99  LEU A C   1 
ATOM   764 O  O   . LEU A 1 99  ? 3.035   6.512   -10.690 1.00 20.50 ? 99  LEU A O   1 
ATOM   765 C  CB  . LEU A 1 99  ? 3.719   7.322   -7.558  1.00 17.76 ? 99  LEU A CB  1 
ATOM   766 C  CG  . LEU A 1 99  ? 4.932   6.522   -8.011  1.00 19.38 ? 99  LEU A CG  1 
ATOM   767 C  CD1 . LEU A 1 99  ? 6.026   7.445   -8.543  1.00 21.80 ? 99  LEU A CD1 1 
ATOM   768 C  CD2 . LEU A 1 99  ? 5.442   5.685   -6.798  1.00 21.75 ? 99  LEU A CD2 1 
ATOM   769 N  N   . LEU A 1 100 ? 1.380   6.097   -9.238  1.00 19.93 ? 100 LEU A N   1 
ATOM   770 C  CA  . LEU A 1 100 ? 0.869   4.910   -9.893  1.00 20.82 ? 100 LEU A CA  1 
ATOM   771 C  C   . LEU A 1 100 ? -0.100  5.173   -11.020 1.00 22.38 ? 100 LEU A C   1 
ATOM   772 O  O   . LEU A 1 100 ? 0.139   4.640   -12.136 1.00 23.10 ? 100 LEU A O   1 
ATOM   773 C  CB  . LEU A 1 100 ? 0.180   4.026   -8.846  1.00 20.17 ? 100 LEU A CB  1 
ATOM   774 C  CG  . LEU A 1 100 ? 1.071   3.580   -7.699  1.00 19.47 ? 100 LEU A CG  1 
ATOM   775 C  CD1 . LEU A 1 100 ? 0.172   2.878   -6.664  1.00 22.66 ? 100 LEU A CD1 1 
ATOM   776 C  CD2 . LEU A 1 100 ? 2.164   2.654   -8.244  1.00 24.69 ? 100 LEU A CD2 1 
ATOM   777 N  N   . LEU A 1 101 ? -1.155  5.955   -10.741 1.00 21.71 ? 101 LEU A N   1 
ATOM   778 C  CA  . LEU A 1 101 ? -2.247  6.239   -11.694 1.00 23.57 ? 101 LEU A CA  1 
ATOM   779 C  C   . LEU A 1 101 ? -2.634  7.706   -11.697 1.00 23.10 ? 101 LEU A C   1 
ATOM   780 O  O   . LEU A 1 101 ? -3.628  8.106   -11.130 1.00 24.42 ? 101 LEU A O   1 
ATOM   781 C  CB  . LEU A 1 101 ? -3.481  5.338   -11.419 1.00 22.96 ? 101 LEU A CB  1 
ATOM   782 C  CG  . LEU A 1 101 ? -3.297  3.824   -11.596 1.00 25.62 ? 101 LEU A CG  1 
ATOM   783 C  CD1 . LEU A 1 101 ? -4.617  3.175   -11.252 1.00 25.78 ? 101 LEU A CD1 1 
ATOM   784 C  CD2 . LEU A 1 101 ? -2.888  3.398   -13.012 1.00 25.74 ? 101 LEU A CD2 1 
ATOM   785 N  N   . PRO A 1 102 ? -1.801  8.553   -12.333 1.00 24.81 ? 102 PRO A N   1 
ATOM   786 C  CA  . PRO A 1 102 ? -2.050  9.989   -12.216 1.00 26.05 ? 102 PRO A CA  1 
ATOM   787 C  C   . PRO A 1 102 ? -3.465  10.432  -12.642 1.00 28.48 ? 102 PRO A C   1 
ATOM   788 O  O   . PRO A 1 102 ? -4.067  11.313  -12.007 1.00 27.21 ? 102 PRO A O   1 
ATOM   789 C  CB  . PRO A 1 102 ? -0.912  10.632  -13.049 1.00 26.39 ? 102 PRO A CB  1 
ATOM   790 C  CG  . PRO A 1 102 ? -0.258  9.562   -13.783 1.00 25.90 ? 102 PRO A CG  1 
ATOM   791 C  CD  . PRO A 1 102 ? -0.647  8.221   -13.173 1.00 24.90 ? 102 PRO A CD  1 
ATOM   792 N  N   . ASP A 1 103 ? -4.023  9.757   -13.651 1.00 31.03 ? 103 ASP A N   1 
ATOM   793 C  CA  . ASP A 1 103 ? -5.404  10.086  -14.090 1.00 33.64 ? 103 ASP A CA  1 
ATOM   794 C  C   . ASP A 1 103 ? -6.509  9.726   -13.098 1.00 34.36 ? 103 ASP A C   1 
ATOM   795 O  O   . ASP A 1 103 ? -7.603  10.300  -13.146 1.00 34.70 ? 103 ASP A O   1 
ATOM   796 C  CB  . ASP A 1 103 ? -5.719  9.419   -15.427 1.00 34.92 ? 103 ASP A CB  1 
ATOM   797 C  CG  . ASP A 1 103 ? -4.753  9.820   -16.520 1.00 38.73 ? 103 ASP A CG  1 
ATOM   798 O  OD1 . ASP A 1 103 ? -4.102  10.879  -16.404 1.00 42.75 ? 103 ASP A OD1 1 
ATOM   799 O  OD2 . ASP A 1 103 ? -4.661  9.070   -17.509 1.00 44.18 ? 103 ASP A OD2 1 
ATOM   800 N  N   . ALA A 1 104 ? -6.220  8.803   -12.185 1.00 34.02 ? 104 ALA A N   1 
ATOM   801 C  CA  . ALA A 1 104 ? -7.188  8.368   -11.181 1.00 34.49 ? 104 ALA A CA  1 
ATOM   802 C  C   . ALA A 1 104 ? -7.288  9.291   -9.974  1.00 34.85 ? 104 ALA A C   1 
ATOM   803 O  O   . ALA A 1 104 ? -8.149  9.100   -9.106  1.00 35.54 ? 104 ALA A O   1 
ATOM   804 C  CB  . ALA A 1 104 ? -6.873  6.941   -10.733 1.00 34.41 ? 104 ALA A CB  1 
ATOM   805 N  N   . VAL A 1 105 ? -6.425  10.304  -9.901  1.00 35.21 ? 105 VAL A N   1 
ATOM   806 C  CA  . VAL A 1 105 ? -6.369  11.142  -8.700  1.00 36.04 ? 105 VAL A CA  1 
ATOM   807 C  C   . VAL A 1 105 ? -7.148  12.446  -8.835  1.00 37.84 ? 105 VAL A C   1 
ATOM   808 O  O   . VAL A 1 105 ? -6.927  13.181  -9.805  1.00 36.33 ? 105 VAL A O   1 
ATOM   809 C  CB  . VAL A 1 105 ? -4.901  11.441  -8.285  1.00 35.28 ? 105 VAL A CB  1 
ATOM   810 C  CG1 . VAL A 1 105 ? -4.846  12.278  -7.023  1.00 36.69 ? 105 VAL A CG1 1 
ATOM   811 C  CG2 . VAL A 1 105 ? -4.176  10.138  -8.082  1.00 33.61 ? 105 VAL A CG2 1 
ATOM   812 N  N   . PRO A 1 106 ? -8.040  12.739  -7.852  1.00 40.46 ? 106 PRO A N   1 
ATOM   813 C  CA  . PRO A 1 106 ? -8.825  13.987  -7.850  1.00 42.19 ? 106 PRO A CA  1 
ATOM   814 C  C   . PRO A 1 106 ? -7.901  15.198  -7.801  1.00 44.15 ? 106 PRO A C   1 
ATOM   815 O  O   . PRO A 1 106 ? -6.962  15.233  -6.990  1.00 44.91 ? 106 PRO A O   1 
ATOM   816 C  CB  . PRO A 1 106 ? -9.636  13.901  -6.544  1.00 42.30 ? 106 PRO A CB  1 
ATOM   817 C  CG  . PRO A 1 106 ? -9.692  12.423  -6.217  1.00 42.26 ? 106 PRO A CG  1 
ATOM   818 C  CD  . PRO A 1 106 ? -8.348  11.902  -6.673  1.00 40.12 ? 106 PRO A CD  1 
ATOM   819 N  N   . GLN A 1 107 ? -8.178  16.183  -8.656  1.00 45.69 ? 107 GLN A N   1 
ATOM   820 C  CA  . GLN A 1 107 ? -7.312  17.345  -8.815  1.00 47.22 ? 107 GLN A CA  1 
ATOM   821 C  C   . GLN A 1 107 ? -8.083  18.651  -8.636  1.00 47.83 ? 107 GLN A C   1 
ATOM   822 O  O   . GLN A 1 107 ? -9.091  18.696  -7.932  1.00 49.21 ? 107 GLN A O   1 
ATOM   823 C  CB  . GLN A 1 107 ? -6.615  17.305  -10.192 1.00 47.45 ? 107 GLN A CB  1 
HETATM 824 MN MN  . MN  B 2 .   ? 12.217  8.313   -4.427  1.00 29.90 ? 114 MN  A MN  1 
HETATM 825 O  O   . HOH C 3 .   ? -11.976 -7.032  0.035   0.50 20.24 ? 115 HOH A O   1 
HETATM 826 O  O   . HOH C 3 .   ? -6.927  -3.816  7.975   1.00 18.62 ? 116 HOH A O   1 
HETATM 827 O  O   . HOH C 3 .   ? -11.038 1.573   4.513   1.00 23.24 ? 117 HOH A O   1 
HETATM 828 O  O   . HOH C 3 .   ? -1.472  -8.732  -6.179  1.00 24.09 ? 118 HOH A O   1 
HETATM 829 O  O   . HOH C 3 .   ? 3.320   9.079   4.345   1.00 23.59 ? 119 HOH A O   1 
HETATM 830 O  O   . HOH C 3 .   ? -6.652  4.621   7.915   1.00 23.28 ? 120 HOH A O   1 
HETATM 831 O  O   . HOH C 3 .   ? -7.568  -7.865  -1.511  1.00 28.32 ? 121 HOH A O   1 
HETATM 832 O  O   . HOH C 3 .   ? 0.795   11.566  -0.026  1.00 29.43 ? 122 HOH A O   1 
HETATM 833 O  O   . HOH C 3 .   ? -8.235  -10.275 2.447   1.00 33.79 ? 123 HOH A O   1 
HETATM 834 O  O   . HOH C 3 .   ? -6.918  -2.457  11.156  1.00 28.27 ? 124 HOH A O   1 
HETATM 835 O  O   . HOH C 3 .   ? -13.780 -3.058  9.198   1.00 30.72 ? 125 HOH A O   1 
HETATM 836 O  O   . HOH C 3 .   ? -3.438  7.054   -14.736 1.00 34.81 ? 126 HOH A O   1 
HETATM 837 O  O   . HOH C 3 .   ? -2.529  12.856  -10.353 1.00 25.54 ? 127 HOH A O   1 
HETATM 838 O  O   . HOH C 3 .   ? 10.901  9.376   2.086   1.00 25.97 ? 128 HOH A O   1 
HETATM 839 O  O   . HOH C 3 .   ? 0.728   9.810   6.584   1.00 34.56 ? 129 HOH A O   1 
HETATM 840 O  O   . HOH C 3 .   ? 6.032   6.233   10.054  1.00 31.11 ? 130 HOH A O   1 
HETATM 841 O  O   . HOH C 3 .   ? -1.339  -1.878  16.171  1.00 35.46 ? 131 HOH A O   1 
HETATM 842 O  O   . HOH C 3 .   ? 8.245   9.961   9.514   1.00 35.38 ? 132 HOH A O   1 
HETATM 843 O  O   . HOH C 3 .   ? -10.408 5.427   5.540   1.00 32.98 ? 133 HOH A O   1 
HETATM 844 O  O   . HOH C 3 .   ? 3.340   10.874  0.521   1.00 29.07 ? 134 HOH A O   1 
HETATM 845 O  O   . HOH C 3 .   ? 14.806  7.737   -5.315  1.00 29.94 ? 135 HOH A O   1 
HETATM 846 O  O   . HOH C 3 .   ? -1.127  14.291  -6.605  1.00 37.46 ? 136 HOH A O   1 
HETATM 847 O  O   . HOH C 3 .   ? 2.630   -10.489 -2.880  1.00 32.53 ? 137 HOH A O   1 
HETATM 848 O  O   . HOH C 3 .   ? -13.881 -11.837 7.831   1.00 29.91 ? 138 HOH A O   1 
HETATM 849 O  O   . HOH C 3 .   ? 0.138   13.482  -0.555  1.00 49.11 ? 139 HOH A O   1 
HETATM 850 O  O   . HOH C 3 .   ? 2.620   -8.199  17.197  1.00 36.45 ? 140 HOH A O   1 
HETATM 851 O  O   . HOH C 3 .   ? -0.238  -7.893  -13.302 1.00 34.09 ? 141 HOH A O   1 
HETATM 852 O  O   . HOH C 3 .   ? -19.030 -5.183  6.770   1.00 33.52 ? 142 HOH A O   1 
HETATM 853 O  O   . HOH C 3 .   ? -4.493  -11.121 7.599   1.00 46.17 ? 143 HOH A O   1 
HETATM 854 O  O   . HOH C 3 .   ? -11.191 2.135   7.387   1.00 30.94 ? 144 HOH A O   1 
HETATM 855 O  O   . HOH C 3 .   ? -15.431 -2.191  6.263   1.00 42.66 ? 145 HOH A O   1 
HETATM 856 O  O   . HOH C 3 .   ? -6.567  -7.670  -12.528 1.00 42.34 ? 146 HOH A O   1 
HETATM 857 O  O   . HOH C 3 .   ? -11.176 6.038   -3.003  1.00 37.99 ? 147 HOH A O   1 
HETATM 858 O  O   . HOH C 3 .   ? 12.847  3.777   -6.297  1.00 30.72 ? 148 HOH A O   1 
HETATM 859 O  O   . HOH C 3 .   ? -12.722 -5.431  11.601  1.00 35.66 ? 149 HOH A O   1 
HETATM 860 O  O   . HOH C 3 .   ? -0.742  2.471   15.908  1.00 61.18 ? 150 HOH A O   1 
HETATM 861 O  O   . HOH C 3 .   ? 8.257   -7.526  12.769  1.00 42.42 ? 151 HOH A O   1 
HETATM 862 O  O   . HOH C 3 .   ? -9.611  -6.860  -5.942  1.00 41.20 ? 152 HOH A O   1 
HETATM 863 O  O   . HOH C 3 .   ? -7.366  -10.722 -11.873 1.00 49.85 ? 153 HOH A O   1 
HETATM 864 O  O   . HOH C 3 .   ? -17.826 -10.528 9.682   1.00 36.22 ? 154 HOH A O   1 
HETATM 865 O  O   . HOH C 3 .   ? -3.211  11.458  5.177   1.00 42.52 ? 155 HOH A O   1 
HETATM 866 O  O   . HOH C 3 .   ? -5.979  9.606   6.210   1.00 48.85 ? 156 HOH A O   1 
HETATM 867 O  O   . HOH C 3 .   ? -10.801 -1.308  -3.748  1.00 32.22 ? 157 HOH A O   1 
HETATM 868 O  O   . HOH C 3 .   ? 12.542  7.564   2.563   1.00 33.66 ? 158 HOH A O   1 
HETATM 869 O  O   . HOH C 3 .   ? -10.009 11.523  -0.851  1.00 35.59 ? 159 HOH A O   1 
HETATM 870 O  O   . HOH C 3 .   ? 4.665   13.133  -0.453  1.00 29.91 ? 160 HOH A O   1 
HETATM 871 O  O   . HOH C 3 .   ? -6.031  5.296   10.528  1.00 35.58 ? 161 HOH A O   1 
HETATM 872 O  O   . HOH C 3 .   ? -12.381 8.240   -1.479  1.00 47.42 ? 162 HOH A O   1 
HETATM 873 O  O   . HOH C 3 .   ? 3.091   -7.964  -3.420  1.00 38.27 ? 163 HOH A O   1 
HETATM 874 O  O   . HOH C 3 .   ? -8.169  -7.149  1.025   1.00 30.36 ? 164 HOH A O   1 
HETATM 875 O  O   . HOH C 3 .   ? -9.399  3.918   7.856   1.00 32.45 ? 165 HOH A O   1 
HETATM 876 O  O   . HOH C 3 .   ? 4.139   10.768  12.630  1.00 51.15 ? 166 HOH A O   1 
HETATM 877 O  O   . HOH C 3 .   ? 14.330  -8.683  7.232   1.00 35.80 ? 167 HOH A O   1 
HETATM 878 O  O   . HOH C 3 .   ? 5.130   -9.891  4.913   1.00 48.87 ? 168 HOH A O   1 
HETATM 879 O  O   . HOH C 3 .   ? 13.427  4.573   -3.793  1.00 33.43 ? 169 HOH A O   1 
HETATM 880 O  O   . HOH C 3 .   ? -8.991  -2.985  -10.221 1.00 34.06 ? 170 HOH A O   1 
HETATM 881 O  O   . HOH C 3 .   ? 1.251   4.878   -14.444 1.00 36.20 ? 171 HOH A O   1 
HETATM 882 O  O   . HOH C 3 .   ? 0.289   -12.023 -13.421 1.00 52.32 ? 172 HOH A O   1 
HETATM 883 O  O   . HOH C 3 .   ? 6.229   11.849  3.195   1.00 57.05 ? 173 HOH A O   1 
HETATM 884 O  O   . HOH C 3 .   ? -12.042 -11.015 10.550  1.00 41.29 ? 174 HOH A O   1 
HETATM 885 O  O   . HOH C 3 .   ? -4.312  -13.729 2.037   1.00 51.76 ? 175 HOH A O   1 
HETATM 886 O  O   . HOH C 3 .   ? 7.497   -8.179  15.802  1.00 46.89 ? 176 HOH A O   1 
HETATM 887 O  O   . HOH C 3 .   ? -8.093  3.551   -8.745  1.00 41.39 ? 177 HOH A O   1 
HETATM 888 O  O   . HOH C 3 .   ? -2.076  -8.392  -14.689 1.00 53.59 ? 178 HOH A O   1 
HETATM 889 O  O   . HOH C 3 .   ? -6.022  5.396   -14.867 1.00 45.52 ? 179 HOH A O   1 
HETATM 890 O  O   . HOH C 3 .   ? -9.129  -5.488  13.673  1.00 39.31 ? 180 HOH A O   1 
HETATM 891 O  O   . HOH C 3 .   ? -17.500 -6.079  8.657   1.00 47.12 ? 181 HOH A O   1 
HETATM 892 O  O   . HOH C 3 .   ? -6.673  7.230   7.524   1.00 42.14 ? 182 HOH A O   1 
HETATM 893 O  O   . HOH C 3 .   ? 2.136   -8.589  10.282  1.00 39.55 ? 183 HOH A O   1 
HETATM 894 O  O   . HOH C 3 .   ? -8.697  -10.126 15.168  1.00 49.45 ? 184 HOH A O   1 
HETATM 895 O  O   . HOH C 3 .   ? -10.303 -8.909  11.060  1.00 41.05 ? 185 HOH A O   1 
HETATM 896 O  O   . HOH C 3 .   ? 8.126   12.952  5.078   1.00 43.52 ? 186 HOH A O   1 
HETATM 897 O  O   . HOH C 3 .   ? 11.976  -9.631  5.994   1.00 36.72 ? 187 HOH A O   1 
HETATM 898 O  O   . HOH C 3 .   ? 0.324   -9.765  8.493   1.00 39.71 ? 188 HOH A O   1 
HETATM 899 O  O   . HOH C 3 .   ? 0.563   15.340  -2.386  1.00 39.89 ? 189 HOH A O   1 
HETATM 900 O  O   . HOH C 3 .   ? -7.624  -5.447  15.724  1.00 38.84 ? 190 HOH A O   1 
HETATM 901 O  O   . HOH C 3 .   ? -9.939  -0.442  -9.702  1.00 46.70 ? 191 HOH A O   1 
HETATM 902 O  O   . HOH C 3 .   ? -5.983  8.021   10.396  1.00 49.35 ? 192 HOH A O   1 
HETATM 903 O  O   . HOH C 3 .   ? 14.468  -7.995  10.181  1.00 44.69 ? 193 HOH A O   1 
HETATM 904 O  O   . HOH C 3 .   ? -5.716  13.448  -12.065 1.00 49.17 ? 194 HOH A O   1 
HETATM 905 O  O   . HOH C 3 .   ? 13.127  1.542   7.807   1.00 39.80 ? 195 HOH A O   1 
HETATM 906 O  O   . HOH C 3 .   ? 2.855   -13.093 3.521   1.00 43.02 ? 196 HOH A O   1 
HETATM 907 O  O   . HOH C 3 .   ? -15.374 0.319   6.000   1.00 46.47 ? 197 HOH A O   1 
HETATM 908 O  O   . HOH C 3 .   ? -1.795  6.813   11.928  1.00 46.90 ? 198 HOH A O   1 
HETATM 909 O  O   . HOH C 3 .   ? -8.970  -8.476  -3.715  1.00 41.01 ? 199 HOH A O   1 
HETATM 910 O  O   . HOH C 3 .   ? 2.473   2.255   18.463  1.00 43.05 ? 200 HOH A O   1 
HETATM 911 O  O   . HOH C 3 .   ? 13.446  1.644   5.204   1.00 55.93 ? 201 HOH A O   1 
HETATM 912 O  O   . HOH C 3 .   ? 11.368  5.858   -8.511  1.00 55.41 ? 202 HOH A O   1 
HETATM 913 O  O   . HOH C 3 .   ? 2.262   -0.738  16.626  1.00 40.39 ? 203 HOH A O   1 
HETATM 914 O  O   . HOH C 3 .   ? -12.239 0.900   9.816   1.00 44.33 ? 204 HOH A O   1 
HETATM 915 O  O   . HOH C 3 .   ? 14.188  -0.288  3.803   1.00 52.38 ? 205 HOH A O   1 
HETATM 916 O  O   . HOH C 3 .   ? 16.694  -3.017  -2.686  1.00 54.78 ? 206 HOH A O   1 
HETATM 917 O  O   . HOH C 3 .   ? -0.655  5.621   15.493  1.00 39.77 ? 207 HOH A O   1 
HETATM 918 O  O   . HOH C 3 .   ? 0.372   0.062   16.365  1.00 42.27 ? 208 HOH A O   1 
HETATM 919 O  O   . HOH C 3 .   ? -7.691  3.391   13.576  1.00 42.46 ? 209 HOH A O   1 
HETATM 920 O  O   . HOH C 3 .   ? -1.395  16.782  -1.671  1.00 55.91 ? 210 HOH A O   1 
HETATM 921 O  O   . HOH C 3 .   ? -10.510 -0.338  11.717  1.00 56.05 ? 211 HOH A O   1 
HETATM 922 O  O   . HOH C 3 .   ? -4.562  3.675   -16.863 1.00 56.09 ? 212 HOH A O   1 
HETATM 923 O  O   . HOH C 3 .   ? 5.696   4.267   11.799  1.00 40.78 ? 213 HOH A O   1 
HETATM 924 O  O   . HOH C 3 .   ? -7.076  -9.009  2.692   1.00 46.91 ? 214 HOH A O   1 
HETATM 925 O  O   . HOH C 3 .   ? 12.045  -5.619  -10.186 1.00 43.41 ? 215 HOH A O   1 
HETATM 926 O  O   . HOH C 3 .   ? -6.300  -5.446  17.450  1.00 45.95 ? 216 HOH A O   1 
HETATM 927 O  O   . HOH C 3 .   ? 13.118  -2.034  -10.561 1.00 38.81 ? 217 HOH A O   1 
HETATM 928 O  O   . HOH C 3 .   ? -1.400  6.481   -16.429 1.00 49.58 ? 218 HOH A O   1 
HETATM 929 O  O   . HOH C 3 .   ? -1.420  -13.332 4.781   1.00 52.10 ? 219 HOH A O   1 
HETATM 930 O  O   . HOH C 3 .   ? 7.583   -9.078  6.812   1.00 38.39 ? 220 HOH A O   1 
HETATM 931 O  O   . HOH C 3 .   ? 19.234  -0.341  10.485  1.00 56.38 ? 221 HOH A O   1 
HETATM 932 O  O   . HOH C 3 .   ? -9.121  10.570  5.072   1.00 49.67 ? 222 HOH A O   1 
HETATM 933 O  O   . HOH C 3 .   ? 13.969  2.563   10.010  1.00 54.32 ? 223 HOH A O   1 
HETATM 934 O  O   . HOH C 3 .   ? 12.340  3.829   14.536  1.00 54.83 ? 224 HOH A O   1 
HETATM 935 O  O   . HOH C 3 .   ? 11.058  1.205   -11.614 1.00 55.66 ? 225 HOH A O   1 
HETATM 936 O  O   . HOH C 3 .   ? -3.553  -12.186 15.966  1.00 51.89 ? 226 HOH A O   1 
HETATM 937 O  O   . HOH C 3 .   ? 10.321  6.831   6.551   1.00 49.08 ? 227 HOH A O   1 
HETATM 938 O  O   . HOH C 3 .   ? -12.775 10.134  -4.758  1.00 49.25 ? 228 HOH A O   1 
HETATM 939 O  O   . HOH C 3 .   ? -11.652 10.037  2.161   1.00 49.80 ? 229 HOH A O   1 
HETATM 940 O  O   . HOH C 3 .   ? 12.882  8.451   -8.800  1.00 50.22 ? 230 HOH A O   1 
HETATM 941 O  O   . HOH C 3 .   ? -10.430 7.320   -12.753 1.00 52.52 ? 231 HOH A O   1 
HETATM 942 O  O   . HOH C 3 .   ? -5.205  -13.909 10.848  1.00 58.27 ? 232 HOH A O   1 
HETATM 943 O  O   . HOH C 3 .   ? -2.201  -15.248 -14.381 1.00 59.15 ? 233 HOH A O   1 
HETATM 944 O  O   . HOH C 3 .   ? 7.118   -9.834  20.520  1.00 56.97 ? 234 HOH A O   1 
HETATM 945 O  O   . HOH C 3 .   ? -11.574 -13.724 15.733  1.00 56.58 ? 235 HOH A O   1 
HETATM 946 O  O   . HOH C 3 .   ? -13.537 17.091  -8.524  1.00 56.56 ? 236 HOH A O   1 
HETATM 947 O  O   . HOH C 3 .   ? 3.291   -12.846 -9.979  1.00 52.63 ? 237 HOH A O   1 
HETATM 948 O  O   . HOH C 3 .   ? 7.353   -5.810  19.109  1.00 56.29 ? 238 HOH A O   1 
HETATM 949 O  O   . HOH C 3 .   ? -3.708  -15.676 -10.126 0.50 40.41 ? 239 HOH A O   1 
HETATM 950 O  O   . HOH C 3 .   ? 2.301   -13.019 -3.922  1.00 43.32 ? 240 HOH A O   1 
HETATM 951 O  O   . HOH C 3 .   ? -9.554  6.461   -7.375  1.00 62.57 ? 241 HOH A O   1 
HETATM 952 O  O   . HOH C 3 .   ? 17.606  5.087   14.242  1.00 52.87 ? 242 HOH A O   1 
HETATM 953 O  O   . HOH C 3 .   ? -4.572  13.754  5.912   1.00 54.08 ? 243 HOH A O   1 
HETATM 954 O  O   . HOH C 3 .   ? -2.543  -16.718 7.649   1.00 55.46 ? 244 HOH A O   1 
HETATM 955 O  O   . HOH C 3 .   ? -8.774  9.772   -17.963 1.00 60.47 ? 245 HOH A O   1 
HETATM 956 O  O   . HOH C 3 .   ? -3.475  15.745  -5.905  1.00 56.25 ? 246 HOH A O   1 
HETATM 957 O  O   . HOH C 3 .   ? -10.383 -6.329  -8.689  1.00 63.58 ? 247 HOH A O   1 
HETATM 958 O  O   . HOH C 3 .   ? -2.532  -18.607 4.104   1.00 57.39 ? 248 HOH A O   1 
HETATM 959 O  O   . HOH C 3 .   ? -13.030 5.587   5.935   1.00 51.73 ? 249 HOH A O   1 
HETATM 960 O  O   . HOH C 3 .   ? -12.705 -0.013  -7.447  1.00 57.96 ? 250 HOH A O   1 
HETATM 961 O  O   . HOH C 3 .   ? -0.296  -13.360 10.285  1.00 50.38 ? 251 HOH A O   1 
HETATM 962 O  O   . HOH C 3 .   ? 0.143   -4.208  -16.040 1.00 52.61 ? 252 HOH A O   1 
HETATM 963 O  O   . HOH C 3 .   ? -11.641 16.095  -4.745  1.00 53.82 ? 253 HOH A O   1 
HETATM 964 O  O   . HOH C 3 .   ? 1.333   -11.212 16.363  1.00 58.53 ? 254 HOH A O   1 
HETATM 965 O  O   . HOH C 3 .   ? -14.817 -13.239 11.450  1.00 56.43 ? 255 HOH A O   1 
HETATM 966 O  O   . HOH C 3 .   ? -12.996 15.062  0.542   1.00 60.34 ? 256 HOH A O   1 
HETATM 967 O  O   . HOH C 3 .   ? -5.331  3.102   14.043  1.00 50.80 ? 257 HOH A O   1 
HETATM 968 O  O   . HOH C 3 .   ? -1.667  11.299  -18.147 1.00 53.69 ? 258 HOH A O   1 
HETATM 969 O  O   . HOH C 3 .   ? -2.501  -2.720  -21.159 1.00 63.18 ? 259 HOH A O   1 
# 
